data_6ICH
# 
_entry.id   6ICH 
# 
_audit_conform.dict_name       mmcif_pdbx.dic 
_audit_conform.dict_version    5.380 
_audit_conform.dict_location   http://mmcif.pdb.org/dictionaries/ascii/mmcif_pdbx.dic 
# 
loop_
_database_2.database_id 
_database_2.database_code 
_database_2.pdbx_database_accession 
_database_2.pdbx_DOI 
PDB   6ICH         pdb_00006ich 10.2210/pdb6ich/pdb 
WWPDB D_1300008911 ?            ?                   
# 
_pdbx_database_status.status_code                     REL 
_pdbx_database_status.status_code_sf                  REL 
_pdbx_database_status.status_code_mr                  ? 
_pdbx_database_status.entry_id                        6ICH 
_pdbx_database_status.recvd_initial_deposition_date   2018-09-06 
_pdbx_database_status.SG_entry                        N 
_pdbx_database_status.deposit_site                    PDBJ 
_pdbx_database_status.process_site                    PDBJ 
_pdbx_database_status.status_code_cs                  ? 
_pdbx_database_status.methods_development_category    ? 
_pdbx_database_status.pdb_format_compatible           Y 
_pdbx_database_status.status_code_nmr_data            ? 
# 
loop_
_audit_author.name 
_audit_author.pdbx_ordinal 
_audit_author.identifier_ORCID 
'Hosoe, Y.'  1 ?                   
'Numoto, N.' 2 ?                   
'Inaba, S.'  3 ?                   
'Ogawa, S.'  4 ?                   
'Morii, H.'  5 ?                   
'Abe, R.'    6 ?                   
'Ito, N.'    7 ?                   
'Oda, M.'    8 0000-0002-8568-4223 
# 
_citation.abstract                  ? 
_citation.abstract_id_CAS           ? 
_citation.book_id_ISBN              ? 
_citation.book_publisher            ? 
_citation.book_publisher_city       ? 
_citation.book_title                ? 
_citation.coordinate_linkage        ? 
_citation.country                   JP 
_citation.database_id_Medline       ? 
_citation.details                   ? 
_citation.id                        primary 
_citation.journal_abbrev            'Biophys Physicobio.' 
_citation.journal_id_ASTM           ? 
_citation.journal_id_CSD            ? 
_citation.journal_id_ISSN           2189-4779 
_citation.journal_full              ? 
_citation.journal_issue             ? 
_citation.journal_volume            16 
_citation.language                  ? 
_citation.page_first                80 
_citation.page_last                 88 
_citation.title                     'Structural and functional properties of Grb2 SH2 dimer in CD28 binding.' 
_citation.year                      2019 
_citation.database_id_CSD           ? 
_citation.pdbx_database_id_DOI      10.2142/biophysico.16.0_80 
_citation.pdbx_database_id_PubMed   30923665 
_citation.unpublished_flag          ? 
# 
loop_
_citation_author.citation_id 
_citation_author.name 
_citation_author.ordinal 
_citation_author.identifier_ORCID 
primary 'Hosoe, Y.'  1 ? 
primary 'Numoto, N.' 2 ? 
primary 'Inaba, S.'  3 ? 
primary 'Ogawa, S.'  4 ? 
primary 'Morii, H.'  5 ? 
primary 'Abe, R.'    6 ? 
primary 'Ito, N.'    7 ? 
primary 'Oda, M.'    8 ? 
# 
_cell.angle_alpha                  90.000 
_cell.angle_alpha_esd              ? 
_cell.angle_beta                   90.000 
_cell.angle_beta_esd               ? 
_cell.angle_gamma                  90.000 
_cell.angle_gamma_esd              ? 
_cell.entry_id                     6ICH 
_cell.details                      ? 
_cell.formula_units_Z              ? 
_cell.length_a                     80.387 
_cell.length_a_esd                 ? 
_cell.length_b                     80.387 
_cell.length_b_esd                 ? 
_cell.length_c                     73.595 
_cell.length_c_esd                 ? 
_cell.volume                       475576.025 
_cell.volume_esd                   ? 
_cell.Z_PDB                        16 
_cell.reciprocal_angle_alpha       ? 
_cell.reciprocal_angle_beta        ? 
_cell.reciprocal_angle_gamma       ? 
_cell.reciprocal_angle_alpha_esd   ? 
_cell.reciprocal_angle_beta_esd    ? 
_cell.reciprocal_angle_gamma_esd   ? 
_cell.reciprocal_length_a          ? 
_cell.reciprocal_length_b          ? 
_cell.reciprocal_length_c          ? 
_cell.reciprocal_length_a_esd      ? 
_cell.reciprocal_length_b_esd      ? 
_cell.reciprocal_length_c_esd      ? 
_cell.pdbx_unique_axis             ? 
# 
_symmetry.entry_id                         6ICH 
_symmetry.cell_setting                     ? 
_symmetry.Int_Tables_number                97 
_symmetry.space_group_name_Hall            'I 4 2' 
_symmetry.space_group_name_H-M             'I 4 2 2' 
_symmetry.pdbx_full_space_group_name_H-M   ? 
# 
loop_
_entity.id 
_entity.type 
_entity.src_method 
_entity.pdbx_description 
_entity.formula_weight 
_entity.pdbx_number_of_molecules 
_entity.pdbx_ec 
_entity.pdbx_mutation 
_entity.pdbx_fragment 
_entity.details 
1 polymer man 'Growth factor receptor-bound protein 2' 10998.404 1  ? ? ? ? 
2 water   nat water                                    18.015    51 ? ? ? ? 
# 
_entity_name_com.entity_id   1 
_entity_name_com.name        'Adapter protein GRB2,Protein Ash,SH2/SH3 adapter GRB2' 
# 
_entity_poly.entity_id                      1 
_entity_poly.type                           'polypeptide(L)' 
_entity_poly.nstd_linkage                   no 
_entity_poly.nstd_monomer                   no 
_entity_poly.pdbx_seq_one_letter_code       
;GSWFFGKIPRAKAEEMLSKQRHDGAFLIRESESAPGDFSLSVKFGNDVQHFKVLRDGAGKYFLWVVKFNSLNELVDYHRS
TSVSRNQQIFLRDIE
;
_entity_poly.pdbx_seq_one_letter_code_can   
;GSWFFGKIPRAKAEEMLSKQRHDGAFLIRESESAPGDFSLSVKFGNDVQHFKVLRDGAGKYFLWVVKFNSLNELVDYHRS
TSVSRNQQIFLRDIE
;
_entity_poly.pdbx_strand_id                 A 
_entity_poly.pdbx_target_identifier         ? 
# 
loop_
_entity_poly_seq.entity_id 
_entity_poly_seq.num 
_entity_poly_seq.mon_id 
_entity_poly_seq.hetero 
1 1  GLY n 
1 2  SER n 
1 3  TRP n 
1 4  PHE n 
1 5  PHE n 
1 6  GLY n 
1 7  LYS n 
1 8  ILE n 
1 9  PRO n 
1 10 ARG n 
1 11 ALA n 
1 12 LYS n 
1 13 ALA n 
1 14 GLU n 
1 15 GLU n 
1 16 MET n 
1 17 LEU n 
1 18 SER n 
1 19 LYS n 
1 20 GLN n 
1 21 ARG n 
1 22 HIS n 
1 23 ASP n 
1 24 GLY n 
1 25 ALA n 
1 26 PHE n 
1 27 LEU n 
1 28 ILE n 
1 29 ARG n 
1 30 GLU n 
1 31 SER n 
1 32 GLU n 
1 33 SER n 
1 34 ALA n 
1 35 PRO n 
1 36 GLY n 
1 37 ASP n 
1 38 PHE n 
1 39 SER n 
1 40 LEU n 
1 41 SER n 
1 42 VAL n 
1 43 LYS n 
1 44 PHE n 
1 45 GLY n 
1 46 ASN n 
1 47 ASP n 
1 48 VAL n 
1 49 GLN n 
1 50 HIS n 
1 51 PHE n 
1 52 LYS n 
1 53 VAL n 
1 54 LEU n 
1 55 ARG n 
1 56 ASP n 
1 57 GLY n 
1 58 ALA n 
1 59 GLY n 
1 60 LYS n 
1 61 TYR n 
1 62 PHE n 
1 63 LEU n 
1 64 TRP n 
1 65 VAL n 
1 66 VAL n 
1 67 LYS n 
1 68 PHE n 
1 69 ASN n 
1 70 SER n 
1 71 LEU n 
1 72 ASN n 
1 73 GLU n 
1 74 LEU n 
1 75 VAL n 
1 76 ASP n 
1 77 TYR n 
1 78 HIS n 
1 79 ARG n 
1 80 SER n 
1 81 THR n 
1 82 SER n 
1 83 VAL n 
1 84 SER n 
1 85 ARG n 
1 86 ASN n 
1 87 GLN n 
1 88 GLN n 
1 89 ILE n 
1 90 PHE n 
1 91 LEU n 
1 92 ARG n 
1 93 ASP n 
1 94 ILE n 
1 95 GLU n 
# 
_entity_src_gen.entity_id                          1 
_entity_src_gen.pdbx_src_id                        1 
_entity_src_gen.pdbx_alt_source_flag               sample 
_entity_src_gen.pdbx_seq_type                      'Biological sequence' 
_entity_src_gen.pdbx_beg_seq_num                   1 
_entity_src_gen.pdbx_end_seq_num                   95 
_entity_src_gen.gene_src_common_name               Human 
_entity_src_gen.gene_src_genus                     ? 
_entity_src_gen.pdbx_gene_src_gene                 'GRB2, ASH' 
_entity_src_gen.gene_src_species                   ? 
_entity_src_gen.gene_src_strain                    ? 
_entity_src_gen.gene_src_tissue                    ? 
_entity_src_gen.gene_src_tissue_fraction           ? 
_entity_src_gen.gene_src_details                   ? 
_entity_src_gen.pdbx_gene_src_fragment             ? 
_entity_src_gen.pdbx_gene_src_scientific_name      'Homo sapiens' 
_entity_src_gen.pdbx_gene_src_ncbi_taxonomy_id     9606 
_entity_src_gen.pdbx_gene_src_variant              ? 
_entity_src_gen.pdbx_gene_src_cell_line            ? 
_entity_src_gen.pdbx_gene_src_atcc                 ? 
_entity_src_gen.pdbx_gene_src_organ                ? 
_entity_src_gen.pdbx_gene_src_organelle            ? 
_entity_src_gen.pdbx_gene_src_cell                 ? 
_entity_src_gen.pdbx_gene_src_cellular_location    ? 
_entity_src_gen.host_org_common_name               ? 
_entity_src_gen.pdbx_host_org_scientific_name      'Escherichia coli BL21(DE3)' 
_entity_src_gen.pdbx_host_org_ncbi_taxonomy_id     469008 
_entity_src_gen.host_org_genus                     ? 
_entity_src_gen.pdbx_host_org_gene                 ? 
_entity_src_gen.pdbx_host_org_organ                ? 
_entity_src_gen.host_org_species                   ? 
_entity_src_gen.pdbx_host_org_tissue               ? 
_entity_src_gen.pdbx_host_org_tissue_fraction      ? 
_entity_src_gen.pdbx_host_org_strain               ? 
_entity_src_gen.pdbx_host_org_variant              ? 
_entity_src_gen.pdbx_host_org_cell_line            ? 
_entity_src_gen.pdbx_host_org_atcc                 ? 
_entity_src_gen.pdbx_host_org_culture_collection   ? 
_entity_src_gen.pdbx_host_org_cell                 ? 
_entity_src_gen.pdbx_host_org_organelle            ? 
_entity_src_gen.pdbx_host_org_cellular_location    ? 
_entity_src_gen.pdbx_host_org_vector_type          ? 
_entity_src_gen.pdbx_host_org_vector               ? 
_entity_src_gen.host_org_details                   ? 
_entity_src_gen.expression_system_id               ? 
_entity_src_gen.plasmid_name                       pGEX-4T-1 
_entity_src_gen.plasmid_details                    ? 
_entity_src_gen.pdbx_description                   ? 
# 
_struct_ref.id                         1 
_struct_ref.db_name                    UNP 
_struct_ref.db_code                    GRB2_HUMAN 
_struct_ref.pdbx_db_accession          P62993 
_struct_ref.pdbx_db_isoform            ? 
_struct_ref.entity_id                  1 
_struct_ref.pdbx_seq_one_letter_code   
;WFFGKIPRAKAEEMLSKQRHDGAFLIRESESAPGDFSLSVKFGNDVQHFKVLRDGAGKYFLWVVKFNSLNELVDYHRSTS
VSRNQQIFLRDIE
;
_struct_ref.pdbx_align_begin           60 
# 
_struct_ref_seq.align_id                      1 
_struct_ref_seq.ref_id                        1 
_struct_ref_seq.pdbx_PDB_id_code              6ICH 
_struct_ref_seq.pdbx_strand_id                A 
_struct_ref_seq.seq_align_beg                 3 
_struct_ref_seq.pdbx_seq_align_beg_ins_code   ? 
_struct_ref_seq.seq_align_end                 95 
_struct_ref_seq.pdbx_seq_align_end_ins_code   ? 
_struct_ref_seq.pdbx_db_accession             P62993 
_struct_ref_seq.db_align_beg                  60 
_struct_ref_seq.pdbx_db_align_beg_ins_code    ? 
_struct_ref_seq.db_align_end                  152 
_struct_ref_seq.pdbx_db_align_end_ins_code    ? 
_struct_ref_seq.pdbx_auth_seq_align_beg       60 
_struct_ref_seq.pdbx_auth_seq_align_end       152 
# 
loop_
_struct_ref_seq_dif.align_id 
_struct_ref_seq_dif.pdbx_pdb_id_code 
_struct_ref_seq_dif.mon_id 
_struct_ref_seq_dif.pdbx_pdb_strand_id 
_struct_ref_seq_dif.seq_num 
_struct_ref_seq_dif.pdbx_pdb_ins_code 
_struct_ref_seq_dif.pdbx_seq_db_name 
_struct_ref_seq_dif.pdbx_seq_db_accession_code 
_struct_ref_seq_dif.db_mon_id 
_struct_ref_seq_dif.pdbx_seq_db_seq_num 
_struct_ref_seq_dif.details 
_struct_ref_seq_dif.pdbx_auth_seq_num 
_struct_ref_seq_dif.pdbx_ordinal 
1 6ICH GLY A 1 ? UNP P62993 ? ? 'expression tag' 58 1 
1 6ICH SER A 2 ? UNP P62993 ? ? 'expression tag' 59 2 
# 
loop_
_chem_comp.id 
_chem_comp.type 
_chem_comp.mon_nstd_flag 
_chem_comp.name 
_chem_comp.pdbx_synonyms 
_chem_comp.formula 
_chem_comp.formula_weight 
ALA 'L-peptide linking' y ALANINE         ? 'C3 H7 N O2'     89.093  
ARG 'L-peptide linking' y ARGININE        ? 'C6 H15 N4 O2 1' 175.209 
ASN 'L-peptide linking' y ASPARAGINE      ? 'C4 H8 N2 O3'    132.118 
ASP 'L-peptide linking' y 'ASPARTIC ACID' ? 'C4 H7 N O4'     133.103 
GLN 'L-peptide linking' y GLUTAMINE       ? 'C5 H10 N2 O3'   146.144 
GLU 'L-peptide linking' y 'GLUTAMIC ACID' ? 'C5 H9 N O4'     147.129 
GLY 'peptide linking'   y GLYCINE         ? 'C2 H5 N O2'     75.067  
HIS 'L-peptide linking' y HISTIDINE       ? 'C6 H10 N3 O2 1' 156.162 
HOH non-polymer         . WATER           ? 'H2 O'           18.015  
ILE 'L-peptide linking' y ISOLEUCINE      ? 'C6 H13 N O2'    131.173 
LEU 'L-peptide linking' y LEUCINE         ? 'C6 H13 N O2'    131.173 
LYS 'L-peptide linking' y LYSINE          ? 'C6 H15 N2 O2 1' 147.195 
MET 'L-peptide linking' y METHIONINE      ? 'C5 H11 N O2 S'  149.211 
PHE 'L-peptide linking' y PHENYLALANINE   ? 'C9 H11 N O2'    165.189 
PRO 'L-peptide linking' y PROLINE         ? 'C5 H9 N O2'     115.130 
SER 'L-peptide linking' y SERINE          ? 'C3 H7 N O3'     105.093 
THR 'L-peptide linking' y THREONINE       ? 'C4 H9 N O3'     119.119 
TRP 'L-peptide linking' y TRYPTOPHAN      ? 'C11 H12 N2 O2'  204.225 
TYR 'L-peptide linking' y TYROSINE        ? 'C9 H11 N O3'    181.189 
VAL 'L-peptide linking' y VALINE          ? 'C5 H11 N O2'    117.146 
# 
_exptl.absorpt_coefficient_mu     ? 
_exptl.absorpt_correction_T_max   ? 
_exptl.absorpt_correction_T_min   ? 
_exptl.absorpt_correction_type    ? 
_exptl.absorpt_process_details    ? 
_exptl.entry_id                   6ICH 
_exptl.crystals_number            1 
_exptl.details                    ? 
_exptl.method                     'X-RAY DIFFRACTION' 
_exptl.method_details             ? 
# 
_exptl_crystal.colour                      ? 
_exptl_crystal.density_diffrn              ? 
_exptl_crystal.density_Matthews            2.74 
_exptl_crystal.density_method              ? 
_exptl_crystal.density_percent_sol         55.08 
_exptl_crystal.description                 ? 
_exptl_crystal.F_000                       ? 
_exptl_crystal.id                          1 
_exptl_crystal.preparation                 ? 
_exptl_crystal.size_max                    ? 
_exptl_crystal.size_mid                    ? 
_exptl_crystal.size_min                    ? 
_exptl_crystal.size_rad                    ? 
_exptl_crystal.colour_lustre               ? 
_exptl_crystal.colour_modifier             ? 
_exptl_crystal.colour_primary              ? 
_exptl_crystal.density_meas                ? 
_exptl_crystal.density_meas_esd            ? 
_exptl_crystal.density_meas_gt             ? 
_exptl_crystal.density_meas_lt             ? 
_exptl_crystal.density_meas_temp           ? 
_exptl_crystal.density_meas_temp_esd       ? 
_exptl_crystal.density_meas_temp_gt        ? 
_exptl_crystal.density_meas_temp_lt        ? 
_exptl_crystal.pdbx_crystal_image_url      ? 
_exptl_crystal.pdbx_crystal_image_format   ? 
_exptl_crystal.pdbx_mosaicity              ? 
_exptl_crystal.pdbx_mosaicity_esd          ? 
# 
_exptl_crystal_grow.apparatus       ? 
_exptl_crystal_grow.atmosphere      ? 
_exptl_crystal_grow.crystal_id      1 
_exptl_crystal_grow.details         ? 
_exptl_crystal_grow.method          'VAPOR DIFFUSION, HANGING DROP' 
_exptl_crystal_grow.method_ref      ? 
_exptl_crystal_grow.pH              6.5 
_exptl_crystal_grow.pressure        ? 
_exptl_crystal_grow.pressure_esd    ? 
_exptl_crystal_grow.seeding         ? 
_exptl_crystal_grow.seeding_ref     ? 
_exptl_crystal_grow.temp            293 
_exptl_crystal_grow.temp_details    ? 
_exptl_crystal_grow.temp_esd        ? 
_exptl_crystal_grow.time            ? 
_exptl_crystal_grow.pdbx_details    '0.1 M MES monohydrate (pH 6.5), 12% PEG 20,000' 
_exptl_crystal_grow.pdbx_pH_range   ? 
# 
_diffrn.ambient_environment              ? 
_diffrn.ambient_temp                     90 
_diffrn.ambient_temp_details             ? 
_diffrn.ambient_temp_esd                 ? 
_diffrn.crystal_id                       1 
_diffrn.crystal_support                  ? 
_diffrn.crystal_treatment                ? 
_diffrn.details                          ? 
_diffrn.id                               1 
_diffrn.ambient_pressure                 ? 
_diffrn.ambient_pressure_esd             ? 
_diffrn.ambient_pressure_gt              ? 
_diffrn.ambient_pressure_lt              ? 
_diffrn.ambient_temp_gt                  ? 
_diffrn.ambient_temp_lt                  ? 
_diffrn.pdbx_serial_crystal_experiment   ? 
# 
_diffrn_detector.details                      ? 
_diffrn_detector.detector                     CCD 
_diffrn_detector.diffrn_id                    1 
_diffrn_detector.type                         'ADSC QUANTUM 315' 
_diffrn_detector.area_resol_mean              ? 
_diffrn_detector.dtime                        ? 
_diffrn_detector.pdbx_frames_total            ? 
_diffrn_detector.pdbx_collection_time_total   ? 
_diffrn_detector.pdbx_collection_date         2016-05-16 
_diffrn_detector.pdbx_frequency               ? 
# 
_diffrn_radiation.collimation                      ? 
_diffrn_radiation.diffrn_id                        1 
_diffrn_radiation.filter_edge                      ? 
_diffrn_radiation.inhomogeneity                    ? 
_diffrn_radiation.monochromator                    ? 
_diffrn_radiation.polarisn_norm                    ? 
_diffrn_radiation.polarisn_ratio                   ? 
_diffrn_radiation.probe                            ? 
_diffrn_radiation.type                             ? 
_diffrn_radiation.xray_symbol                      ? 
_diffrn_radiation.wavelength_id                    1 
_diffrn_radiation.pdbx_monochromatic_or_laue_m_l   M 
_diffrn_radiation.pdbx_wavelength_list             ? 
_diffrn_radiation.pdbx_wavelength                  ? 
_diffrn_radiation.pdbx_diffrn_protocol             'SINGLE WAVELENGTH' 
_diffrn_radiation.pdbx_analyzer                    ? 
_diffrn_radiation.pdbx_scattering_type             x-ray 
# 
_diffrn_radiation_wavelength.id           1 
_diffrn_radiation_wavelength.wavelength   1.0000 
_diffrn_radiation_wavelength.wt           1.0 
# 
_diffrn_source.current                     ? 
_diffrn_source.details                     ? 
_diffrn_source.diffrn_id                   1 
_diffrn_source.power                       ? 
_diffrn_source.size                        ? 
_diffrn_source.source                      SYNCHROTRON 
_diffrn_source.target                      ? 
_diffrn_source.type                        'PHOTON FACTORY BEAMLINE BL-5A' 
_diffrn_source.voltage                     ? 
_diffrn_source.take-off_angle              ? 
_diffrn_source.pdbx_wavelength_list        1.0000 
_diffrn_source.pdbx_wavelength             ? 
_diffrn_source.pdbx_synchrotron_beamline   BL-5A 
_diffrn_source.pdbx_synchrotron_site       'Photon Factory' 
# 
_reflns.B_iso_Wilson_estimate            37.24 
_reflns.entry_id                         6ICH 
_reflns.data_reduction_details           ? 
_reflns.data_reduction_method            ? 
_reflns.d_resolution_high                2.00 
_reflns.d_resolution_low                 50 
_reflns.details                          ? 
_reflns.limit_h_max                      ? 
_reflns.limit_h_min                      ? 
_reflns.limit_k_max                      ? 
_reflns.limit_k_min                      ? 
_reflns.limit_l_max                      ? 
_reflns.limit_l_min                      ? 
_reflns.number_all                       ? 
_reflns.number_obs                       8418 
_reflns.observed_criterion               ? 
_reflns.observed_criterion_F_max         ? 
_reflns.observed_criterion_F_min         ? 
_reflns.observed_criterion_I_max         ? 
_reflns.observed_criterion_I_min         ? 
_reflns.observed_criterion_sigma_F       ? 
_reflns.observed_criterion_sigma_I       ? 
_reflns.percent_possible_obs             99.9 
_reflns.R_free_details                   ? 
_reflns.Rmerge_F_all                     ? 
_reflns.Rmerge_F_obs                     ? 
_reflns.Friedel_coverage                 ? 
_reflns.number_gt                        ? 
_reflns.threshold_expression             ? 
_reflns.pdbx_redundancy                  14.1 
_reflns.pdbx_Rmerge_I_obs                ? 
_reflns.pdbx_Rmerge_I_all                ? 
_reflns.pdbx_Rsym_value                  0.058 
_reflns.pdbx_netI_over_av_sigmaI         ? 
_reflns.pdbx_netI_over_sigmaI            30.4 
_reflns.pdbx_res_netI_over_av_sigmaI_2   ? 
_reflns.pdbx_res_netI_over_sigmaI_2      ? 
_reflns.pdbx_chi_squared                 ? 
_reflns.pdbx_scaling_rejects             ? 
_reflns.pdbx_d_res_high_opt              ? 
_reflns.pdbx_d_res_low_opt               ? 
_reflns.pdbx_d_res_opt_method            ? 
_reflns.phase_calculation_details        ? 
_reflns.pdbx_Rrim_I_all                  ? 
_reflns.pdbx_Rpim_I_all                  ? 
_reflns.pdbx_d_opt                       ? 
_reflns.pdbx_number_measured_all         ? 
_reflns.pdbx_diffrn_id                   1 
_reflns.pdbx_ordinal                     1 
_reflns.pdbx_CC_half                     1.0 
_reflns.pdbx_R_split                     ? 
# 
_reflns_shell.d_res_high                  2.00 
_reflns_shell.d_res_low                   2.12 
_reflns_shell.meanI_over_sigI_all         ? 
_reflns_shell.meanI_over_sigI_obs         4.0 
_reflns_shell.number_measured_all         ? 
_reflns_shell.number_measured_obs         ? 
_reflns_shell.number_possible             ? 
_reflns_shell.number_unique_all           ? 
_reflns_shell.number_unique_obs           1323 
_reflns_shell.percent_possible_all        99.8 
_reflns_shell.percent_possible_obs        ? 
_reflns_shell.Rmerge_F_all                ? 
_reflns_shell.Rmerge_F_obs                ? 
_reflns_shell.Rmerge_I_all                ? 
_reflns_shell.Rmerge_I_obs                ? 
_reflns_shell.meanI_over_sigI_gt          ? 
_reflns_shell.meanI_over_uI_all           ? 
_reflns_shell.meanI_over_uI_gt            ? 
_reflns_shell.number_measured_gt          ? 
_reflns_shell.number_unique_gt            ? 
_reflns_shell.percent_possible_gt         ? 
_reflns_shell.Rmerge_F_gt                 ? 
_reflns_shell.Rmerge_I_gt                 ? 
_reflns_shell.pdbx_redundancy             14.2 
_reflns_shell.pdbx_Rsym_value             0.845 
_reflns_shell.pdbx_chi_squared            ? 
_reflns_shell.pdbx_netI_over_sigmaI_all   ? 
_reflns_shell.pdbx_netI_over_sigmaI_obs   ? 
_reflns_shell.pdbx_Rrim_I_all             ? 
_reflns_shell.pdbx_Rpim_I_all             ? 
_reflns_shell.pdbx_rejects                ? 
_reflns_shell.pdbx_ordinal                1 
_reflns_shell.pdbx_diffrn_id              1 
_reflns_shell.pdbx_CC_half                0.923 
_reflns_shell.pdbx_R_split                ? 
# 
_refine.aniso_B[1][1]                            ? 
_refine.aniso_B[1][2]                            ? 
_refine.aniso_B[1][3]                            ? 
_refine.aniso_B[2][2]                            ? 
_refine.aniso_B[2][3]                            ? 
_refine.aniso_B[3][3]                            ? 
_refine.B_iso_max                                ? 
_refine.B_iso_mean                               45.64 
_refine.B_iso_min                                ? 
_refine.correlation_coeff_Fo_to_Fc               ? 
_refine.correlation_coeff_Fo_to_Fc_free          ? 
_refine.details                                  ? 
_refine.diff_density_max                         ? 
_refine.diff_density_max_esd                     ? 
_refine.diff_density_min                         ? 
_refine.diff_density_min_esd                     ? 
_refine.diff_density_rms                         ? 
_refine.diff_density_rms_esd                     ? 
_refine.entry_id                                 6ICH 
_refine.pdbx_refine_id                           'X-RAY DIFFRACTION' 
_refine.ls_abs_structure_details                 ? 
_refine.ls_abs_structure_Flack                   ? 
_refine.ls_abs_structure_Flack_esd               ? 
_refine.ls_abs_structure_Rogers                  ? 
_refine.ls_abs_structure_Rogers_esd              ? 
_refine.ls_d_res_high                            2.00 
_refine.ls_d_res_low                             30.89 
_refine.ls_extinction_coef                       ? 
_refine.ls_extinction_coef_esd                   ? 
_refine.ls_extinction_expression                 ? 
_refine.ls_extinction_method                     ? 
_refine.ls_goodness_of_fit_all                   ? 
_refine.ls_goodness_of_fit_all_esd               ? 
_refine.ls_goodness_of_fit_obs                   ? 
_refine.ls_goodness_of_fit_obs_esd               ? 
_refine.ls_hydrogen_treatment                    ? 
_refine.ls_matrix_type                           ? 
_refine.ls_number_constraints                    ? 
_refine.ls_number_parameters                     ? 
_refine.ls_number_reflns_all                     ? 
_refine.ls_number_reflns_obs                     8406 
_refine.ls_number_reflns_R_free                  420 
_refine.ls_number_reflns_R_work                  ? 
_refine.ls_number_restraints                     ? 
_refine.ls_percent_reflns_obs                    99.81 
_refine.ls_percent_reflns_R_free                 5.00 
_refine.ls_R_factor_all                          ? 
_refine.ls_R_factor_obs                          0.2204 
_refine.ls_R_factor_R_free                       0.2419 
_refine.ls_R_factor_R_free_error                 ? 
_refine.ls_R_factor_R_free_error_details         ? 
_refine.ls_R_factor_R_work                       0.2193 
_refine.ls_R_Fsqd_factor_obs                     ? 
_refine.ls_R_I_factor_obs                        ? 
_refine.ls_redundancy_reflns_all                 ? 
_refine.ls_redundancy_reflns_obs                 ? 
_refine.ls_restrained_S_all                      ? 
_refine.ls_restrained_S_obs                      ? 
_refine.ls_shift_over_esd_max                    ? 
_refine.ls_shift_over_esd_mean                   ? 
_refine.ls_structure_factor_coef                 ? 
_refine.ls_weighting_details                     ? 
_refine.ls_weighting_scheme                      ? 
_refine.ls_wR_factor_all                         ? 
_refine.ls_wR_factor_obs                         ? 
_refine.ls_wR_factor_R_free                      ? 
_refine.ls_wR_factor_R_work                      ? 
_refine.occupancy_max                            ? 
_refine.occupancy_min                            ? 
_refine.solvent_model_details                    ? 
_refine.solvent_model_param_bsol                 ? 
_refine.solvent_model_param_ksol                 ? 
_refine.ls_R_factor_gt                           ? 
_refine.ls_goodness_of_fit_gt                    ? 
_refine.ls_goodness_of_fit_ref                   ? 
_refine.ls_shift_over_su_max                     ? 
_refine.ls_shift_over_su_max_lt                  ? 
_refine.ls_shift_over_su_mean                    ? 
_refine.ls_shift_over_su_mean_lt                 ? 
_refine.pdbx_ls_sigma_I                          ? 
_refine.pdbx_ls_sigma_F                          1.35 
_refine.pdbx_ls_sigma_Fsqd                       ? 
_refine.pdbx_data_cutoff_high_absF               ? 
_refine.pdbx_data_cutoff_high_rms_absF           ? 
_refine.pdbx_data_cutoff_low_absF                ? 
_refine.pdbx_isotropic_thermal_model             ? 
_refine.pdbx_ls_cross_valid_method               'FREE R-VALUE' 
_refine.pdbx_method_to_determine_struct          'MOLECULAR REPLACEMENT' 
_refine.pdbx_starting_model                      3WA4 
_refine.pdbx_stereochemistry_target_values       ? 
_refine.pdbx_R_Free_selection_details            'Random selection' 
_refine.pdbx_stereochem_target_val_spec_case     ? 
_refine.pdbx_overall_ESU_R                       ? 
_refine.pdbx_overall_ESU_R_Free                  ? 
_refine.pdbx_solvent_vdw_probe_radii             1.1100 
_refine.pdbx_solvent_ion_probe_radii             ? 
_refine.pdbx_solvent_shrinkage_radii             0.9000 
_refine.pdbx_real_space_R                        ? 
_refine.pdbx_density_correlation                 ? 
_refine.pdbx_pd_number_of_powder_patterns        ? 
_refine.pdbx_pd_number_of_points                 ? 
_refine.pdbx_pd_meas_number_of_points            ? 
_refine.pdbx_pd_proc_ls_prof_R_factor            ? 
_refine.pdbx_pd_proc_ls_prof_wR_factor           ? 
_refine.pdbx_pd_Marquardt_correlation_coeff      ? 
_refine.pdbx_pd_Fsqrd_R_factor                   ? 
_refine.pdbx_pd_ls_matrix_band_width             ? 
_refine.pdbx_overall_phase_error                 32.5939 
_refine.pdbx_overall_SU_R_free_Cruickshank_DPI   ? 
_refine.pdbx_overall_SU_R_free_Blow_DPI          ? 
_refine.pdbx_overall_SU_R_Blow_DPI               ? 
_refine.pdbx_TLS_residual_ADP_flag               ? 
_refine.pdbx_diffrn_id                           1 
_refine.overall_SU_B                             ? 
_refine.overall_SU_ML                            0.2285 
_refine.overall_SU_R_Cruickshank_DPI             ? 
_refine.overall_SU_R_free                        ? 
_refine.overall_FOM_free_R_set                   ? 
_refine.overall_FOM_work_R_set                   ? 
_refine.pdbx_average_fsc_overall                 ? 
_refine.pdbx_average_fsc_work                    ? 
_refine.pdbx_average_fsc_free                    ? 
# 
_refine_hist.pdbx_refine_id                   'X-RAY DIFFRACTION' 
_refine_hist.cycle_id                         LAST 
_refine_hist.pdbx_number_atoms_protein        768 
_refine_hist.pdbx_number_atoms_nucleic_acid   0 
_refine_hist.pdbx_number_atoms_ligand         0 
_refine_hist.number_atoms_solvent             51 
_refine_hist.number_atoms_total               819 
_refine_hist.d_res_high                       2.00 
_refine_hist.d_res_low                        30.89 
# 
loop_
_refine_ls_restr.pdbx_refine_id 
_refine_ls_restr.criterion 
_refine_ls_restr.dev_ideal 
_refine_ls_restr.dev_ideal_target 
_refine_ls_restr.number 
_refine_ls_restr.rejects 
_refine_ls_restr.type 
_refine_ls_restr.weight 
_refine_ls_restr.pdbx_restraint_function 
'X-RAY DIFFRACTION' ? 0.0041  ? 787  ? f_bond_d           ? ? 
'X-RAY DIFFRACTION' ? 0.6829  ? 1056 ? f_angle_d          ? ? 
'X-RAY DIFFRACTION' ? 0.0475  ? 107  ? f_chiral_restr     ? ? 
'X-RAY DIFFRACTION' ? 0.0029  ? 137  ? f_plane_restr      ? ? 
'X-RAY DIFFRACTION' ? 21.0458 ? 463  ? f_dihedral_angle_d ? ? 
# 
loop_
_refine_ls_shell.pdbx_refine_id 
_refine_ls_shell.d_res_high 
_refine_ls_shell.d_res_low 
_refine_ls_shell.number_reflns_all 
_refine_ls_shell.number_reflns_obs 
_refine_ls_shell.number_reflns_R_free 
_refine_ls_shell.number_reflns_R_work 
_refine_ls_shell.percent_reflns_obs 
_refine_ls_shell.percent_reflns_R_free 
_refine_ls_shell.R_factor_all 
_refine_ls_shell.R_factor_obs 
_refine_ls_shell.R_factor_R_free 
_refine_ls_shell.R_factor_R_free_error 
_refine_ls_shell.R_factor_R_work 
_refine_ls_shell.redundancy_reflns_all 
_refine_ls_shell.redundancy_reflns_obs 
_refine_ls_shell.wR_factor_all 
_refine_ls_shell.wR_factor_obs 
_refine_ls_shell.wR_factor_R_free 
_refine_ls_shell.wR_factor_R_work 
_refine_ls_shell.pdbx_total_number_of_bins_used 
_refine_ls_shell.pdbx_phase_error 
_refine_ls_shell.pdbx_fsc_work 
_refine_ls_shell.pdbx_fsc_free 
'X-RAY DIFFRACTION' 2.00 2.29  . . 137 2596 99.74 . . . 0.3036 . 0.2490 . . . . . . . . . . 
'X-RAY DIFFRACTION' 2.29 2.89  . . 137 2624 99.78 . . . 0.3058 . 0.2564 . . . . . . . . . . 
'X-RAY DIFFRACTION' 2.89 30.89 . . 146 2766 99.93 . . . 0.2140 . 0.2037 . . . . . . . . . . 
# 
_struct.entry_id                     6ICH 
_struct.title                        'Grb2 SH2 domain in domain swapped dimer form' 
_struct.pdbx_model_details           ? 
_struct.pdbx_formula_weight          ? 
_struct.pdbx_formula_weight_method   ? 
_struct.pdbx_model_type_details      ? 
_struct.pdbx_CASP_flag               N 
# 
_struct_keywords.entry_id        6ICH 
_struct_keywords.text            'Src homology 2 domain, phosphorylated tyrosine, Adapter protein, SIGNALING PROTEIN' 
_struct_keywords.pdbx_keywords   'SIGNALING PROTEIN' 
# 
loop_
_struct_asym.id 
_struct_asym.pdbx_blank_PDB_chainid_flag 
_struct_asym.pdbx_modified 
_struct_asym.entity_id 
_struct_asym.details 
A N N 1 ? 
B N N 2 ? 
# 
loop_
_struct_conf.conf_type_id 
_struct_conf.id 
_struct_conf.pdbx_PDB_helix_id 
_struct_conf.beg_label_comp_id 
_struct_conf.beg_label_asym_id 
_struct_conf.beg_label_seq_id 
_struct_conf.pdbx_beg_PDB_ins_code 
_struct_conf.end_label_comp_id 
_struct_conf.end_label_asym_id 
_struct_conf.end_label_seq_id 
_struct_conf.pdbx_end_PDB_ins_code 
_struct_conf.beg_auth_comp_id 
_struct_conf.beg_auth_asym_id 
_struct_conf.beg_auth_seq_id 
_struct_conf.end_auth_comp_id 
_struct_conf.end_auth_asym_id 
_struct_conf.end_auth_seq_id 
_struct_conf.pdbx_PDB_helix_class 
_struct_conf.details 
_struct_conf.pdbx_PDB_helix_length 
HELX_P HELX_P1 AA1 PRO A 9  ? LYS A 19 ? PRO A 66  LYS A 76  1 ? 11 
HELX_P HELX_P2 AA2 SER A 70 ? HIS A 78 ? SER A 127 HIS A 135 1 ? 9  
# 
_struct_conf_type.id          HELX_P 
_struct_conf_type.criteria    ? 
_struct_conf_type.reference   ? 
# 
_struct_sheet.id               AA1 
_struct_sheet.type             ? 
_struct_sheet.number_strands   4 
_struct_sheet.details          ? 
# 
loop_
_struct_sheet_order.sheet_id 
_struct_sheet_order.range_id_1 
_struct_sheet_order.range_id_2 
_struct_sheet_order.offset 
_struct_sheet_order.sense 
AA1 1 2 ? anti-parallel 
AA1 2 3 ? anti-parallel 
AA1 3 4 ? anti-parallel 
# 
loop_
_struct_sheet_range.sheet_id 
_struct_sheet_range.id 
_struct_sheet_range.beg_label_comp_id 
_struct_sheet_range.beg_label_asym_id 
_struct_sheet_range.beg_label_seq_id 
_struct_sheet_range.pdbx_beg_PDB_ins_code 
_struct_sheet_range.end_label_comp_id 
_struct_sheet_range.end_label_asym_id 
_struct_sheet_range.end_label_seq_id 
_struct_sheet_range.pdbx_end_PDB_ins_code 
_struct_sheet_range.beg_auth_comp_id 
_struct_sheet_range.beg_auth_asym_id 
_struct_sheet_range.beg_auth_seq_id 
_struct_sheet_range.end_auth_comp_id 
_struct_sheet_range.end_auth_asym_id 
_struct_sheet_range.end_auth_seq_id 
AA1 1 PHE A 26 ? GLU A 30 ? PHE A 83  GLU A 87  
AA1 2 PHE A 38 ? PHE A 44 ? PHE A 95  PHE A 101 
AA1 3 ASP A 47 ? ARG A 55 ? ASP A 104 ARG A 112 
AA1 4 TYR A 61 ? PHE A 62 ? TYR A 118 PHE A 119 
# 
loop_
_pdbx_struct_sheet_hbond.sheet_id 
_pdbx_struct_sheet_hbond.range_id_1 
_pdbx_struct_sheet_hbond.range_id_2 
_pdbx_struct_sheet_hbond.range_1_label_atom_id 
_pdbx_struct_sheet_hbond.range_1_label_comp_id 
_pdbx_struct_sheet_hbond.range_1_label_asym_id 
_pdbx_struct_sheet_hbond.range_1_label_seq_id 
_pdbx_struct_sheet_hbond.range_1_PDB_ins_code 
_pdbx_struct_sheet_hbond.range_1_auth_atom_id 
_pdbx_struct_sheet_hbond.range_1_auth_comp_id 
_pdbx_struct_sheet_hbond.range_1_auth_asym_id 
_pdbx_struct_sheet_hbond.range_1_auth_seq_id 
_pdbx_struct_sheet_hbond.range_2_label_atom_id 
_pdbx_struct_sheet_hbond.range_2_label_comp_id 
_pdbx_struct_sheet_hbond.range_2_label_asym_id 
_pdbx_struct_sheet_hbond.range_2_label_seq_id 
_pdbx_struct_sheet_hbond.range_2_PDB_ins_code 
_pdbx_struct_sheet_hbond.range_2_auth_atom_id 
_pdbx_struct_sheet_hbond.range_2_auth_comp_id 
_pdbx_struct_sheet_hbond.range_2_auth_asym_id 
_pdbx_struct_sheet_hbond.range_2_auth_seq_id 
AA1 1 2 N ARG A 29 ? N ARG A 86  O SER A 39 ? O SER A 96  
AA1 2 3 N LEU A 40 ? N LEU A 97  O PHE A 51 ? O PHE A 108 
AA1 3 4 N LEU A 54 ? N LEU A 111 O PHE A 62 ? O PHE A 119 
# 
_atom_sites.entry_id                    6ICH 
_atom_sites.fract_transf_matrix[1][1]   -0.01205243 
_atom_sites.fract_transf_matrix[1][2]   0.00297208 
_atom_sites.fract_transf_matrix[1][3]   -0.00081200 
_atom_sites.fract_transf_matrix[2][1]   0.00127315 
_atom_sites.fract_transf_matrix[2][2]   0.00778985 
_atom_sites.fract_transf_matrix[2][3]   0.00961514 
_atom_sites.fract_transf_matrix[3][1]   0.00306457 
_atom_sites.fract_transf_matrix[3][2]   0.01008448 
_atom_sites.fract_transf_matrix[3][3]   -0.00857587 
_atom_sites.fract_transf_vector[1]      0.400561 
_atom_sites.fract_transf_vector[2]      0.145021 
_atom_sites.fract_transf_vector[3]      0.075347 
# 
loop_
_atom_type.symbol 
_atom_type.scat_dispersion_real 
_atom_type.scat_dispersion_imag 
_atom_type.scat_Cromer_Mann_a1 
_atom_type.scat_Cromer_Mann_a2 
_atom_type.scat_Cromer_Mann_b1 
_atom_type.scat_Cromer_Mann_b2 
_atom_type.scat_Cromer_Mann_c 
_atom_type.scat_source 
_atom_type.scat_dispersion_source 
C ? ? 3.54356 2.42580 25.62398 1.50364  0.0 
;2-Gaussian fit: Grosse-Kunstleve RW, Sauter NK, Adams PD: Newsletter of the IUCr Commission on Crystallographic Computing 2004, 3, 22-31.
;
? 
N ? ? 4.01032 2.96436 19.97189 1.75589  0.0 
;2-Gaussian fit: Grosse-Kunstleve RW, Sauter NK, Adams PD: Newsletter of the IUCr Commission on Crystallographic Computing 2004, 3, 22-31.
;
? 
O ? ? 4.49882 3.47563 15.80542 1.70748  0.0 
;2-Gaussian fit: Grosse-Kunstleve RW, Sauter NK, Adams PD: Newsletter of the IUCr Commission on Crystallographic Computing 2004, 3, 22-31.
;
? 
S ? ? 9.55732 6.39887 1.23737  29.19336 0.0 
;2-Gaussian fit: Grosse-Kunstleve RW, Sauter NK, Adams PD: Newsletter of the IUCr Commission on Crystallographic Computing 2004, 3, 22-31.
;
? 
# 
loop_
_atom_site.group_PDB 
_atom_site.id 
_atom_site.type_symbol 
_atom_site.label_atom_id 
_atom_site.label_alt_id 
_atom_site.label_comp_id 
_atom_site.label_asym_id 
_atom_site.label_entity_id 
_atom_site.label_seq_id 
_atom_site.pdbx_PDB_ins_code 
_atom_site.Cartn_x 
_atom_site.Cartn_y 
_atom_site.Cartn_z 
_atom_site.occupancy 
_atom_site.B_iso_or_equiv 
_atom_site.pdbx_formal_charge 
_atom_site.auth_seq_id 
_atom_site.auth_comp_id 
_atom_site.auth_asym_id 
_atom_site.auth_atom_id 
_atom_site.pdbx_PDB_model_num 
ATOM   1   N N   . TRP A 1 3  ? 14.23964  -8.26956  2.18701   1.000 39.83753  ? 60  TRP A N   1 
ATOM   2   C CA  . TRP A 1 3  ? 13.72078  -7.10685  1.48969   1.000 36.26189  ? 60  TRP A CA  1 
ATOM   3   C C   . TRP A 1 3  ? 13.93238  -5.82273  2.28309   1.000 40.72225  ? 60  TRP A C   1 
ATOM   4   O O   . TRP A 1 3  ? 13.51881  -4.75710  1.82772   1.000 37.70506  ? 60  TRP A O   1 
ATOM   5   C CB  . TRP A 1 3  ? 12.23058  -7.28092  1.17078   1.000 37.80638  ? 60  TRP A CB  1 
ATOM   6   C CG  . TRP A 1 3  ? 11.41490  -7.97852  2.22174   1.000 40.95260  ? 60  TRP A CG  1 
ATOM   7   C CD1 . TRP A 1 3  ? 10.89521  -9.23718  2.14199   1.000 39.03518  ? 60  TRP A CD1 1 
ATOM   8   C CD2 . TRP A 1 3  ? 10.97771  -7.44495  3.47883   1.000 41.94120  ? 60  TRP A CD2 1 
ATOM   9   N NE1 . TRP A 1 3  ? 10.18145  -9.52846  3.27463   1.000 44.79798  ? 60  TRP A NE1 1 
ATOM   10  C CE2 . TRP A 1 3  ? 10.21465  -8.44512  4.11200   1.000 37.99697  ? 60  TRP A CE2 1 
ATOM   11  C CE3 . TRP A 1 3  ? 11.16527  -6.22050  4.13486   1.000 41.28558  ? 60  TRP A CE3 1 
ATOM   12  C CZ2 . TRP A 1 3  ? 9.64079   -8.26418  5.37142   1.000 41.45181  ? 60  TRP A CZ2 1 
ATOM   13  C CZ3 . TRP A 1 3  ? 10.59050  -6.04085  5.38768   1.000 36.58175  ? 60  TRP A CZ3 1 
ATOM   14  C CH2 . TRP A 1 3  ? 9.83783   -7.05725  5.99122   1.000 37.99147  ? 60  TRP A CH2 1 
ATOM   15  N N   . PHE A 1 4  ? 14.57885  -5.89007  3.44104   1.000 37.72436  ? 61  PHE A N   1 
ATOM   16  C CA  . PHE A 1 4  ? 14.76999  -4.72221  4.29641   1.000 37.02803  ? 61  PHE A CA  1 
ATOM   17  C C   . PHE A 1 4  ? 16.19322  -4.19906  4.14470   1.000 38.50222  ? 61  PHE A C   1 
ATOM   18  O O   . PHE A 1 4  ? 17.15145  -4.92147  4.43619   1.000 40.70478  ? 61  PHE A O   1 
ATOM   19  C CB  . PHE A 1 4  ? 14.48605  -5.07347  5.75453   1.000 37.43211  ? 61  PHE A CB  1 
ATOM   20  C CG  . PHE A 1 4  ? 14.56464  -3.90077  6.68945   1.000 40.64793  ? 61  PHE A CG  1 
ATOM   21  C CD1 . PHE A 1 4  ? 13.44221  -3.12385  6.93575   1.000 36.99234  ? 61  PHE A CD1 1 
ATOM   22  C CD2 . PHE A 1 4  ? 15.75194  -3.58220  7.32988   1.000 40.10666  ? 61  PHE A CD2 1 
ATOM   23  C CE1 . PHE A 1 4  ? 13.50764  -2.04834  7.80237   1.000 38.78607  ? 61  PHE A CE1 1 
ATOM   24  C CE2 . PHE A 1 4  ? 15.82122  -2.50714  8.19894   1.000 38.70668  ? 61  PHE A CE2 1 
ATOM   25  C CZ  . PHE A 1 4  ? 14.70189  -1.74206  8.43243   1.000 36.07935  ? 61  PHE A CZ  1 
ATOM   26  N N   . PHE A 1 5  ? 16.32813  -2.94024  3.71637   1.000 32.48022  ? 62  PHE A N   1 
ATOM   27  C CA  . PHE A 1 5  ? 17.63140  -2.36040  3.40784   1.000 34.67277  ? 62  PHE A CA  1 
ATOM   28  C C   . PHE A 1 5  ? 18.02538  -1.21653  4.33599   1.000 41.23530  ? 62  PHE A C   1 
ATOM   29  O O   . PHE A 1 5  ? 18.96981  -0.48104  4.02521   1.000 40.56634  ? 62  PHE A O   1 
ATOM   30  C CB  . PHE A 1 5  ? 17.66813  -1.88943  1.95144   1.000 36.64201  ? 62  PHE A CB  1 
ATOM   31  C CG  . PHE A 1 5  ? 17.82600  -3.01051  0.95892   1.000 39.15522  ? 62  PHE A CG  1 
ATOM   32  C CD1 . PHE A 1 5  ? 16.77281  -3.86491  0.68697   1.000 40.12769  ? 62  PHE A CD1 1 
ATOM   33  C CD2 . PHE A 1 5  ? 19.02943  -3.21110  0.30224   1.000 42.89016  ? 62  PHE A CD2 1 
ATOM   34  C CE1 . PHE A 1 5  ? 16.90986  -4.89580  -0.21802  1.000 41.99991  ? 62  PHE A CE1 1 
ATOM   35  C CE2 . PHE A 1 5  ? 19.17342  -4.23971  -0.60552  1.000 50.13977  ? 62  PHE A CE2 1 
ATOM   36  C CZ  . PHE A 1 5  ? 18.11249  -5.08468  -0.86597  1.000 42.71823  ? 62  PHE A CZ  1 
ATOM   37  N N   . GLY A 1 6  ? 17.35487  -1.06280  5.47500   1.000 41.54038  ? 63  GLY A N   1 
ATOM   38  C CA  . GLY A 1 6  ? 17.78452  -0.05537  6.43134   1.000 34.23897  ? 63  GLY A CA  1 
ATOM   39  C C   . GLY A 1 6  ? 17.66514  1.33369   5.84189   1.000 35.08397  ? 63  GLY A C   1 
ATOM   40  O O   . GLY A 1 6  ? 16.78826  1.61351   5.02100   1.000 38.32540  ? 63  GLY A O   1 
ATOM   41  N N   . LYS A 1 7  ? 18.57575  2.21304   6.23800   1.000 36.12714  ? 64  LYS A N   1 
ATOM   42  C CA  . LYS A 1 7  ? 18.53705  3.60706   5.80204   1.000 39.60389  ? 64  LYS A CA  1 
ATOM   43  C C   . LYS A 1 7  ? 19.43204  3.82236   4.58145   1.000 36.55391  ? 64  LYS A C   1 
ATOM   44  O O   . LYS A 1 7  ? 20.41983  4.54796   4.63261   1.000 55.76736  ? 64  LYS A O   1 
ATOM   45  C CB  . LYS A 1 7  ? 18.94205  4.52573   6.95258   1.000 37.56692  ? 64  LYS A CB  1 
ATOM   46  C CG  . LYS A 1 7  ? 18.48032  5.96956   6.78846   1.000 48.96607  ? 64  LYS A CG  1 
ATOM   47  C CD  . LYS A 1 7  ? 18.80067  6.81445   8.02163   1.000 54.08038  ? 64  LYS A CD  1 
ATOM   48  C CE  . LYS A 1 7  ? 18.12826  8.18128   7.94519   1.000 53.27158  ? 64  LYS A CE  1 
ATOM   49  N NZ  . LYS A 1 7  ? 17.65467  8.65229   9.28365   1.000 51.49439  ? 64  LYS A NZ  1 
ATOM   50  N N   . ILE A 1 8  ? 19.08917  3.17863   3.46904   1.000 45.36391  ? 65  ILE A N   1 
ATOM   51  C CA  . ILE A 1 8  ? 19.83268  3.41144   2.23233   1.000 46.96849  ? 65  ILE A CA  1 
ATOM   52  C C   . ILE A 1 8  ? 19.23847  4.62816   1.53357   1.000 47.97886  ? 65  ILE A C   1 
ATOM   53  O O   . ILE A 1 8  ? 18.01941  4.83610   1.59121   1.000 44.18566  ? 65  ILE A O   1 
ATOM   54  C CB  . ILE A 1 8  ? 19.81793  2.19256   1.29920   1.000 46.14060  ? 65  ILE A CB  1 
ATOM   55  C CG1 . ILE A 1 8  ? 18.37986  1.78733   0.95366   1.000 39.88772  ? 65  ILE A CG1 1 
ATOM   56  C CG2 . ILE A 1 8  ? 20.64966  1.06116   1.89480   1.000 55.95181  ? 65  ILE A CG2 1 
ATOM   57  C CD1 . ILE A 1 8  ? 18.27141  1.05238   -0.35653  1.000 54.49352  ? 65  ILE A CD1 1 
ATOM   58  N N   . PRO A 1 9  ? 20.05242  5.44487   0.86763   1.000 51.00181  ? 66  PRO A N   1 
ATOM   59  C CA  . PRO A 1 9  ? 19.51862  6.64143   0.20954   1.000 49.04347  ? 66  PRO A CA  1 
ATOM   60  C C   . PRO A 1 9  ? 18.47866  6.27725   -0.83910  1.000 49.74181  ? 66  PRO A C   1 
ATOM   61  O O   . PRO A 1 9  ? 18.58148  5.24978   -1.51463  1.000 52.02220  ? 66  PRO A O   1 
ATOM   62  C CB  . PRO A 1 9  ? 20.75919  7.27910   -0.42735  1.000 51.59846  ? 66  PRO A CB  1 
ATOM   63  C CG  . PRO A 1 9  ? 21.91501  6.72873   0.34937   1.000 62.23980  ? 66  PRO A CG  1 
ATOM   64  C CD  . PRO A 1 9  ? 21.51342  5.33311   0.71167   1.000 56.31346  ? 66  PRO A CD  1 
ATOM   65  N N   . ARG A 1 10 ? 17.46060  7.13547   -0.95583  1.000 53.43122  ? 67  ARG A N   1 
ATOM   66  C CA  . ARG A 1 10 ? 16.38993  6.90812   -1.92108  1.000 43.01085  ? 67  ARG A CA  1 
ATOM   67  C C   . ARG A 1 10 ? 16.94827  6.64839   -3.31514  1.000 53.14316  ? 67  ARG A C   1 
ATOM   68  O O   . ARG A 1 10 ? 16.49977  5.73128   -4.01354  1.000 53.13938  ? 67  ARG A O   1 
ATOM   69  C CB  . ARG A 1 10 ? 15.44259  8.10845   -1.92713  1.000 54.77391  ? 67  ARG A CB  1 
ATOM   70  C CG  . ARG A 1 10 ? 14.27228  7.99298   -2.88832  1.000 53.98759  ? 67  ARG A CG  1 
ATOM   71  C CD  . ARG A 1 10 ? 13.14173  8.93908   -2.49985  1.000 62.88340  ? 67  ARG A CD  1 
ATOM   72  N NE  . ARG A 1 10 ? 12.82903  8.85271   -1.07009  1.000 82.18181  ? 67  ARG A NE  1 
ATOM   73  C CZ  . ARG A 1 10 ? 11.61821  9.02596   -0.54167  1.000 70.43577  ? 67  ARG A CZ  1 
ATOM   74  N NH1 . ARG A 1 10 ? 11.44581  8.92831   0.77127   1.000 64.93181  ? 67  ARG A NH1 1 
ATOM   75  N NH2 . ARG A 1 10 ? 10.57612  9.28821   -1.31868  1.000 66.99181  ? 67  ARG A NH2 1 
ATOM   76  N N   . ALA A 1 11 ? 17.94167  7.43749   -3.72759  1.000 46.43381  ? 68  ALA A N   1 
ATOM   77  C CA  . ALA A 1 11 ? 18.50080  7.28047   -5.06395  1.000 48.36058  ? 68  ALA A CA  1 
ATOM   78  C C   . ALA A 1 11 ? 19.17048  5.92739   -5.23376  1.000 49.66600  ? 68  ALA A C   1 
ATOM   79  O O   . ALA A 1 11 ? 19.11650  5.34473   -6.32005  1.000 52.48415  ? 68  ALA A O   1 
ATOM   80  C CB  . ALA A 1 11 ? 19.49303  8.40417   -5.35273  1.000 52.87034  ? 68  ALA A CB  1 
ATOM   81  N N   . LYS A 1 12 ? 19.80046  5.40971   -4.17712  1.000 48.79671  ? 69  LYS A N   1 
ATOM   82  C CA  . LYS A 1 12 ? 20.43660  4.10279   -4.27768  1.000 48.60067  ? 69  LYS A CA  1 
ATOM   83  C C   . LYS A 1 12 ? 19.40006  2.99827   -4.41000  1.000 51.49730  ? 69  LYS A C   1 
ATOM   84  O O   . LYS A 1 12 ? 19.62293  2.01234   -5.12214  1.000 50.44894  ? 69  LYS A O   1 
ATOM   85  C CB  . LYS A 1 12 ? 21.32910  3.85532   -3.06459  1.000 53.93699  ? 69  LYS A CB  1 
ATOM   86  C CG  . LYS A 1 12 ? 22.19504  2.61453   -3.17799  1.000 67.09876  ? 69  LYS A CG  1 
ATOM   87  C CD  . LYS A 1 12 ? 23.02214  2.43111   -1.92404  1.000 79.45724  ? 69  LYS A CD  1 
ATOM   88  C CE  . LYS A 1 12 ? 24.08253  1.35811   -2.10337  1.000 91.92962  ? 69  LYS A CE  1 
ATOM   89  N NZ  . LYS A 1 12 ? 24.87564  1.17538   -0.84807  1.000 90.62062  ? 69  LYS A NZ  1 
ATOM   90  N N   . ALA A 1 13 ? 18.26727  3.13945   -3.71714  1.000 41.89568  ? 70  ALA A N   1 
ATOM   91  C CA  . ALA A 1 13 ? 17.15986  2.20804   -3.91046  1.000 43.19181  ? 70  ALA A CA  1 
ATOM   92  C C   . ALA A 1 13 ? 16.66996  2.23054   -5.35039  1.000 46.49911  ? 70  ALA A C   1 
ATOM   93  O O   . ALA A 1 13 ? 16.41596  1.17582   -5.94624  1.000 45.91592  ? 70  ALA A O   1 
ATOM   94  C CB  . ALA A 1 13 ? 16.01938  2.54563   -2.95134  1.000 45.35855  ? 70  ALA A CB  1 
ATOM   95  N N   . GLU A 1 14 ? 16.52666  3.42533   -5.92807  1.000 44.80140  ? 71  GLU A N   1 
ATOM   96  C CA  . GLU A 1 14 ? 16.11503  3.52610   -7.32404  1.000 46.28615  ? 71  GLU A CA  1 
ATOM   97  C C   . GLU A 1 14 ? 17.15146  2.89548   -8.24028  1.000 53.18646  ? 71  GLU A C   1 
ATOM   98  O O   . GLU A 1 14 ? 16.80434  2.26037   -9.24267  1.000 53.56468  ? 71  GLU A O   1 
ATOM   99  C CB  . GLU A 1 14 ? 15.89357  4.98953   -7.70406  1.000 42.05936  ? 71  GLU A CB  1 
ATOM   100 C CG  . GLU A 1 14 ? 14.78132  5.67306   -6.93967  1.000 44.74631  ? 71  GLU A CG  1 
ATOM   101 C CD  . GLU A 1 14 ? 14.70902  7.15241   -7.25401  1.000 54.23181  ? 71  GLU A CD  1 
ATOM   102 O OE1 . GLU A 1 14 ? 15.62193  7.64336   -7.94601  1.000 62.60970  ? 71  GLU A OE1 1 
ATOM   103 O OE2 . GLU A 1 14 ? 13.75070  7.82316   -6.81405  1.000 54.67059  ? 71  GLU A OE2 1 
ATOM   104 N N   . GLU A 1 15 ? 18.42989  3.06463   -7.90617  1.000 51.27312  ? 72  GLU A N   1 
ATOM   105 C CA  . GLU A 1 15 ? 19.50366  2.48425   -8.70245  1.000 54.64185  ? 72  GLU A CA  1 
ATOM   106 C C   . GLU A 1 15 ? 19.39376  0.96358   -8.74582  1.000 54.76389  ? 72  GLU A C   1 
ATOM   107 O O   . GLU A 1 15 ? 19.43384  0.35889   -9.82283  1.000 55.20181  ? 72  GLU A O   1 
ATOM   108 C CB  . GLU A 1 15 ? 20.84906  2.91340   -8.11949  1.000 56.82741  ? 72  GLU A CB  1 
ATOM   109 C CG  . GLU A 1 15 ? 22.04635  2.60634   -8.98279  1.000 62.92374  ? 72  GLU A CG  1 
ATOM   110 C CD  . GLU A 1 15 ? 23.34008  2.81717   -8.23294  1.000 76.30087  ? 72  GLU A CD  1 
ATOM   111 O OE1 . GLU A 1 15 ? 24.01363  1.81440   -7.91338  1.000 83.96236  ? 72  GLU A OE1 1 
ATOM   112 O OE2 . GLU A 1 15 ? 23.66451  3.98766   -7.93687  1.000 83.67483  ? 72  GLU A OE2 1 
ATOM   113 N N   . MET A 1 16 ? 19.25104  0.33533   -7.57880  1.000 48.70827  ? 73  MET A N   1 
ATOM   114 C CA  . MET A 1 16 ? 19.17198  -1.12167  -7.52517  1.000 52.45324  ? 73  MET A CA  1 
ATOM   115 C C   . MET A 1 16 ? 17.93096  -1.62800  -8.23925  1.000 50.47609  ? 73  MET A C   1 
ATOM   116 O O   . MET A 1 16 ? 18.00329  -2.55665  -9.05031  1.000 52.25585  ? 73  MET A O   1 
ATOM   117 C CB  . MET A 1 16 ? 19.17928  -1.59972  -6.07405  1.000 53.69565  ? 73  MET A CB  1 
ATOM   118 C CG  . MET A 1 16 ? 20.43313  -1.24015  -5.30616  1.000 60.44971  ? 73  MET A CG  1 
ATOM   119 S SD  . MET A 1 16 ? 20.40072  -1.86909  -3.61885  1.000 76.52181  ? 73  MET A SD  1 
ATOM   120 C CE  . MET A 1 16 ? 22.01574  -1.35974  -3.03695  1.000 73.04580  ? 73  MET A CE  1 
ATOM   121 N N   . LEU A 1 17 ? 16.77579  -1.01908  -7.95342  1.000 48.92482  ? 74  LEU A N   1 
ATOM   122 C CA  . LEU A 1 17 ? 15.51588  -1.52021  -8.49067  1.000 48.01687  ? 74  LEU A CA  1 
ATOM   123 C C   . LEU A 1 17 ? 15.40125  -1.29849  -9.99161  1.000 52.82179  ? 74  LEU A C   1 
ATOM   124 O O   . LEU A 1 17 ? 14.75188  -2.09071  -10.68309 1.000 50.54082  ? 74  LEU A O   1 
ATOM   125 C CB  . LEU A 1 17 ? 14.33998  -0.85617  -7.77194  1.000 45.97640  ? 74  LEU A CB  1 
ATOM   126 C CG  . LEU A 1 17 ? 14.23155  -1.22296  -6.29471  1.000 43.38956  ? 74  LEU A CG  1 
ATOM   127 C CD1 . LEU A 1 17 ? 13.08063  -0.47216  -5.65992  1.000 44.37639  ? 74  LEU A CD1 1 
ATOM   128 C CD2 . LEU A 1 17 ? 14.04630  -2.72429  -6.16005  1.000 48.39344  ? 74  LEU A CD2 1 
ATOM   129 N N   . SER A 1 18 ? 16.00489  -0.22732  -10.51112 1.000 53.69778  ? 75  SER A N   1 
ATOM   130 C CA  . SER A 1 18 ? 15.91702  0.04224   -11.94309 1.000 58.52527  ? 75  SER A CA  1 
ATOM   131 C C   . SER A 1 18 ? 16.55737  -1.07086  -12.76015 1.000 50.71080  ? 75  SER A C   1 
ATOM   132 O O   . SER A 1 18 ? 16.10839  -1.36241  -13.87344 1.000 60.00963  ? 75  SER A O   1 
ATOM   133 C CB  . SER A 1 18 ? 16.58042  1.38044   -12.26508 1.000 55.24701  ? 75  SER A CB  1 
ATOM   134 O OG  . SER A 1 18 ? 17.96949  1.32787   -11.97946 1.000 55.62136  ? 75  SER A OG  1 
ATOM   135 N N   . LYS A 1 19 ? 17.59452  -1.70427  -12.22647 1.000 49.56727  ? 76  LYS A N   1 
ATOM   136 C CA  . LYS A 1 19 ? 18.25615  -2.79519  -12.92588 1.000 54.87183  ? 76  LYS A CA  1 
ATOM   137 C C   . LYS A 1 19 ? 17.55051  -4.13256  -12.74000 1.000 54.96705  ? 76  LYS A C   1 
ATOM   138 O O   . LYS A 1 19 ? 18.02982  -5.14138  -13.26700 1.000 55.53547  ? 76  LYS A O   1 
ATOM   139 C CB  . LYS A 1 19 ? 19.71141  -2.91571  -12.46201 1.000 57.61240  ? 76  LYS A CB  1 
ATOM   140 C CG  . LYS A 1 19 ? 20.48265  -1.60055  -12.41605 1.000 60.87653  ? 76  LYS A CG  1 
ATOM   141 C CD  . LYS A 1 19 ? 21.97800  -1.85711  -12.24835 1.000 54.49425  ? 76  LYS A CD  1 
ATOM   142 C CE  . LYS A 1 19 ? 22.65844  -0.77159  -11.41953 1.000 60.46065  ? 76  LYS A CE  1 
ATOM   143 N NZ  . LYS A 1 19 ? 22.51480  0.58983   -12.01054 1.000 65.65447  ? 76  LYS A NZ  1 
ATOM   144 N N   . GLN A 1 20 ? 16.44389  -4.17520  -12.00518 1.000 48.33207  ? 77  GLN A N   1 
ATOM   145 C CA  . GLN A 1 20 ? 15.72451  -5.42332  -11.80958 1.000 50.83084  ? 77  GLN A CA  1 
ATOM   146 C C   . GLN A 1 20 ? 14.86078  -5.73737  -13.02308 1.000 52.40770  ? 77  GLN A C   1 
ATOM   147 O O   . GLN A 1 20 ? 14.34657  -4.84266  -13.69797 1.000 58.38613  ? 77  GLN A O   1 
ATOM   148 C CB  . GLN A 1 20 ? 14.85987  -5.35888  -10.55182 1.000 48.75089  ? 77  GLN A CB  1 
ATOM   149 C CG  . GLN A 1 20 ? 15.64341  -5.49494  -9.25932  1.000 51.47112  ? 77  GLN A CG  1 
ATOM   150 C CD  . GLN A 1 20 ? 16.21915  -6.88718  -9.06669  1.000 52.21976  ? 77  GLN A CD  1 
ATOM   151 O OE1 . GLN A 1 20 ? 15.49731  -7.88475  -9.09703  1.000 47.04452  ? 77  GLN A OE1 1 
ATOM   152 N NE2 . GLN A 1 20 ? 17.52603  -6.95949  -8.85899  1.000 54.11664  ? 77  GLN A NE2 1 
ATOM   153 N N   . ARG A 1 21 ? 14.69699  -7.03228  -13.29397 1.000 58.68996  ? 78  ARG A N   1 
ATOM   154 C CA  . ARG A 1 21 ? 14.02546  -7.44516  -14.52013 1.000 57.07307  ? 78  ARG A CA  1 
ATOM   155 C C   . ARG A 1 21 ? 12.50976  -7.47528  -14.37784 1.000 61.20537  ? 78  ARG A C   1 
ATOM   156 O O   . ARG A 1 21 ? 11.79587  -7.20352  -15.34962 1.000 63.24181  ? 78  ARG A O   1 
ATOM   157 C CB  . ARG A 1 21 ? 14.53725  -8.81949  -14.95198 1.000 66.33140  ? 78  ARG A CB  1 
ATOM   158 C CG  . ARG A 1 21 ? 16.02307  -8.84039  -15.26634 1.000 74.71821  ? 78  ARG A CG  1 
ATOM   159 C CD  . ARG A 1 21 ? 16.51704  -10.24845 -15.55724 1.000 87.54151  ? 78  ARG A CD  1 
ATOM   160 N NE  . ARG A 1 21 ? 17.90262  -10.25238 -16.02215 1.000 98.67572  ? 78  ARG A NE  1 
ATOM   161 C CZ  . ARG A 1 21 ? 18.61958  -11.35222 -16.22743 1.000 101.73652 ? 78  ARG A CZ  1 
ATOM   162 N NH1 . ARG A 1 21 ? 19.87346  -11.25945 -16.65104 1.000 100.12882 ? 78  ARG A NH1 1 
ATOM   163 N NH2 . ARG A 1 21 ? 18.08546  -12.54567 -16.00749 1.000 108.03857 ? 78  ARG A NH2 1 
ATOM   164 N N   . HIS A 1 22 ? 11.99936  -7.78942  -13.19150 1.000 59.90910  ? 79  HIS A N   1 
ATOM   165 C CA  . HIS A 1 22 ? 10.58263  -8.06718  -13.00400 1.000 48.29072  ? 79  HIS A CA  1 
ATOM   166 C C   . HIS A 1 22 ? 9.86237   -6.87904  -12.38077 1.000 53.85645  ? 79  HIS A C   1 
ATOM   167 O O   . HIS A 1 22 ? 10.33733  -6.29317  -11.40328 1.000 50.85468  ? 79  HIS A O   1 
ATOM   168 C CB  . HIS A 1 22 ? 10.38823  -9.30047  -12.12011 1.000 54.39584  ? 79  HIS A CB  1 
ATOM   169 C CG  . HIS A 1 22 ? 11.08118  -10.52939 -12.62518 1.000 62.06151  ? 79  HIS A CG  1 
ATOM   170 N ND1 . HIS A 1 22 ? 10.74423  -11.14095 -13.81490 1.000 65.46370  ? 79  HIS A ND1 1 
ATOM   171 C CD2 . HIS A 1 22 ? 12.08000  -11.27205 -12.09107 1.000 61.42168  ? 79  HIS A CD2 1 
ATOM   172 C CE1 . HIS A 1 22 ? 11.51254  -12.20159 -13.99534 1.000 66.62551  ? 79  HIS A CE1 1 
ATOM   173 N NE2 . HIS A 1 22 ? 12.33145  -12.30305 -12.96325 1.000 67.42586  ? 79  HIS A NE2 1 
ATOM   174 N N   . ASP A 1 23 ? 8.70765   -6.53481  -12.94793 1.000 50.04222  ? 80  ASP A N   1 
ATOM   175 C CA  . ASP A 1 23 ? 7.80068   -5.61157  -12.28462 1.000 46.27041  ? 80  ASP A CA  1 
ATOM   176 C C   . ASP A 1 23 ? 7.45788   -6.13774  -10.89952 1.000 46.54706  ? 80  ASP A C   1 
ATOM   177 O O   . ASP A 1 23 ? 7.13337   -7.31600  -10.73259 1.000 46.36080  ? 80  ASP A O   1 
ATOM   178 C CB  . ASP A 1 23 ? 6.52674   -5.43096  -13.10580 1.000 47.11009  ? 80  ASP A CB  1 
ATOM   179 C CG  . ASP A 1 23 ? 6.72757   -4.53409  -14.30536 1.000 53.29661  ? 80  ASP A CG  1 
ATOM   180 O OD1 . ASP A 1 23 ? 7.78332   -3.87411  -14.38471 1.000 50.63633  ? 80  ASP A OD1 1 
ATOM   181 O OD2 . ASP A 1 23 ? 5.82758   -4.48919  -15.16834 1.000 58.02513  ? 80  ASP A OD2 1 
ATOM   182 N N   . GLY A 1 24 ? 7.53947   -5.26614  -9.90089  1.000 48.48136  ? 81  GLY A N   1 
ATOM   183 C CA  . GLY A 1 24 ? 7.21929   -5.64134  -8.54408  1.000 38.81780  ? 81  GLY A CA  1 
ATOM   184 C C   . GLY A 1 24 ? 8.41403   -5.88061  -7.65064  1.000 41.49604  ? 81  GLY A C   1 
ATOM   185 O O   . GLY A 1 24 ? 8.23196   -6.00615  -6.43416  1.000 39.14565  ? 81  GLY A O   1 
ATOM   186 N N   . ALA A 1 25 ? 9.62160   -5.96766  -8.21354  1.000 35.93236  ? 82  ALA A N   1 
ATOM   187 C CA  . ALA A 1 25 ? 10.83150  -6.00145  -7.40578  1.000 37.03632  ? 82  ALA A CA  1 
ATOM   188 C C   . ALA A 1 25 ? 10.82627  -4.82891  -6.43764  1.000 35.78048  ? 82  ALA A C   1 
ATOM   189 O O   . ALA A 1 25 ? 10.50335  -3.70308  -6.82311  1.000 34.05600  ? 82  ALA A O   1 
ATOM   190 C CB  . ALA A 1 25 ? 12.06715  -5.94443  -8.30259  1.000 39.80939  ? 82  ALA A CB  1 
ATOM   191 N N   . PHE A 1 26 ? 11.18435  -5.08874  -5.18129  1.000 34.51672  ? 83  PHE A N   1 
ATOM   192 C CA  . PHE A 1 26 ? 10.89096  -4.11431  -4.13870  1.000 37.16700  ? 83  PHE A CA  1 
ATOM   193 C C   . PHE A 1 26 ? 11.88237  -4.20798  -2.98827  1.000 40.77706  ? 83  PHE A C   1 
ATOM   194 O O   . PHE A 1 26 ? 12.57482  -5.21296  -2.80397  1.000 34.20301  ? 83  PHE A O   1 
ATOM   195 C CB  . PHE A 1 26 ? 9.47289   -4.31093  -3.58850  1.000 32.19507  ? 83  PHE A CB  1 
ATOM   196 C CG  . PHE A 1 26 ? 9.35492   -5.47740  -2.64467  1.000 39.83510  ? 83  PHE A CG  1 
ATOM   197 C CD1 . PHE A 1 26 ? 9.18007   -6.76277  -3.13012  1.000 37.66820  ? 83  PHE A CD1 1 
ATOM   198 C CD2 . PHE A 1 26 ? 9.43200   -5.28748  -1.27043  1.000 39.01147  ? 83  PHE A CD2 1 
ATOM   199 C CE1 . PHE A 1 26 ? 9.08139   -7.83608  -2.26949  1.000 39.55691  ? 83  PHE A CE1 1 
ATOM   200 C CE2 . PHE A 1 26 ? 9.33455   -6.35813  -0.40306  1.000 37.35874  ? 83  PHE A CE2 1 
ATOM   201 C CZ  . PHE A 1 26 ? 9.16249   -7.63664  -0.90479  1.000 37.54115  ? 83  PHE A CZ  1 
ATOM   202 N N   . LEU A 1 27 ? 11.90602  -3.14740  -2.18424  1.000 36.18023  ? 84  LEU A N   1 
ATOM   203 C CA  . LEU A 1 27 ? 12.60670  -3.16923  -0.91378  1.000 36.27881  ? 84  LEU A CA  1 
ATOM   204 C C   . LEU A 1 27 ? 11.87678  -2.24784  0.05621   1.000 35.98410  ? 84  LEU A C   1 
ATOM   205 O O   . LEU A 1 27 ? 11.14037  -1.34535  -0.35621  1.000 35.35761  ? 84  LEU A O   1 
ATOM   206 C CB  . LEU A 1 27 ? 14.07671  -2.75202  -1.07512  1.000 34.98729  ? 84  LEU A CB  1 
ATOM   207 C CG  . LEU A 1 27 ? 14.36115  -1.37633  -1.68651  1.000 38.12281  ? 84  LEU A CG  1 
ATOM   208 C CD1 . LEU A 1 27 ? 14.39544  -0.27443  -0.62885  1.000 37.67277  ? 84  LEU A CD1 1 
ATOM   209 C CD2 . LEU A 1 27 ? 15.65546  -1.38577  -2.48679  1.000 40.22660  ? 84  LEU A CD2 1 
ATOM   210 N N   . ILE A 1 28 ? 12.06621  -2.50054  1.34464   1.000 35.81946  ? 85  ILE A N   1 
ATOM   211 C CA  . ILE A 1 28 ? 11.65409  -1.57823  2.39602   1.000 36.37460  ? 85  ILE A CA  1 
ATOM   212 C C   . ILE A 1 28 ? 12.90080  -0.87228  2.89846   1.000 36.79861  ? 85  ILE A C   1 
ATOM   213 O O   . ILE A 1 28 ? 13.93855  -1.51089  3.12835   1.000 35.09234  ? 85  ILE A O   1 
ATOM   214 C CB  . ILE A 1 28 ? 10.94021  -2.30900  3.54577   1.000 33.91033  ? 85  ILE A CB  1 
ATOM   215 C CG1 . ILE A 1 28 ? 9.61804   -2.91087  3.07379   1.000 36.09318  ? 85  ILE A CG1 1 
ATOM   216 C CG2 . ILE A 1 28 ? 10.69655  -1.34992  4.71324   1.000 38.41433  ? 85  ILE A CG2 1 
ATOM   217 C CD1 . ILE A 1 28 ? 8.55409   -1.88682  2.86631   1.000 42.67692  ? 85  ILE A CD1 1 
ATOM   218 N N   . ARG A 1 29 ? 12.81044  0.44271   3.06253   1.000 35.94183  ? 86  ARG A N   1 
ATOM   219 C CA  . ARG A 1 29 ? 13.91157  1.22358   3.59470   1.000 29.95067  ? 86  ARG A CA  1 
ATOM   220 C C   . ARG A 1 29 ? 13.36053  2.20532   4.61244   1.000 36.53677  ? 86  ARG A C   1 
ATOM   221 O O   . ARG A 1 29 ? 12.15748  2.46896   4.66683   1.000 35.69001  ? 86  ARG A O   1 
ATOM   222 C CB  . ARG A 1 29 ? 14.66431  1.98138   2.50330   1.000 36.41714  ? 86  ARG A CB  1 
ATOM   223 C CG  . ARG A 1 29 ? 13.79033  2.94313   1.74540   1.000 37.48356  ? 86  ARG A CG  1 
ATOM   224 C CD  . ARG A 1 29 ? 14.51752  3.56861   0.57958   1.000 40.82616  ? 86  ARG A CD  1 
ATOM   225 N NE  . ARG A 1 29 ? 13.55491  4.21819   -0.29664  1.000 40.72652  ? 86  ARG A NE  1 
ATOM   226 C CZ  . ARG A 1 29 ? 13.10189  5.45299   -0.11403  1.000 50.48188  ? 86  ARG A CZ  1 
ATOM   227 N NH1 . ARG A 1 29 ? 13.54251  6.17873   0.90476   1.000 46.85618  ? 86  ARG A NH1 1 
ATOM   228 N NH2 . ARG A 1 29 ? 12.20924  5.96129   -0.95233  1.000 45.80181  ? 86  ARG A NH2 1 
ATOM   229 N N   . GLU A 1 30 ? 14.26077  2.74711   5.41279   1.000 37.60932  ? 87  GLU A N   1 
ATOM   230 C CA  . GLU A 1 30 ? 13.89373  3.70725   6.43919   1.000 39.65461  ? 87  GLU A CA  1 
ATOM   231 C C   . GLU A 1 30 ? 14.02077  5.10425   5.85208   1.000 43.13712  ? 87  GLU A C   1 
ATOM   232 O O   . GLU A 1 30 ? 15.07911  5.47345   5.32873   1.000 41.73185  ? 87  GLU A O   1 
ATOM   233 C CB  . GLU A 1 30 ? 14.77099  3.51519   7.66763   1.000 38.45000  ? 87  GLU A CB  1 
ATOM   234 C CG  . GLU A 1 30 ? 14.77129  2.07185   8.12535   1.000 32.11214  ? 87  GLU A CG  1 
ATOM   235 C CD  . GLU A 1 30 ? 15.33928  1.91088   9.50799   1.000 39.80700  ? 87  GLU A CD  1 
ATOM   236 O OE1 . GLU A 1 30 ? 14.63733  2.26354   10.47833  1.000 30.46881  ? 87  GLU A OE1 1 
ATOM   237 O OE2 . GLU A 1 30 ? 16.49482  1.45095   9.62409   1.000 36.56248  ? 87  GLU A OE2 1 
ATOM   238 N N   . SER A 1 31 ? 12.93136  5.86017   5.91437   1.000 46.14181  ? 88  SER A N   1 
ATOM   239 C CA  . SER A 1 31 ? 12.85572  7.11914   5.19551   1.000 49.63969  ? 88  SER A CA  1 
ATOM   240 C C   . SER A 1 31 ? 13.79776  8.14490   5.79876   1.000 57.29460  ? 88  SER A C   1 
ATOM   241 O O   . SER A 1 31 ? 13.87542  8.29997   7.02133   1.000 54.83493  ? 88  SER A O   1 
ATOM   242 C CB  . SER A 1 31 ? 11.42980  7.65827   5.21535   1.000 50.71342  ? 88  SER A CB  1 
ATOM   243 O OG  . SER A 1 31 ? 11.39677  8.99620   4.75033   1.000 63.76193  ? 88  SER A OG  1 
ATOM   244 N N   . GLU A 1 32 ? 14.51443  8.84934   4.92485   1.000 57.84513  ? 89  GLU A N   1 
ATOM   245 C CA  . GLU A 1 32 ? 15.34542  9.96737   5.33867   1.000 64.95785  ? 89  GLU A CA  1 
ATOM   246 C C   . GLU A 1 32 ? 14.52376  11.21030  5.66054   1.000 66.38290  ? 89  GLU A C   1 
ATOM   247 O O   . GLU A 1 32 ? 15.09660  12.22073  6.08057   1.000 74.87554  ? 89  GLU A O   1 
ATOM   248 C CB  . GLU A 1 32 ? 16.36858  10.28552  4.24679   1.000 70.08978  ? 89  GLU A CB  1 
ATOM   249 C CG  . GLU A 1 32 ? 16.79979  9.07623   3.42409   1.000 69.68818  ? 89  GLU A CG  1 
ATOM   250 C CD  . GLU A 1 32 ? 17.98324  9.36779   2.52143   1.000 77.09745  ? 89  GLU A CD  1 
ATOM   251 O OE1 . GLU A 1 32 ? 19.12661  9.37100   3.02726   1.000 75.90675  ? 89  GLU A OE1 1 
ATOM   252 O OE2 . GLU A 1 32 ? 17.76517  9.60154   1.31296   1.000 69.04605  ? 89  GLU A OE2 1 
ATOM   253 N N   . SER A 1 33 ? 13.20319  11.15566  5.48247   1.000 62.24734  ? 90  SER A N   1 
ATOM   254 C CA  . SER A 1 33 ? 12.33224  12.29479  5.74229   1.000 63.04772  ? 90  SER A CA  1 
ATOM   255 C C   . SER A 1 33 ? 12.04874  12.44747  7.23068   1.000 60.86142  ? 90  SER A C   1 
ATOM   256 O O   . SER A 1 33 ? 12.75705  13.17566  7.93130   1.000 73.11642  ? 90  SER A O   1 
ATOM   257 C CB  . SER A 1 33 ? 11.01810  12.15024  4.97120   1.000 63.18837  ? 90  SER A CB  1 
ATOM   258 O OG  . SER A 1 33 ? 10.31050  10.99284  5.38544   1.000 70.18450  ? 90  SER A OG  1 
ATOM   259 N N   . ALA A 1 34 ? 10.99955  11.75653  7.72754   1.000 59.33654  ? 91  ALA A N   1 
ATOM   260 C CA  . ALA A 1 34 ? 10.58278  11.89383  9.11536   1.000 55.30471  ? 91  ALA A CA  1 
ATOM   261 C C   . ALA A 1 34 ? 11.13689  10.75714  9.96678   1.000 52.27851  ? 91  ALA A C   1 
ATOM   262 O O   . ALA A 1 34 ? 11.26459  9.62283   9.49614   1.000 48.45945  ? 91  ALA A O   1 
ATOM   263 C CB  . ALA A 1 34 ? 9.05662   11.91161  9.23577   1.000 52.84145  ? 91  ALA A CB  1 
ATOM   264 N N   . PRO A 1 35 ? 11.46309  11.04258  11.22548  1.000 54.10845  ? 92  PRO A N   1 
ATOM   265 C CA  . PRO A 1 35 ? 12.03611  10.00838  12.09486  1.000 44.32603  ? 92  PRO A CA  1 
ATOM   266 C C   . PRO A 1 35 ? 11.08551  8.83296   12.25054  1.000 41.70421  ? 92  PRO A C   1 
ATOM   267 O O   . PRO A 1 35 ? 9.88882   9.00956   12.47422  1.000 39.69177  ? 92  PRO A O   1 
ATOM   268 C CB  . PRO A 1 35 ? 12.24330  10.73991  13.42840  1.000 47.80882  ? 92  PRO A CB  1 
ATOM   269 C CG  . PRO A 1 35 ? 12.21948  12.19074  13.08675  1.000 52.61713  ? 92  PRO A CG  1 
ATOM   270 C CD  . PRO A 1 35 ? 11.28606  12.32201  11.93312  1.000 57.25220  ? 92  PRO A CD  1 
ATOM   271 N N   . GLY A 1 36 ? 11.63032  7.62257   12.12786  1.000 36.68550  ? 93  GLY A N   1 
ATOM   272 C CA  . GLY A 1 36 ? 10.86546  6.41745   12.35935  1.000 37.63635  ? 93  GLY A CA  1 
ATOM   273 C C   . GLY A 1 36 ? 10.01253  5.96516   11.19948  1.000 38.68499  ? 93  GLY A C   1 
ATOM   274 O O   . GLY A 1 36 ? 9.26407   4.99310   11.35123  1.000 43.33960  ? 93  GLY A O   1 
ATOM   275 N N   . ASP A 1 37 ? 10.10495  6.62905   10.05165  1.000 35.19689  ? 94  ASP A N   1 
ATOM   276 C CA  . ASP A 1 37 ? 9.28409   6.32662   8.88774   1.000 42.32213  ? 94  ASP A CA  1 
ATOM   277 C C   . ASP A 1 37 ? 9.88095   5.17772   8.07957   1.000 41.19216  ? 94  ASP A C   1 
ATOM   278 O O   . ASP A 1 37 ? 11.09633  4.97232   8.05529   1.000 37.71936  ? 94  ASP A O   1 
ATOM   279 C CB  . ASP A 1 37 ? 9.16554   7.55745   7.98260   1.000 43.68224  ? 94  ASP A CB  1 
ATOM   280 C CG  . ASP A 1 37 ? 8.01254   8.47265   8.36156   1.000 54.32838  ? 94  ASP A CG  1 
ATOM   281 O OD1 . ASP A 1 37 ? 7.26832   8.15536   9.31489   1.000 52.37901  ? 94  ASP A OD1 1 
ATOM   282 O OD2 . ASP A 1 37 ? 7.84716   9.51391   7.68736   1.000 61.11265  ? 94  ASP A OD2 1 
ATOM   283 N N   . PHE A 1 38 ? 9.00900   4.44050   7.40018   1.000 33.83238  ? 95  PHE A N   1 
ATOM   284 C CA  . PHE A 1 38 ? 9.41934   3.42672   6.43867   1.000 34.72907  ? 95  PHE A CA  1 
ATOM   285 C C   . PHE A 1 38 ? 8.84052   3.77042   5.07373   1.000 36.12501  ? 95  PHE A C   1 
ATOM   286 O O   . PHE A 1 38 ? 7.74280   4.32238   4.97244   1.000 36.83110  ? 95  PHE A O   1 
ATOM   287 C CB  . PHE A 1 38 ? 8.95875   2.03073   6.86341   1.000 31.90039  ? 95  PHE A CB  1 
ATOM   288 C CG  . PHE A 1 38 ? 9.57076   1.56152   8.14967   1.000 32.20120  ? 95  PHE A CG  1 
ATOM   289 C CD1 . PHE A 1 38 ? 8.84249   1.56662   9.32618   1.000 34.57028  ? 95  PHE A CD1 1 
ATOM   290 C CD2 . PHE A 1 38 ? 10.88276  1.12369   8.18447   1.000 33.53883  ? 95  PHE A CD2 1 
ATOM   291 C CE1 . PHE A 1 38 ? 9.41462   1.13474   10.51373  1.000 30.97628  ? 95  PHE A CE1 1 
ATOM   292 C CE2 . PHE A 1 38 ? 11.45883  0.69852   9.36865   1.000 36.73351  ? 95  PHE A CE2 1 
ATOM   293 C CZ  . PHE A 1 38 ? 10.72797  0.70303   10.53562  1.000 33.16762  ? 95  PHE A CZ  1 
ATOM   294 N N   . SER A 1 39 ? 9.59189   3.44289   4.02860   1.000 34.64154  ? 96  SER A N   1 
ATOM   295 C CA  . SER A 1 39 ? 9.16310   3.63853   2.65249   1.000 35.93543  ? 96  SER A CA  1 
ATOM   296 C C   . SER A 1 39 ? 9.31652   2.33288   1.89290   1.000 34.21133  ? 96  SER A C   1 
ATOM   297 O O   . SER A 1 39 ? 10.29837  1.60677   2.08075   1.000 37.62336  ? 96  SER A O   1 
ATOM   298 C CB  . SER A 1 39 ? 9.97362   4.73092   1.94350   1.000 41.77751  ? 96  SER A CB  1 
ATOM   299 O OG  . SER A 1 39 ? 9.57742   6.02250   2.36369   1.000 54.71647  ? 96  SER A OG  1 
ATOM   300 N N   . LEU A 1 40 ? 8.34308   2.04500   1.04015   1.000 34.41011  ? 97  LEU A N   1 
ATOM   301 C CA  . LEU A 1 40 ? 8.36830   0.88832   0.15484   1.000 34.54126  ? 97  LEU A CA  1 
ATOM   302 C C   . LEU A 1 40 ? 8.66064   1.37877   -1.25544  1.000 38.00684  ? 97  LEU A C   1 
ATOM   303 O O   . LEU A 1 40 ? 7.90229   2.18441   -1.80385  1.000 41.34403  ? 97  LEU A O   1 
ATOM   304 C CB  . LEU A 1 40 ? 7.03575   0.14211   0.19708   1.000 32.84241  ? 97  LEU A CB  1 
ATOM   305 C CG  . LEU A 1 40 ? 6.75458   -0.90463  -0.88552  1.000 33.46190  ? 97  LEU A CG  1 
ATOM   306 C CD1 . LEU A 1 40 ? 7.64655   -2.10821  -0.71294  1.000 33.20452  ? 97  LEU A CD1 1 
ATOM   307 C CD2 . LEU A 1 40 ? 5.30271   -1.31035  -0.81352  1.000 34.32743  ? 97  LEU A CD2 1 
ATOM   308 N N   . SER A 1 41 ? 9.75486   0.89886   -1.83437  1.000 36.42985  ? 98  SER A N   1 
ATOM   309 C CA  . SER A 1 41 ? 10.15191  1.25169   -3.18843  1.000 35.30451  ? 98  SER A CA  1 
ATOM   310 C C   . SER A 1 41 ? 9.96441   0.02760   -4.07376  1.000 36.14003  ? 98  SER A C   1 
ATOM   311 O O   . SER A 1 41 ? 10.38009  -1.07254  -3.69939  1.000 29.90056  ? 98  SER A O   1 
ATOM   312 C CB  . SER A 1 41 ? 11.60654  1.72619   -3.21818  1.000 39.02604  ? 98  SER A CB  1 
ATOM   313 O OG  . SER A 1 41 ? 11.80473  2.83404   -2.35006  1.000 40.11923  ? 98  SER A OG  1 
ATOM   314 N N   . VAL A 1 42 ? 9.32361   0.21470   -5.22987  1.000 39.25425  ? 99  VAL A N   1 
ATOM   315 C CA  . VAL A 1 42 ? 8.93387   -0.88897  -6.10448  1.000 36.82837  ? 99  VAL A CA  1 
ATOM   316 C C   . VAL A 1 42 ? 9.24314   -0.52055  -7.55397  1.000 40.62662  ? 99  VAL A C   1 
ATOM   317 O O   . VAL A 1 42 ? 8.91892   0.57906   -8.00084  1.000 42.28002  ? 99  VAL A O   1 
ATOM   318 C CB  . VAL A 1 42 ? 7.43392   -1.21782  -5.97194  1.000 36.34791  ? 99  VAL A CB  1 
ATOM   319 C CG1 . VAL A 1 42 ? 7.08951   -2.42951  -6.81161  1.000 37.74241  ? 99  VAL A CG1 1 
ATOM   320 C CG2 . VAL A 1 42 ? 7.05725   -1.44620  -4.52605  1.000 41.59846  ? 99  VAL A CG2 1 
ATOM   321 N N   . LYS A 1 43 ? 9.84524   -1.45299  -8.29109  1.000 41.54229  ? 100 LYS A N   1 
ATOM   322 C CA  . LYS A 1 43 ? 10.00861  -1.24494  -9.72462  1.000 44.24233  ? 100 LYS A CA  1 
ATOM   323 C C   . LYS A 1 43 ? 8.71287   -1.58394  -10.43893 1.000 42.36248  ? 100 LYS A C   1 
ATOM   324 O O   . LYS A 1 43 ? 8.09758   -2.61989  -10.16895 1.000 41.53012  ? 100 LYS A O   1 
ATOM   325 C CB  . LYS A 1 43 ? 11.14108  -2.09075  -10.29552 1.000 44.14345  ? 100 LYS A CB  1 
ATOM   326 C CG  . LYS A 1 43 ? 11.37104  -1.78913  -11.77743 1.000 54.30516  ? 100 LYS A CG  1 
ATOM   327 C CD  . LYS A 1 43 ? 12.13092  -2.88745  -12.49162 1.000 55.84135  ? 100 LYS A CD  1 
ATOM   328 C CE  . LYS A 1 43 ? 12.23535  -2.59176  -13.98575 1.000 57.64482  ? 100 LYS A CE  1 
ATOM   329 N NZ  . LYS A 1 43 ? 11.18457  -3.29631  -14.77144 1.000 61.75013  ? 100 LYS A NZ  1 
ATOM   330 N N   . PHE A 1 44 ? 8.29770   -0.70761  -11.34881 1.000 44.60604  ? 101 PHE A N   1 
ATOM   331 C CA  . PHE A 1 44 ? 7.09719   -0.94196  -12.14370 1.000 51.30856  ? 101 PHE A CA  1 
ATOM   332 C C   . PHE A 1 44 ? 7.28190   -0.22520  -13.47208 1.000 55.41602  ? 101 PHE A C   1 
ATOM   333 O O   . PHE A 1 44 ? 7.30723   1.00937   -13.51176 1.000 58.52732  ? 101 PHE A O   1 
ATOM   334 C CB  . PHE A 1 44 ? 5.84372   -0.45337  -11.42133 1.000 46.62336  ? 101 PHE A CB  1 
ATOM   335 C CG  . PHE A 1 44 ? 4.57000   -0.97815  -12.00875 1.000 47.43580  ? 101 PHE A CG  1 
ATOM   336 C CD1 . PHE A 1 44 ? 4.24445   -2.32378  -11.90274 1.000 47.20860  ? 101 PHE A CD1 1 
ATOM   337 C CD2 . PHE A 1 44 ? 3.70015   -0.13528  -12.66571 1.000 46.69967  ? 101 PHE A CD2 1 
ATOM   338 C CE1 . PHE A 1 44 ? 3.07324   -2.81742  -12.44227 1.000 50.79125  ? 101 PHE A CE1 1 
ATOM   339 C CE2 . PHE A 1 44 ? 2.52673   -0.62164  -13.20697 1.000 58.57574  ? 101 PHE A CE2 1 
ATOM   340 C CZ  . PHE A 1 44 ? 2.21332   -1.96700  -13.09631 1.000 54.42690  ? 101 PHE A CZ  1 
ATOM   341 N N   . GLY A 1 45 ? 7.42197   -0.99296  -14.54666 1.000 57.27893  ? 102 GLY A N   1 
ATOM   342 C CA  . GLY A 1 45 ? 7.61704   -0.37675  -15.84541 1.000 54.79760  ? 102 GLY A CA  1 
ATOM   343 C C   . GLY A 1 45 ? 8.96275   0.31342   -15.92032 1.000 57.94245  ? 102 GLY A C   1 
ATOM   344 O O   . GLY A 1 45 ? 9.99006   -0.21964  -15.48605 1.000 63.87832  ? 102 GLY A O   1 
ATOM   345 N N   . ASN A 1 46 ? 8.95738   1.52967   -16.45991 1.000 63.38181  ? 103 ASN A N   1 
ATOM   346 C CA  . ASN A 1 46 ? 10.19620  2.23358   -16.75175 1.000 67.23885  ? 103 ASN A CA  1 
ATOM   347 C C   . ASN A 1 46 ? 10.79616  2.94820   -15.54967 1.000 66.91308  ? 103 ASN A C   1 
ATOM   348 O O   . ASN A 1 46 ? 11.90694  3.47385   -15.66591 1.000 75.44009  ? 103 ASN A O   1 
ATOM   349 C CB  . ASN A 1 46 ? 9.96662   3.25350   -17.86852 1.000 77.66962  ? 103 ASN A CB  1 
ATOM   350 C CG  . ASN A 1 46 ? 9.38781   2.62858   -19.11759 1.000 87.63202  ? 103 ASN A CG  1 
ATOM   351 O OD1 . ASN A 1 46 ? 9.83821   1.57129   -19.56140 1.000 89.77956  ? 103 ASN A OD1 1 
ATOM   352 N ND2 . ASN A 1 46 ? 8.37699   3.27488   -19.68849 1.000 86.16491  ? 103 ASN A ND2 1 
ATOM   353 N N   . ASP A 1 47 ? 10.11440  2.99839   -14.40810 1.000 62.77295  ? 104 ASP A N   1 
ATOM   354 C CA  . ASP A 1 47 ? 10.64623  3.76568   -13.28885 1.000 61.68660  ? 104 ASP A CA  1 
ATOM   355 C C   . ASP A 1 47 ? 10.42806  2.99285   -11.99082 1.000 57.81351  ? 104 ASP A C   1 
ATOM   356 O O   . ASP A 1 47 ? 10.07229  1.81000   -11.98940 1.000 48.30329  ? 104 ASP A O   1 
ATOM   357 C CB  . ASP A 1 47 ? 10.02702  5.17008   -13.25140 1.000 65.48376  ? 104 ASP A CB  1 
ATOM   358 C CG  . ASP A 1 47 ? 8.52132   5.14230   -13.12655 1.000 66.58153  ? 104 ASP A CG  1 
ATOM   359 O OD1 . ASP A 1 47 ? 7.91148   4.13148   -13.53490 1.000 70.97787  ? 104 ASP A OD1 1 
ATOM   360 O OD2 . ASP A 1 47 ? 7.95130   6.13663   -12.62366 1.000 63.13839  ? 104 ASP A OD2 1 
ATOM   361 N N   . VAL A 1 48 ? 10.67813  3.67482   -10.87770 1.000 52.07885  ? 105 VAL A N   1 
ATOM   362 C CA  . VAL A 1 48 ? 10.56095  3.11329   -9.53911  1.000 44.26520  ? 105 VAL A CA  1 
ATOM   363 C C   . VAL A 1 48 ? 9.64194   4.02248   -8.73343  1.000 51.32024  ? 105 VAL A C   1 
ATOM   364 O O   . VAL A 1 48 ? 9.86414   5.23689   -8.67417  1.000 55.52550  ? 105 VAL A O   1 
ATOM   365 C CB  . VAL A 1 48 ? 11.93985  2.97906   -8.86514  1.000 49.57310  ? 105 VAL A CB  1 
ATOM   366 C CG1 . VAL A 1 48 ? 11.79929  2.52653   -7.42416  1.000 47.01128  ? 105 VAL A CG1 1 
ATOM   367 C CG2 . VAL A 1 48 ? 12.81425  2.00642   -9.63938  1.000 45.82989  ? 105 VAL A CG2 1 
ATOM   368 N N   . GLN A 1 49 ? 8.60571   3.43702   -8.13484  1.000 43.83390  ? 106 GLN A N   1 
ATOM   369 C CA  . GLN A 1 49 ? 7.63013   4.17182   -7.34212  1.000 46.31538  ? 106 GLN A CA  1 
ATOM   370 C C   . GLN A 1 49 ? 7.87063   3.94133   -5.85721  1.000 44.23547  ? 106 GLN A C   1 
ATOM   371 O O   . GLN A 1 49 ? 8.30946   2.86762   -5.43875  1.000 38.69453  ? 106 GLN A O   1 
ATOM   372 C CB  . GLN A 1 49 ? 6.20213   3.75484   -7.69629  1.000 42.46541  ? 106 GLN A CB  1 
ATOM   373 C CG  . GLN A 1 49 ? 5.76400   4.14665   -9.08907  1.000 45.48430  ? 106 GLN A CG  1 
ATOM   374 C CD  . GLN A 1 49 ? 4.31534   3.79286   -9.34938  1.000 49.94894  ? 106 GLN A CD  1 
ATOM   375 O OE1 . GLN A 1 49 ? 3.47487   3.85727   -8.45060  1.000 44.30418  ? 106 GLN A OE1 1 
ATOM   376 N NE2 . GLN A 1 49 ? 4.01442   3.40797   -10.58131 1.000 48.58732  ? 106 GLN A NE2 1 
ATOM   377 N N   . HIS A 1 50 ? 7.56256   4.96079   -5.06004  1.000 44.37252  ? 107 HIS A N   1 
ATOM   378 C CA  . HIS A 1 50 ? 7.80439   4.94409   -3.62430  1.000 41.47820  ? 107 HIS A CA  1 
ATOM   379 C C   . HIS A 1 50 ? 6.49135   5.15263   -2.88970  1.000 45.33628  ? 107 HIS A C   1 
ATOM   380 O O   . HIS A 1 50 ? 5.73654   6.07537   -3.21517  1.000 48.43516  ? 107 HIS A O   1 
ATOM   381 C CB  . HIS A 1 50 ? 8.81380   6.02228   -3.23160  1.000 45.14368  ? 107 HIS A CB  1 
ATOM   382 C CG  . HIS A 1 50 ? 10.11453  5.91946   -3.96353  1.000 44.34856  ? 107 HIS A CG  1 
ATOM   383 N ND1 . HIS A 1 50 ? 11.08620  5.00534   -3.62331  1.000 40.50681  ? 107 HIS A ND1 1 
ATOM   384 C CD2 . HIS A 1 50 ? 10.59910  6.60681   -5.02446  1.000 43.99069  ? 107 HIS A CD2 1 
ATOM   385 C CE1 . HIS A 1 50 ? 12.11847  5.13908   -4.43761  1.000 45.11665  ? 107 HIS A CE1 1 
ATOM   386 N NE2 . HIS A 1 50 ? 11.84743  6.10288   -5.29771  1.000 46.20356  ? 107 HIS A NE2 1 
ATOM   387 N N   . PHE A 1 51 ? 6.22211   4.30139   -1.90176  1.000 41.29645  ? 108 PHE A N   1 
ATOM   388 C CA  . PHE A 1 51 ? 4.99473   4.36441   -1.11753  1.000 36.24386  ? 108 PHE A CA  1 
ATOM   389 C C   . PHE A 1 51 ? 5.34008   4.51411   0.35599   1.000 40.55049  ? 108 PHE A C   1 
ATOM   390 O O   . PHE A 1 51 ? 6.11870   3.72724   0.90202   1.000 37.53287  ? 108 PHE A O   1 
ATOM   391 C CB  . PHE A 1 51 ? 4.13400   3.11792   -1.33019  1.000 39.25598  ? 108 PHE A CB  1 
ATOM   392 C CG  . PHE A 1 51 ? 3.81506   2.84588   -2.77019  1.000 40.83989  ? 108 PHE A CG  1 
ATOM   393 C CD1 . PHE A 1 51 ? 4.67796   2.10377   -3.55631  1.000 41.54210  ? 108 PHE A CD1 1 
ATOM   394 C CD2 . PHE A 1 51 ? 2.65485   3.33915   -3.33835  1.000 46.09378  ? 108 PHE A CD2 1 
ATOM   395 C CE1 . PHE A 1 51 ? 4.38483   1.85736   -4.88723  1.000 45.27181  ? 108 PHE A CE1 1 
ATOM   396 C CE2 . PHE A 1 51 ? 2.35907   3.09635   -4.66279  1.000 44.79658  ? 108 PHE A CE2 1 
ATOM   397 C CZ  . PHE A 1 51 ? 3.22187   2.35679   -5.43803  1.000 41.01725  ? 108 PHE A CZ  1 
ATOM   398 N N   . LYS A 1 52 ? 4.76242   5.52316   0.99546   1.000 36.27176  ? 109 LYS A N   1 
ATOM   399 C CA  . LYS A 1 52 ? 4.95681   5.68831   2.42211   1.000 35.64934  ? 109 LYS A CA  1 
ATOM   400 C C   . LYS A 1 52 ? 4.23310   4.57608   3.16415   1.000 31.96592  ? 109 LYS A C   1 
ATOM   401 O O   . LYS A 1 52 ? 3.07034   4.28112   2.87395   1.000 35.02888  ? 109 LYS A O   1 
ATOM   402 C CB  . LYS A 1 52 ? 4.43459   7.05346   2.86795   1.000 40.21148  ? 109 LYS A CB  1 
ATOM   403 C CG  . LYS A 1 52 ? 4.80178   7.43595   4.28711   1.000 49.41684  ? 109 LYS A CG  1 
ATOM   404 C CD  . LYS A 1 52 ? 4.43435   8.88933   4.58146   1.000 55.59946  ? 109 LYS A CD  1 
ATOM   405 C CE  . LYS A 1 52 ? 4.85540   9.80780   3.44004   1.000 67.99294  ? 109 LYS A CE  1 
ATOM   406 N NZ  . LYS A 1 52 ? 5.18850   11.18745  3.89802   1.000 74.62103  ? 109 LYS A NZ  1 
ATOM   407 N N   . VAL A 1 53 ? 4.91440   3.95374   4.11764   1.000 31.30968  ? 110 VAL A N   1 
ATOM   408 C CA  . VAL A 1 53 ? 4.24692   3.02605   5.02230   1.000 27.99069  ? 110 VAL A CA  1 
ATOM   409 C C   . VAL A 1 53 ? 3.55310   3.84444   6.10590   1.000 36.32084  ? 110 VAL A C   1 
ATOM   410 O O   . VAL A 1 53 ? 4.20639   4.54967   6.88027   1.000 31.75688  ? 110 VAL A O   1 
ATOM   411 C CB  . VAL A 1 53 ? 5.23315   2.02278   5.63207   1.000 29.76136  ? 110 VAL A CB  1 
ATOM   412 C CG1 . VAL A 1 53 ? 4.48890   1.03643   6.51161   1.000 35.19914  ? 110 VAL A CG1 1 
ATOM   413 C CG2 . VAL A 1 53 ? 5.98107   1.28578   4.53358   1.000 33.23282  ? 110 VAL A CG2 1 
ATOM   414 N N   . LEU A 1 54 ? 2.23165   3.75783   6.16085   1.000 34.84084  ? 111 LEU A N   1 
ATOM   415 C CA  . LEU A 1 54 ? 1.47923   4.53773   7.13072   1.000 33.23134  ? 111 LEU A CA  1 
ATOM   416 C C   . LEU A 1 54 ? 1.29359   3.74189   8.41332   1.000 37.77794  ? 111 LEU A C   1 
ATOM   417 O O   . LEU A 1 54 ? 1.40206   2.51414   8.43753   1.000 33.23391  ? 111 LEU A O   1 
ATOM   418 C CB  . LEU A 1 54 ? 0.12485   4.94409   6.55260   1.000 35.83206  ? 111 LEU A CB  1 
ATOM   419 C CG  . LEU A 1 54 ? 0.20668   5.66551   5.20560   1.000 35.81306  ? 111 LEU A CG  1 
ATOM   420 C CD1 . LEU A 1 54 ? -1.17570  5.85522   4.61781   1.000 37.42383  ? 111 LEU A CD1 1 
ATOM   421 C CD2 . LEU A 1 54 ? 0.91512   7.00112   5.35457   1.000 43.38929  ? 111 LEU A CD2 1 
ATOM   422 N N   . ARG A 1 55 ? 1.02191   4.46745   9.49424   1.000 37.58746  ? 112 ARG A N   1 
ATOM   423 C CA  . ARG A 1 55 ? 0.77989   3.87528   10.79655  1.000 38.67387  ? 112 ARG A CA  1 
ATOM   424 C C   . ARG A 1 55 ? -0.48143  4.49385   11.37583  1.000 43.29032  ? 112 ARG A C   1 
ATOM   425 O O   . ARG A 1 55 ? -0.83045  5.63228   11.05606  1.000 46.43877  ? 112 ARG A O   1 
ATOM   426 C CB  . ARG A 1 55 ? 1.94884   4.11195   11.76193  1.000 42.93614  ? 112 ARG A CB  1 
ATOM   427 C CG  . ARG A 1 55 ? 3.12403   3.14489   11.69115  1.000 43.94643  ? 112 ARG A CG  1 
ATOM   428 C CD  . ARG A 1 55 ? 3.95144   3.38365   12.95365  1.000 49.12181  ? 112 ARG A CD  1 
ATOM   429 N NE  . ARG A 1 55 ? 5.21768   2.65981   13.01921  1.000 37.31759  ? 112 ARG A NE  1 
ATOM   430 C CZ  . ARG A 1 55 ? 5.37520   1.50523   13.65559  1.000 46.49677  ? 112 ARG A CZ  1 
ATOM   431 N NH1 . ARG A 1 55 ? 6.56374   0.90884   13.68640  1.000 47.28891  ? 112 ARG A NH1 1 
ATOM   432 N NH2 . ARG A 1 55 ? 4.33870   0.93578   14.25547  1.000 39.45585  ? 112 ARG A NH2 1 
ATOM   433 N N   . ASP A 1 56 ? -1.16337  3.74507   12.23061  1.000 38.62224  ? 113 ASP A N   1 
ATOM   434 C CA  . ASP A 1 56 ? -2.33470  4.26866   12.91892  1.000 42.81092  ? 113 ASP A CA  1 
ATOM   435 C C   . ASP A 1 56 ? -2.04392  4.35005   14.41619  1.000 42.57765  ? 113 ASP A C   1 
ATOM   436 O O   . ASP A 1 56 ? -0.96616  3.97670   14.88517  1.000 40.25472  ? 113 ASP A O   1 
ATOM   437 C CB  . ASP A 1 56 ? -3.57919  3.43308   12.58331  1.000 39.62881  ? 113 ASP A CB  1 
ATOM   438 C CG  . ASP A 1 56 ? -3.59398  2.05392   13.23944  1.000 37.19371  ? 113 ASP A CG  1 
ATOM   439 O OD1 . ASP A 1 56 ? -4.44566  1.24121   12.82552  1.000 41.30492  ? 113 ASP A OD1 1 
ATOM   440 O OD2 . ASP A 1 56 ? -2.82052  1.77476   14.17310  1.000 38.16158  ? 113 ASP A OD2 1 
ATOM   441 N N   . GLY A 1 57 ? -3.02324  4.85001   15.17067  1.000 45.19509  ? 114 GLY A N   1 
ATOM   442 C CA  . GLY A 1 57 ? -2.82694  5.05150   16.59480  1.000 46.87368  ? 114 GLY A CA  1 
ATOM   443 C C   . GLY A 1 57 ? -2.54682  3.77555   17.35726  1.000 44.59195  ? 114 GLY A C   1 
ATOM   444 O O   . GLY A 1 57 ? -1.90311  3.81045   18.40946  1.000 49.65181  ? 114 GLY A O   1 
ATOM   445 N N   . ALA A 1 58 ? -3.02944  2.64282   16.85100  1.000 39.61990  ? 115 ALA A N   1 
ATOM   446 C CA  . ALA A 1 58 ? -2.79777  1.35408   17.48922  1.000 39.81196  ? 115 ALA A CA  1 
ATOM   447 C C   . ALA A 1 58 ? -1.41677  0.77964   17.19472  1.000 38.74521  ? 115 ALA A C   1 
ATOM   448 O O   . ALA A 1 58 ? -1.08590  -0.28865  17.71883  1.000 39.66445  ? 115 ALA A O   1 
ATOM   449 C CB  . ALA A 1 58 ? -3.86969  0.35381   17.05330  1.000 36.76456  ? 115 ALA A CB  1 
ATOM   450 N N   . GLY A 1 59 ? -0.60684  1.45183   16.38117  1.000 40.87404  ? 116 GLY A N   1 
ATOM   451 C CA  . GLY A 1 59 ? 0.70424   0.95222   16.01977  1.000 40.09279  ? 116 GLY A CA  1 
ATOM   452 C C   . GLY A 1 59 ? 0.75977   0.13797   14.74305  1.000 40.00125  ? 116 GLY A C   1 
ATOM   453 O O   . GLY A 1 59 ? 1.86490   -0.21737  14.30499  1.000 42.49026  ? 116 GLY A O   1 
ATOM   454 N N   . LYS A 1 60 ? -0.38698  -0.15895  14.13146  1.000 36.29508  ? 117 LYS A N   1 
ATOM   455 C CA  . LYS A 1 60 ? -0.45274  -0.99063  12.93668  1.000 35.26253  ? 117 LYS A CA  1 
ATOM   456 C C   . LYS A 1 60 ? 0.17902   -0.29218  11.73860  1.000 33.77559  ? 117 LYS A C   1 
ATOM   457 O O   . LYS A 1 60 ? 0.33901   0.92976   11.70684  1.000 38.12417  ? 117 LYS A O   1 
ATOM   458 C CB  . LYS A 1 60 ? -1.90114  -1.32409  12.57836  1.000 36.32943  ? 117 LYS A CB  1 
ATOM   459 C CG  . LYS A 1 60 ? -2.75769  -1.80330  13.71785  1.000 47.39496  ? 117 LYS A CG  1 
ATOM   460 C CD  . LYS A 1 60 ? -2.55830  -3.27285  13.98931  1.000 44.74987  ? 117 LYS A CD  1 
ATOM   461 C CE  . LYS A 1 60 ? -3.88433  -3.92966  14.33863  1.000 48.74103  ? 117 LYS A CE  1 
ATOM   462 N NZ  . LYS A 1 60 ? -3.71154  -5.18287  15.12276  1.000 55.40333  ? 117 LYS A NZ  1 
ATOM   463 N N   . TYR A 1 61 ? 0.51583   -1.09408  10.72902  1.000 32.18803  ? 118 TYR A N   1 
ATOM   464 C CA  . TYR A 1 61 ? 1.02042   -0.60465  9.45836   1.000 33.69530  ? 118 TYR A CA  1 
ATOM   465 C C   . TYR A 1 61 ? -0.01815  -0.79891  8.36761   1.000 31.55767  ? 118 TYR A C   1 
ATOM   466 O O   . TYR A 1 61 ? -0.78204  -1.76731  8.37872   1.000 37.39698  ? 118 TYR A O   1 
ATOM   467 C CB  . TYR A 1 61 ? 2.28441   -1.34684  9.01510   1.000 32.34108  ? 118 TYR A CB  1 
ATOM   468 C CG  . TYR A 1 61 ? 3.43371   -1.36077  9.98299   1.000 31.99512  ? 118 TYR A CG  1 
ATOM   469 C CD1 . TYR A 1 61 ? 4.35838   -0.33196  9.99739   1.000 29.88150  ? 118 TYR A CD1 1 
ATOM   470 C CD2 . TYR A 1 61 ? 3.62467   -2.43071  10.84652  1.000 30.67486  ? 118 TYR A CD2 1 
ATOM   471 C CE1 . TYR A 1 61 ? 5.42813   -0.35184  10.86807  1.000 31.81967  ? 118 TYR A CE1 1 
ATOM   472 C CE2 . TYR A 1 61 ? 4.69312   -2.45774  11.72575  1.000 32.43268  ? 118 TYR A CE2 1 
ATOM   473 C CZ  . TYR A 1 61 ? 5.59155   -1.41759  11.72668  1.000 31.25415  ? 118 TYR A CZ  1 
ATOM   474 O OH  . TYR A 1 61 ? 6.66229   -1.44307  12.59271  1.000 35.26381  ? 118 TYR A OH  1 
ATOM   475 N N   . PHE A 1 62 ? 0.00532   0.09581   7.38734   1.000 30.33076  ? 119 PHE A N   1 
ATOM   476 C CA  . PHE A 1 62 ? -0.76709  -0.11967  6.17504   1.000 36.41012  ? 119 PHE A CA  1 
ATOM   477 C C   . PHE A 1 62 ? -0.23634  0.80415   5.09497   1.000 35.71079  ? 119 PHE A C   1 
ATOM   478 O O   . PHE A 1 62 ? 0.42847   1.80299   5.37895   1.000 36.29591  ? 119 PHE A O   1 
ATOM   479 C CB  . PHE A 1 62 ? -2.26853  0.11510   6.40100   1.000 34.47353  ? 119 PHE A CB  1 
ATOM   480 C CG  . PHE A 1 62 ? -2.61160  1.51356   6.83753   1.000 37.14583  ? 119 PHE A CG  1 
ATOM   481 C CD1 . PHE A 1 62 ? -2.46185  1.89555   8.15781   1.000 33.25568  ? 119 PHE A CD1 1 
ATOM   482 C CD2 . PHE A 1 62 ? -3.10210  2.43687   5.93062   1.000 34.56899  ? 119 PHE A CD2 1 
ATOM   483 C CE1 . PHE A 1 62 ? -2.77409  3.17752   8.56819   1.000 33.97961  ? 119 PHE A CE1 1 
ATOM   484 C CE2 . PHE A 1 62 ? -3.42089  3.72125   6.33992   1.000 37.31528  ? 119 PHE A CE2 1 
ATOM   485 C CZ  . PHE A 1 62 ? -3.25739  4.08761   7.65940   1.000 40.34886  ? 119 PHE A CZ  1 
ATOM   486 N N   . LEU A 1 63 ? -0.53395  0.44933   3.84729   1.000 32.89951  ? 120 LEU A N   1 
ATOM   487 C CA  . LEU A 1 63 ? -0.25388  1.30661   2.70554   1.000 35.74694  ? 120 LEU A CA  1 
ATOM   488 C C   . LEU A 1 63 ? -1.47411  2.11764   2.29155   1.000 41.19445  ? 120 LEU A C   1 
ATOM   489 O O   . LEU A 1 63 ? -1.37590  3.33223   2.09280   1.000 36.14807  ? 120 LEU A O   1 
ATOM   490 C CB  . LEU A 1 63 ? 0.23753   0.46887   1.52210   1.000 33.04937  ? 120 LEU A CB  1 
ATOM   491 C CG  . LEU A 1 63 ? 1.53138   -0.31125  1.70723   1.000 29.42615  ? 120 LEU A CG  1 
ATOM   492 C CD1 . LEU A 1 63 ? 1.88743   -1.00788  0.39893   1.000 32.87350  ? 120 LEU A CD1 1 
ATOM   493 C CD2 . LEU A 1 63 ? 2.65461   0.61447   2.16570   1.000 29.06834  ? 120 LEU A CD2 1 
ATOM   494 N N   . TRP A 1 64 ? -2.62716  1.46671   2.16297   1.000 34.94139  ? 121 TRP A N   1 
ATOM   495 C CA  . TRP A 1 64 ? -3.86166  2.17144   1.86287   1.000 37.71367  ? 121 TRP A CA  1 
ATOM   496 C C   . TRP A 1 64 ? -5.03458  1.36589   2.39781   1.000 38.54419  ? 121 TRP A C   1 
ATOM   497 O O   . TRP A 1 64 ? -4.99320  0.13096   2.44189   1.000 38.65275  ? 121 TRP A O   1 
ATOM   498 C CB  . TRP A 1 64 ? -4.02202  2.42806   0.35652   1.000 37.11164  ? 121 TRP A CB  1 
ATOM   499 C CG  . TRP A 1 64 ? -3.97662  1.19533   -0.53971  1.000 40.66740  ? 121 TRP A CG  1 
ATOM   500 C CD1 . TRP A 1 64 ? -2.86029  0.53830   -0.97678  1.000 43.62940  ? 121 TRP A CD1 1 
ATOM   501 C CD2 . TRP A 1 64 ? -5.09519  0.51933   -1.13384  1.000 45.58009  ? 121 TRP A CD2 1 
ATOM   502 N NE1 . TRP A 1 64 ? -3.21743  -0.51780  -1.79332  1.000 42.16495  ? 121 TRP A NE1 1 
ATOM   503 C CE2 . TRP A 1 64 ? -4.58317  -0.54833  -1.90214  1.000 43.16826  ? 121 TRP A CE2 1 
ATOM   504 C CE3 . TRP A 1 64 ? -6.47939  0.70465   -1.08258  1.000 43.14759  ? 121 TRP A CE3 1 
ATOM   505 C CZ2 . TRP A 1 64 ? -5.40759  -1.41942  -2.61264  1.000 46.76411  ? 121 TRP A CZ2 1 
ATOM   506 C CZ3 . TRP A 1 64 ? -7.29640  -0.16486  -1.79016  1.000 44.03900  ? 121 TRP A CZ3 1 
ATOM   507 C CH2 . TRP A 1 64 ? -6.75749  -1.21134  -2.54296  1.000 44.33681  ? 121 TRP A CH2 1 
ATOM   508 N N   . VAL A 1 65 ? -6.07546  2.08716   2.82331   1.000 37.16856  ? 122 VAL A N   1 
ATOM   509 C CA  . VAL A 1 65 ? -7.32061  1.49312   3.28961   1.000 39.66678  ? 122 VAL A CA  1 
ATOM   510 C C   . VAL A 1 65 ? -8.48242  2.18084   2.58353   1.000 39.61290  ? 122 VAL A C   1 
ATOM   511 O O   . VAL A 1 65 ? -8.37713  3.31922   2.12343   1.000 37.75744  ? 122 VAL A O   1 
ATOM   512 C CB  . VAL A 1 65 ? -7.48906  1.59638   4.81962   1.000 35.64219  ? 122 VAL A CB  1 
ATOM   513 C CG1 . VAL A 1 65 ? -6.40750  0.79105   5.52034   1.000 42.37536  ? 122 VAL A CG1 1 
ATOM   514 C CG2 . VAL A 1 65 ? -7.44265  3.04303   5.25869   1.000 38.38934  ? 122 VAL A CG2 1 
ATOM   515 N N   . VAL A 1 66 ? -9.60139  1.46725   2.50120   1.000 36.79768  ? 123 VAL A N   1 
ATOM   516 C CA  . VAL A 1 66 ? -10.79711 1.95786   1.82216   1.000 37.49260  ? 123 VAL A CA  1 
ATOM   517 C C   . VAL A 1 66 ? -11.80671 2.39600   2.87656   1.000 34.67252  ? 123 VAL A C   1 
ATOM   518 O O   . VAL A 1 66 ? -12.24819 1.58354   3.69803   1.000 37.34558  ? 123 VAL A O   1 
ATOM   519 C CB  . VAL A 1 66 ? -11.39608 0.89090   0.89377   1.000 43.60460  ? 123 VAL A CB  1 
ATOM   520 C CG1 . VAL A 1 66 ? -12.61092 1.45078   0.15467   1.000 43.50564  ? 123 VAL A CG1 1 
ATOM   521 C CG2 . VAL A 1 66 ? -10.34945 0.38820   -0.08864  1.000 50.07760  ? 123 VAL A CG2 1 
ATOM   522 N N   . LYS A 1 67 ? -12.16138 3.67928   2.86454   1.000 34.48529  ? 124 LYS A N   1 
ATOM   523 C CA  . LYS A 1 67 ? -13.16906 4.22407   3.75983   1.000 36.80314  ? 124 LYS A CA  1 
ATOM   524 C C   . LYS A 1 67 ? -14.05346 5.17798   2.97473   1.000 40.44913  ? 124 LYS A C   1 
ATOM   525 O O   . LYS A 1 67 ? -13.68675 5.64136   1.89352   1.000 40.00851  ? 124 LYS A O   1 
ATOM   526 C CB  . LYS A 1 67 ? -12.54428 4.93380   4.95870   1.000 31.04719  ? 124 LYS A CB  1 
ATOM   527 C CG  . LYS A 1 67 ? -11.87492 3.99103   5.94308   1.000 31.97063  ? 124 LYS A CG  1 
ATOM   528 C CD  . LYS A 1 67 ? -11.15352 4.77121   7.00739   1.000 38.61195  ? 124 LYS A CD  1 
ATOM   529 C CE  . LYS A 1 67 ? -10.48481 3.87422   8.03110   1.000 37.53301  ? 124 LYS A CE  1 
ATOM   530 N NZ  . LYS A 1 67 ? -9.85221  4.70586   9.10042   1.000 40.93792  ? 124 LYS A NZ  1 
ATOM   531 N N   . PHE A 1 68 ? -15.22770 5.47343   3.52998   1.000 33.85852  ? 125 PHE A N   1 
ATOM   532 C CA  . PHE A 1 68 ? -16.30976 6.04809   2.74322   1.000 34.59754  ? 125 PHE A CA  1 
ATOM   533 C C   . PHE A 1 68 ? -16.83870 7.32065   3.37882   1.000 32.58504  ? 125 PHE A C   1 
ATOM   534 O O   . PHE A 1 68 ? -16.95338 7.41632   4.60382   1.000 36.32936  ? 125 PHE A O   1 
ATOM   535 C CB  . PHE A 1 68 ? -17.44866 5.04354   2.58098   1.000 38.57868  ? 125 PHE A CB  1 
ATOM   536 C CG  . PHE A 1 68 ? -16.99247 3.72199   2.06458   1.000 37.08090  ? 125 PHE A CG  1 
ATOM   537 C CD1 . PHE A 1 68 ? -16.67032 3.56846   0.73478   1.000 35.44359  ? 125 PHE A CD1 1 
ATOM   538 C CD2 . PHE A 1 68 ? -16.85106 2.64087   2.91785   1.000 37.93706  ? 125 PHE A CD2 1 
ATOM   539 C CE1 . PHE A 1 68 ? -16.22785 2.35438   0.26379   1.000 34.78451  ? 125 PHE A CE1 1 
ATOM   540 C CE2 . PHE A 1 68 ? -16.41812 1.43145   2.45212   1.000 36.93592  ? 125 PHE A CE2 1 
ATOM   541 C CZ  . PHE A 1 68 ? -16.10522 1.28716   1.12512   1.000 34.88582  ? 125 PHE A CZ  1 
ATOM   542 N N   . ASN A 1 69 ? -17.17286 8.28464   2.52175   1.000 34.76179  ? 126 ASN A N   1 
ATOM   543 C CA  . ASN A 1 69 ? -17.71857 9.57215   2.92493   1.000 36.95194  ? 126 ASN A CA  1 
ATOM   544 C C   . ASN A 1 69 ? -19.22095 9.54278   3.16317   1.000 39.66270  ? 126 ASN A C   1 
ATOM   545 O O   . ASN A 1 69 ? -19.77091 10.53740  3.64506   1.000 35.10242  ? 126 ASN A O   1 
ATOM   546 C CB  . ASN A 1 69 ? -17.39493 10.62296  1.85996   1.000 42.18457  ? 126 ASN A CB  1 
ATOM   547 C CG  . ASN A 1 69 ? -15.91063 10.89194  1.75601   1.000 46.71598  ? 126 ASN A CG  1 
ATOM   548 O OD1 . ASN A 1 69 ? -15.19395 10.79637  2.74899   1.000 41.36347  ? 126 ASN A OD1 1 
ATOM   549 N ND2 . ASN A 1 69 ? -15.43726 11.21074  0.55398   1.000 46.75689  ? 126 ASN A ND2 1 
ATOM   550 N N   . SER A 1 70 ? -19.88962 8.43949   2.84530   1.000 30.52623  ? 127 SER A N   1 
ATOM   551 C CA  . SER A 1 70 ? -21.33855 8.35712   2.98486   1.000 35.17106  ? 127 SER A CA  1 
ATOM   552 C C   . SER A 1 70 ? -21.71855 6.89143   3.09184   1.000 32.82012  ? 127 SER A C   1 
ATOM   553 O O   . SER A 1 70 ? -20.99180 6.01460   2.62309   1.000 33.90367  ? 127 SER A O   1 
ATOM   554 C CB  . SER A 1 70 ? -22.05114 8.99263   1.79325   1.000 33.90918  ? 127 SER A CB  1 
ATOM   555 O OG  . SER A 1 70 ? -21.75808 8.26632   0.60660   1.000 34.37302  ? 127 SER A OG  1 
ATOM   556 N N   . LEU A 1 71 ? -22.86370 6.63925   3.72336   1.000 27.27359  ? 128 LEU A N   1 
ATOM   557 C CA  . LEU A 1 71 ? -23.41765 5.29070   3.71579   1.000 30.08201  ? 128 LEU A CA  1 
ATOM   558 C C   . LEU A 1 71 ? -23.67197 4.81705   2.29472   1.000 32.10574  ? 128 LEU A C   1 
ATOM   559 O O   . LEU A 1 71 ? -23.47793 3.63782   1.97718   1.000 29.21623  ? 128 LEU A O   1 
ATOM   560 C CB  . LEU A 1 71 ? -24.71835 5.25613   4.51117   1.000 28.79448  ? 128 LEU A CB  1 
ATOM   561 C CG  . LEU A 1 71 ? -24.60696 5.52182   6.00579   1.000 28.68343  ? 128 LEU A CG  1 
ATOM   562 C CD1 . LEU A 1 71 ? -25.98667 5.52778   6.62095   1.000 30.95408  ? 128 LEU A CD1 1 
ATOM   563 C CD2 . LEU A 1 71 ? -23.73841 4.46767   6.65943   1.000 25.24690  ? 128 LEU A CD2 1 
ATOM   564 N N   . ASN A 1 72 ? -24.12992 5.72134   1.43254   1.000 34.34750  ? 129 ASN A N   1 
ATOM   565 C CA  . ASN A 1 72 ? -24.44254 5.36181   0.05353   1.000 32.98758  ? 129 ASN A CA  1 
ATOM   566 C C   . ASN A 1 72 ? -23.21346 4.80966   -0.66198  1.000 37.11698  ? 129 ASN A C   1 
ATOM   567 O O   . ASN A 1 72 ? -23.31244 3.84675   -1.43037  1.000 40.25922  ? 129 ASN A O   1 
ATOM   568 C CB  . ASN A 1 72 ? -24.98361 6.59089   -0.66875  1.000 34.73617  ? 129 ASN A CB  1 
ATOM   569 C CG  . ASN A 1 72 ? -25.78134 6.24514   -1.90543  1.000 38.82181  ? 129 ASN A CG  1 
ATOM   570 O OD1 . ASN A 1 72 ? -25.65347 5.15980   -2.47528  1.000 37.44181  ? 129 ASN A OD1 1 
ATOM   571 N ND2 . ASN A 1 72 ? -26.60280 7.18246   -2.33739  1.000 31.27453  ? 129 ASN A ND2 1 
ATOM   572 N N   . GLU A 1 73 ? -22.04523 5.40484   -0.41132  1.000 33.55547  ? 130 GLU A N   1 
ATOM   573 C CA  . GLU A 1 73 ? -20.81800 4.93727   -1.05021  1.000 32.23526  ? 130 GLU A CA  1 
ATOM   574 C C   . GLU A 1 73 ? -20.34904 3.62167   -0.44753  1.000 34.71562  ? 130 GLU A C   1 
ATOM   575 O O   . GLU A 1 73 ? -19.82130 2.75805   -1.16198  1.000 34.09100  ? 130 GLU A O   1 
ATOM   576 C CB  . GLU A 1 73 ? -19.73711 6.00798   -0.93389  1.000 35.47112  ? 130 GLU A CB  1 
ATOM   577 C CG  . GLU A 1 73 ? -19.92585 7.16769   -1.90020  1.000 42.34710  ? 130 GLU A CG  1 
ATOM   578 C CD  . GLU A 1 73 ? -19.12131 8.39821   -1.50933  1.000 44.97549  ? 130 GLU A CD  1 
ATOM   579 O OE1 . GLU A 1 73 ? -19.48284 9.05839   -0.51363  1.000 40.00984  ? 130 GLU A OE1 1 
ATOM   580 O OE2 . GLU A 1 73 ? -18.12513 8.70500   -2.19641  1.000 47.23267  ? 130 GLU A OE2 1 
ATOM   581 N N   . LEU A 1 74 ? -20.51826 3.45692   0.86371   1.000 30.91815  ? 131 LEU A N   1 
ATOM   582 C CA  . LEU A 1 74 ? -20.22121 2.17808   1.50207   1.000 31.49149  ? 131 LEU A CA  1 
ATOM   583 C C   . LEU A 1 74 ? -21.06830 1.06935   0.90171   1.000 32.96350  ? 131 LEU A C   1 
ATOM   584 O O   . LEU A 1 74 ? -20.55706 -0.00310  0.54105   1.000 33.58417  ? 131 LEU A O   1 
ATOM   585 C CB  . LEU A 1 74 ? -20.46848 2.28260   3.01174   1.000 30.78155  ? 131 LEU A CB  1 
ATOM   586 C CG  . LEU A 1 74 ? -20.17787 1.08638   3.92557   1.000 36.80903  ? 131 LEU A CG  1 
ATOM   587 C CD1 . LEU A 1 74 ? -19.89666 1.57972   5.34137   1.000 35.22992  ? 131 LEU A CD1 1 
ATOM   588 C CD2 . LEU A 1 74 ? -21.32891 0.08956   3.95663   1.000 34.51994  ? 131 LEU A CD2 1 
ATOM   589 N N   . VAL A 1 75 ? -22.37665 1.29836   0.81438   1.000 34.88797  ? 132 VAL A N   1 
ATOM   590 C CA  . VAL A 1 75 ? -23.28538 0.30079   0.26410   1.000 33.93843  ? 132 VAL A CA  1 
ATOM   591 C C   . VAL A 1 75 ? -22.88831 -0.05764  -1.16580  1.000 38.08976  ? 132 VAL A C   1 
ATOM   592 O O   . VAL A 1 75 ? -22.74874 -1.23543  -1.51222  1.000 37.01620  ? 132 VAL A O   1 
ATOM   593 C CB  . VAL A 1 75 ? -24.73604 0.80226   0.34489   1.000 33.68956  ? 132 VAL A CB  1 
ATOM   594 C CG1 . VAL A 1 75 ? -25.63082 0.01979   -0.62086  1.000 36.25856  ? 132 VAL A CG1 1 
ATOM   595 C CG2 . VAL A 1 75 ? -25.24825 0.66601   1.76513   1.000 34.52998  ? 132 VAL A CG2 1 
ATOM   596 N N   . ASP A 1 76 ? -22.68385 0.95560   -2.00858  1.000 34.74774  ? 133 ASP A N   1 
ATOM   597 C CA  . ASP A 1 76 ? -22.39648 0.67361   -3.41472  1.000 40.34829  ? 133 ASP A CA  1 
ATOM   598 C C   . ASP A 1 76 ? -21.07337 -0.06967  -3.57511  1.000 38.57838  ? 133 ASP A C   1 
ATOM   599 O O   . ASP A 1 76 ? -20.96354 -0.98827  -4.40057  1.000 38.75077  ? 133 ASP A O   1 
ATOM   600 C CB  . ASP A 1 76 ? -22.40930 1.97704   -4.21413  1.000 40.31031  ? 133 ASP A CB  1 
ATOM   601 C CG  . ASP A 1 76 ? -23.81103 2.53785   -4.38196  1.000 44.42977  ? 133 ASP A CG  1 
ATOM   602 O OD1 . ASP A 1 76 ? -24.77644 1.77287   -4.18941  1.000 40.09086  ? 133 ASP A OD1 1 
ATOM   603 O OD2 . ASP A 1 76 ? -23.95070 3.73592   -4.71049  1.000 37.64836  ? 133 ASP A OD2 1 
ATOM   604 N N   . TYR A 1 77 ? -20.06691 0.29774   -2.78341  1.000 31.72703  ? 134 TYR A N   1 
ATOM   605 C CA  . TYR A 1 77 ? -18.79706 -0.41756  -2.80158  1.000 32.51144  ? 134 TYR A CA  1 
ATOM   606 C C   . TYR A 1 77 ? -18.98231 -1.87811  -2.42567  1.000 37.96517  ? 134 TYR A C   1 
ATOM   607 O O   . TYR A 1 77 ? -18.35395 -2.76470  -3.01710  1.000 37.48550  ? 134 TYR A O   1 
ATOM   608 C CB  . TYR A 1 77 ? -17.81628 0.25524   -1.84375  1.000 36.89579  ? 134 TYR A CB  1 
ATOM   609 C CG  . TYR A 1 77 ? -16.48867 -0.45588  -1.66207  1.000 38.10336  ? 134 TYR A CG  1 
ATOM   610 C CD1 . TYR A 1 77 ? -15.40654 -0.15733  -2.47548  1.000 36.76753  ? 134 TYR A CD1 1 
ATOM   611 C CD2 . TYR A 1 77 ? -16.30990 -1.40243  -0.65624  1.000 35.76193  ? 134 TYR A CD2 1 
ATOM   612 C CE1 . TYR A 1 77 ? -14.18607 -0.78737  -2.30648  1.000 38.94773  ? 134 TYR A CE1 1 
ATOM   613 C CE2 . TYR A 1 77 ? -15.08743 -2.03784  -0.47540  1.000 39.18261  ? 134 TYR A CE2 1 
ATOM   614 C CZ  . TYR A 1 77 ? -14.02965 -1.72523  -1.30473  1.000 39.59107  ? 134 TYR A CZ  1 
ATOM   615 O OH  . TYR A 1 77 ? -12.80925 -2.35207  -1.13832  1.000 38.44960  ? 134 TYR A OH  1 
ATOM   616 N N   . HIS A 1 78 ? -19.82388 -2.15375  -1.43756  1.000 36.30735  ? 135 HIS A N   1 
ATOM   617 C CA  . HIS A 1 78 ? -19.98358 -3.53067  -0.99694  1.000 39.10912  ? 135 HIS A CA  1 
ATOM   618 C C   . HIS A 1 78 ? -20.99304 -4.30942  -1.82502  1.000 37.17520  ? 135 HIS A C   1 
ATOM   619 O O   . HIS A 1 78 ? -21.36713 -5.41641  -1.42722  1.000 37.05515  ? 135 HIS A O   1 
ATOM   620 C CB  . HIS A 1 78 ? -20.34894 -3.57389  0.48375   1.000 32.47272  ? 135 HIS A CB  1 
ATOM   621 C CG  . HIS A 1 78 ? -19.17425 -3.32907  1.37837   1.000 34.17809  ? 135 HIS A CG  1 
ATOM   622 N ND1 . HIS A 1 78 ? -18.15837 -4.24847  1.53330   1.000 35.89266  ? 135 HIS A ND1 1 
ATOM   623 C CD2 . HIS A 1 78 ? -18.83226 -2.25874  2.13493   1.000 38.32312  ? 135 HIS A CD2 1 
ATOM   624 C CE1 . HIS A 1 78 ? -17.24980 -3.76188  2.36045   1.000 35.04190  ? 135 HIS A CE1 1 
ATOM   625 N NE2 . HIS A 1 78 ? -17.63603 -2.55780  2.74152   1.000 33.98290  ? 135 HIS A NE2 1 
ATOM   626 N N   . ARG A 1 79 ? -21.44386 -3.75859  -2.95294  1.000 38.10334  ? 136 ARG A N   1 
ATOM   627 C CA  . ARG A 1 79 ? -22.10625 -4.59498  -3.94976  1.000 36.00725  ? 136 ARG A CA  1 
ATOM   628 C C   . ARG A 1 79 ? -21.11151 -5.49879  -4.66502  1.000 43.13536  ? 136 ARG A C   1 
ATOM   629 O O   . ARG A 1 79 ? -21.51546 -6.52194  -5.23296  1.000 40.99403  ? 136 ARG A O   1 
ATOM   630 C CB  . ARG A 1 79 ? -22.85391 -3.72679  -4.96426  1.000 36.07401  ? 136 ARG A CB  1 
ATOM   631 C CG  . ARG A 1 79 ? -24.02455 -2.93760  -4.38643  1.000 34.61333  ? 136 ARG A CG  1 
ATOM   632 C CD  . ARG A 1 79 ? -24.69332 -2.07503  -5.45858  1.000 36.99181  ? 136 ARG A CD  1 
ATOM   633 N NE  . ARG A 1 79 ? -25.69085 -1.16399  -4.90535  1.000 39.43326  ? 136 ARG A NE  1 
ATOM   634 C CZ  . ARG A 1 79 ? -26.93083 -1.52877  -4.61125  1.000 45.91580  ? 136 ARG A CZ  1 
ATOM   635 N NH1 . ARG A 1 79 ? -27.30744 -2.78381  -4.80991  1.000 42.51062  ? 136 ARG A NH1 1 
ATOM   636 N NH2 . ARG A 1 79 ? -27.78930 -0.64724  -4.11592  1.000 38.34825  ? 136 ARG A NH2 1 
ATOM   637 N N   . SER A 1 80 ? -19.82097 -5.15094  -4.63773  1.000 38.60181  ? 137 SER A N   1 
ATOM   638 C CA  . SER A 1 80 ? -18.79215 -5.92449  -5.32072  1.000 41.09211  ? 137 SER A CA  1 
ATOM   639 C C   . SER A 1 80 ? -17.59732 -6.29295  -4.45718  1.000 41.65181  ? 137 SER A C   1 
ATOM   640 O O   . SER A 1 80 ? -16.71742 -7.00528  -4.94235  1.000 44.56017  ? 137 SER A O   1 
ATOM   641 C CB  . SER A 1 80 ? -18.28311 -5.16922  -6.55764  1.000 40.28419  ? 137 SER A CB  1 
ATOM   642 O OG  . SER A 1 80 ? -17.87702 -3.85629  -6.21700  1.000 41.00226  ? 137 SER A OG  1 
ATOM   643 N N   . THR A 1 81 ? -17.51213 -5.82214  -3.21713  1.000 41.66907  ? 138 THR A N   1 
ATOM   644 C CA  . THR A 1 81 ? -16.52239 -6.31846  -2.27460  1.000 33.60035  ? 138 THR A CA  1 
ATOM   645 C C   . THR A 1 81 ? -17.25568 -6.80670  -1.03673  1.000 38.14959  ? 138 THR A C   1 
ATOM   646 O O   . THR A 1 81 ? -18.22003 -6.17642  -0.59423  1.000 39.08288  ? 138 THR A O   1 
ATOM   647 C CB  . THR A 1 81 ? -15.48869 -5.24493  -1.90721  1.000 41.98963  ? 138 THR A CB  1 
ATOM   648 O OG1 . THR A 1 81 ? -14.79019 -4.83179  -3.08739  1.000 40.60280  ? 138 THR A OG1 1 
ATOM   649 C CG2 . THR A 1 81 ? -14.47598 -5.78871  -0.91245  1.000 38.39398  ? 138 THR A CG2 1 
ATOM   650 N N   . SER A 1 82 ? -16.81162 -7.93835  -0.49439  1.000 33.64113  ? 139 SER A N   1 
ATOM   651 C CA  . SER A 1 82 ? -17.56360 -8.58754  0.56972   1.000 40.86093  ? 139 SER A CA  1 
ATOM   652 C C   . SER A 1 82 ? -17.72963 -7.66169  1.76548   1.000 39.31287  ? 139 SER A C   1 
ATOM   653 O O   . SER A 1 82 ? -16.83144 -6.88704  2.10057   1.000 39.45578  ? 139 SER A O   1 
ATOM   654 C CB  . SER A 1 82 ? -16.87200 -9.87164  1.01649   1.000 41.37403  ? 139 SER A CB  1 
ATOM   655 O OG  . SER A 1 82 ? -17.60840 -10.48921 2.05681   1.000 38.39765  ? 139 SER A OG  1 
ATOM   656 N N   . VAL A 1 83 ? -18.90002 -7.74149  2.40688   1.000 40.54462  ? 140 VAL A N   1 
ATOM   657 C CA  . VAL A 1 83 ? -19.12488 -7.01786  3.65912   1.000 38.04193  ? 140 VAL A CA  1 
ATOM   658 C C   . VAL A 1 83 ? -18.45680 -7.69862  4.84024   1.000 41.19642  ? 140 VAL A C   1 
ATOM   659 O O   . VAL A 1 83 ? -18.41223 -7.12206  5.93660   1.000 41.10899  ? 140 VAL A O   1 
ATOM   660 C CB  . VAL A 1 83 ? -20.62660 -6.86564  3.97012   1.000 39.05339  ? 140 VAL A CB  1 
ATOM   661 C CG1 . VAL A 1 83 ? -21.32938 -6.10075  2.86128   1.000 32.08767  ? 140 VAL A CG1 1 
ATOM   662 C CG2 . VAL A 1 83 ? -21.27427 -8.22732  4.17189   1.000 37.90187  ? 140 VAL A CG2 1 
ATOM   663 N N   . SER A 1 84 ? -17.94132 -8.90974  4.64442   1.000 43.42086  ? 141 SER A N   1 
ATOM   664 C CA  . SER A 1 84 ? -17.33854 -9.69979  5.70537   1.000 42.88181  ? 141 SER A CA  1 
ATOM   665 C C   . SER A 1 84 ? -15.91004 -10.06826 5.33733   1.000 54.40181  ? 141 SER A C   1 
ATOM   666 O O   . SER A 1 84 ? -15.61594 -10.42774 4.19104   1.000 44.13180  ? 141 SER A O   1 
ATOM   667 C CB  . SER A 1 84 ? -18.14029 -10.97580 5.97976   1.000 41.26181  ? 141 SER A CB  1 
ATOM   668 O OG  . SER A 1 84 ? -17.44149 -11.81712 6.88323   1.000 51.48764  ? 141 SER A OG  1 
ATOM   669 N N   . ARG A 1 85 ? -15.02537 -9.97291  6.32806   1.000 51.64181  ? 142 ARG A N   1 
ATOM   670 C CA  . ARG A 1 85 ? -13.64872 -10.39966 6.14865   1.000 48.81942  ? 142 ARG A CA  1 
ATOM   671 C C   . ARG A 1 85 ? -13.52513 -11.91682 6.05342   1.000 51.28007  ? 142 ARG A C   1 
ATOM   672 O O   . ARG A 1 85 ? -12.57087 -12.41082 5.44751   1.000 51.46461  ? 142 ARG A O   1 
ATOM   673 C CB  . ARG A 1 85 ? -12.80793 -9.86314  7.30658   1.000 50.64997  ? 142 ARG A CB  1 
ATOM   674 C CG  . ARG A 1 85 ? -11.32407 -10.12805 7.20052   1.000 60.38677  ? 142 ARG A CG  1 
ATOM   675 C CD  . ARG A 1 85 ? -10.66167 -9.92269  8.55332   1.000 65.71079  ? 142 ARG A CD  1 
ATOM   676 N NE  . ARG A 1 85 ? -10.99166 -8.61925  9.12203   1.000 65.42728  ? 142 ARG A NE  1 
ATOM   677 C CZ  . ARG A 1 85 ? -10.19938 -7.55533  9.05436   1.000 59.27557  ? 142 ARG A CZ  1 
ATOM   678 N NH1 . ARG A 1 85 ? -9.02028  -7.64366  8.44969   1.000 58.12828  ? 142 ARG A NH1 1 
ATOM   679 N NH2 . ARG A 1 85 ? -10.57953 -6.40486  9.59322   1.000 53.50500  ? 142 ARG A NH2 1 
ATOM   680 N N   . ASN A 1 86 ? -14.47532 -12.66484 6.61835   1.000 52.42524  ? 143 ASN A N   1 
ATOM   681 C CA  . ASN A 1 86 ? -14.36974 -14.11493 6.71439   1.000 49.50419  ? 143 ASN A CA  1 
ATOM   682 C C   . ASN A 1 86 ? -15.22209 -14.86063 5.69771   1.000 50.52433  ? 143 ASN A C   1 
ATOM   683 O O   . ASN A 1 86 ? -15.07385 -16.08043 5.57435   1.000 50.42181  ? 143 ASN A O   1 
ATOM   684 C CB  . ASN A 1 86 ? -14.76827 -14.59013 8.11732   1.000 58.86181  ? 143 ASN A CB  1 
ATOM   685 C CG  . ASN A 1 86 ? -14.06070 -13.83143 9.21639   1.000 62.17684  ? 143 ASN A CG  1 
ATOM   686 O OD1 . ASN A 1 86 ? -14.69515 -13.32920 10.14590  1.000 66.21862  ? 143 ASN A OD1 1 
ATOM   687 N ND2 . ASN A 1 86 ? -12.74018 -13.74375 9.11799   1.000 62.37894  ? 143 ASN A ND2 1 
ATOM   688 N N   . GLN A 1 87 ? -16.12170 -14.17560 4.99661   1.000 50.20383  ? 144 GLN A N   1 
ATOM   689 C CA  . GLN A 1 87 ? -16.99951 -14.81107 4.02597   1.000 46.36269  ? 144 GLN A CA  1 
ATOM   690 C C   . GLN A 1 87 ? -17.19058 -13.87957 2.84118   1.000 48.52300  ? 144 GLN A C   1 
ATOM   691 O O   . GLN A 1 87 ? -16.97224 -12.67091 2.93666   1.000 54.77181  ? 144 GLN A O   1 
ATOM   692 C CB  . GLN A 1 87 ? -18.36633 -15.15452 4.62622   1.000 51.18181  ? 144 GLN A CB  1 
ATOM   693 C CG  . GLN A 1 87 ? -18.33858 -16.11242 5.79450   1.000 47.68457  ? 144 GLN A CG  1 
ATOM   694 C CD  . GLN A 1 87 ? -19.73157 -16.47080 6.25377   1.000 56.25181  ? 144 GLN A CD  1 
ATOM   695 O OE1 . GLN A 1 87 ? -20.34284 -15.74652 7.03913   1.000 47.28072  ? 144 GLN A OE1 1 
ATOM   696 N NE2 . GLN A 1 87 ? -20.25137 -17.58560 5.75214   1.000 57.19272  ? 144 GLN A NE2 1 
ATOM   697 N N   . GLN A 1 88 ? -17.61900 -14.45430 1.71912   1.000 43.27135  ? 145 GLN A N   1 
ATOM   698 C CA  . GLN A 1 88 ? -17.90887 -13.67762 0.51501   1.000 43.91669  ? 145 GLN A CA  1 
ATOM   699 C C   . GLN A 1 88 ? -19.39874 -13.36416 0.50491   1.000 40.86335  ? 145 GLN A C   1 
ATOM   700 O O   . GLN A 1 88 ? -20.21808 -14.14992 0.03124   1.000 41.46614  ? 145 GLN A O   1 
ATOM   701 C CB  . GLN A 1 88 ? -17.47409 -14.43271 -0.73565  1.000 42.38749  ? 145 GLN A CB  1 
ATOM   702 C CG  . GLN A 1 88 ? -15.97689 -14.65637 -0.81221  1.000 45.71898  ? 145 GLN A CG  1 
ATOM   703 C CD  . GLN A 1 88 ? -15.19016 -13.39042 -0.51755  1.000 56.45202  ? 145 GLN A CD  1 
ATOM   704 O OE1 . GLN A 1 88 ? -15.17012 -12.45699 -1.32042  1.000 56.54963  ? 145 GLN A OE1 1 
ATOM   705 N NE2 . GLN A 1 88 ? -14.54501 -13.34845 0.64647   1.000 62.50660  ? 145 GLN A NE2 1 
ATOM   706 N N   . ILE A 1 89 ? -19.75306 -12.19491 1.03547   1.000 39.19178  ? 146 ILE A N   1 
ATOM   707 C CA  . ILE A 1 89 ? -21.13800 -11.74342 1.12218   1.000 37.69293  ? 146 ILE A CA  1 
ATOM   708 C C   . ILE A 1 89 ? -21.23715 -10.40365 0.40437   1.000 41.58464  ? 146 ILE A C   1 
ATOM   709 O O   . ILE A 1 89 ? -20.60119 -9.42805  0.81709   1.000 35.93972  ? 146 ILE A O   1 
ATOM   710 C CB  . ILE A 1 89 ? -21.59483 -11.63067 2.58566   1.000 37.91811  ? 146 ILE A CB  1 
ATOM   711 C CG1 . ILE A 1 89 ? -21.40088 -12.97923 3.28898   1.000 44.75914  ? 146 ILE A CG1 1 
ATOM   712 C CG2 . ILE A 1 89 ? -23.03402 -11.16580 2.66871   1.000 34.49562  ? 146 ILE A CG2 1 
ATOM   713 C CD1 . ILE A 1 89 ? -21.68691 -12.96085 4.76748   1.000 45.89147  ? 146 ILE A CD1 1 
ATOM   714 N N   . PHE A 1 90 ? -22.02284 -10.35475 -0.66974  1.000 37.03076  ? 147 PHE A N   1 
ATOM   715 C CA  . PHE A 1 90 ? -22.17004 -9.15059  -1.47704  1.000 38.15056  ? 147 PHE A CA  1 
ATOM   716 C C   . PHE A 1 90 ? -23.60478 -8.64759  -1.41252  1.000 43.70236  ? 147 PHE A C   1 
ATOM   717 O O   . PHE A 1 90 ? -24.55333 -9.43531  -1.47677  1.000 41.85973  ? 147 PHE A O   1 
ATOM   718 C CB  . PHE A 1 90 ? -21.77589 -9.40739  -2.93583  1.000 40.12261  ? 147 PHE A CB  1 
ATOM   719 C CG  . PHE A 1 90 ? -20.42277 -10.04596 -3.09705  1.000 40.25346  ? 147 PHE A CG  1 
ATOM   720 C CD1 . PHE A 1 90 ? -19.26610 -9.29884  -2.94596  1.000 43.98465  ? 147 PHE A CD1 1 
ATOM   721 C CD2 . PHE A 1 90 ? -20.30963 -11.39272 -3.40917  1.000 44.79870  ? 147 PHE A CD2 1 
ATOM   722 C CE1 . PHE A 1 90 ? -18.01326 -9.88517  -3.09742  1.000 42.75041  ? 147 PHE A CE1 1 
ATOM   723 C CE2 . PHE A 1 90 ? -19.06658 -11.98699 -3.56713  1.000 41.78499  ? 147 PHE A CE2 1 
ATOM   724 C CZ  . PHE A 1 90 ? -17.91415 -11.23441 -3.40956  1.000 44.38441  ? 147 PHE A CZ  1 
ATOM   725 N N   . LEU A 1 91 ? -23.75632 -7.32652  -1.31386  1.000 39.73753  ? 148 LEU A N   1 
ATOM   726 C CA  . LEU A 1 91 ? -25.05798 -6.70953  -1.09150  1.000 39.42870  ? 148 LEU A CA  1 
ATOM   727 C C   . LEU A 1 91 ? -25.91787 -6.74426  -2.35068  1.000 38.76624  ? 148 LEU A C   1 
ATOM   728 O O   . LEU A 1 91 ? -25.45430 -6.38273  -3.43466  1.000 38.76552  ? 148 LEU A O   1 
ATOM   729 C CB  . LEU A 1 91 ? -24.87872 -5.26086  -0.64061  1.000 38.85736  ? 148 LEU A CB  1 
ATOM   730 C CG  . LEU A 1 91 ? -24.13179 -5.07420  0.67605   1.000 35.78439  ? 148 LEU A CG  1 
ATOM   731 C CD1 . LEU A 1 91 ? -24.09091 -3.60330  1.05610   1.000 34.30803  ? 148 LEU A CD1 1 
ATOM   732 C CD2 . LEU A 1 91 ? -24.81525 -5.90036  1.74509   1.000 34.50192  ? 148 LEU A CD2 1 
ATOM   733 N N   . ARG A 1 92 ? -27.17884 -7.14003  -2.19559  1.000 38.48496  ? 149 ARG A N   1 
ATOM   734 C CA  . ARG A 1 92 ? -28.16318 -7.09752  -3.27057  1.000 43.87630  ? 149 ARG A CA  1 
ATOM   735 C C   . ARG A 1 92 ? -29.43220 -6.42501  -2.77795  1.000 43.64845  ? 149 ARG A C   1 
ATOM   736 O O   . ARG A 1 92 ? -29.87801 -6.67486  -1.65613  1.000 41.97432  ? 149 ARG A O   1 
ATOM   737 C CB  . ARG A 1 92 ? -28.50495 -8.48875  -3.78012  1.000 44.76418  ? 149 ARG A CB  1 
ATOM   738 C CG  . ARG A 1 92 ? -27.42852 -9.10621  -4.59846  1.000 42.06141  ? 149 ARG A CG  1 
ATOM   739 C CD  . ARG A 1 92 ? -27.89386 -10.41032 -5.17647  1.000 49.50534  ? 149 ARG A CD  1 
ATOM   740 N NE  . ARG A 1 92 ? -29.01411 -10.24945 -6.09905  1.000 53.41670  ? 149 ARG A NE  1 
ATOM   741 C CZ  . ARG A 1 92 ? -29.50212 -11.24636 -6.82461  1.000 47.69964  ? 149 ARG A CZ  1 
ATOM   742 N NH1 . ARG A 1 92 ? -28.95605 -12.44729 -6.71706  1.000 45.13229  ? 149 ARG A NH1 1 
ATOM   743 N NH2 . ARG A 1 92 ? -30.52122 -11.05096 -7.65142  1.000 47.93548  ? 149 ARG A NH2 1 
ATOM   744 N N   . ASP A 1 93 ? -30.03183 -5.59935  -3.63270  1.000 43.23305  ? 150 ASP A N   1 
ATOM   745 C CA  . ASP A 1 93 ? -31.21253 -4.84873  -3.23059  1.000 49.09577  ? 150 ASP A CA  1 
ATOM   746 C C   . ASP A 1 93 ? -32.34705 -5.78194  -2.82889  1.000 47.12738  ? 150 ASP A C   1 
ATOM   747 O O   . ASP A 1 93 ? -32.51834 -6.86768  -3.38727  1.000 50.93923  ? 150 ASP A O   1 
ATOM   748 C CB  . ASP A 1 93 ? -31.67580 -3.92959  -4.35767  1.000 51.60563  ? 150 ASP A CB  1 
ATOM   749 C CG  . ASP A 1 93 ? -30.70477 -2.80505  -4.61974  1.000 58.55295  ? 150 ASP A CG  1 
ATOM   750 O OD1 . ASP A 1 93 ? -29.87481 -2.93967  -5.54304  1.000 68.29534  ? 150 ASP A OD1 1 
ATOM   751 O OD2 . ASP A 1 93 ? -30.76542 -1.79260  -3.88976  1.000 63.43181  ? 150 ASP A OD2 1 
ATOM   752 N N   . ILE A 1 94 ? -33.10672 -5.34820  -1.82343  1.000 37.74181  ? 151 ILE A N   1 
ATOM   753 C CA  . ILE A 1 94 ? -34.32029 -6.04264  -1.42746  1.000 43.62287  ? 151 ILE A CA  1 
ATOM   754 C C   . ILE A 1 94 ? -35.34002 -5.96186  -2.55722  1.000 53.23394  ? 151 ILE A C   1 
ATOM   755 O O   . ILE A 1 94 ? -35.41080 -4.96828  -3.29330  1.000 51.59948  ? 151 ILE A O   1 
ATOM   756 C CB  . ILE A 1 94 ? -34.87473 -5.43282  -0.12736  1.000 43.13695  ? 151 ILE A CB  1 
ATOM   757 C CG1 . ILE A 1 94 ? -33.99753 -5.81157  1.06215   1.000 47.57075  ? 151 ILE A CG1 1 
ATOM   758 C CG2 . ILE A 1 94 ? -36.30851 -5.86507  0.13064   1.000 57.25293  ? 151 ILE A CG2 1 
ATOM   759 C CD1 . ILE A 1 94 ? -34.53670 -5.31307  2.37150   1.000 43.56381  ? 151 ILE A CD1 1 
ATOM   760 N N   . GLU A 1 95 ? -36.12739 -7.01910  -2.70651  1.000 55.68107  ? 152 GLU A N   1 
ATOM   761 C CA  . GLU A 1 95 ? -37.23737 -7.00677  -3.65113  1.000 52.36127  ? 152 GLU A CA  1 
ATOM   762 C C   . GLU A 1 95 ? -38.54902 -6.60922  -2.98056  1.000 64.33205  ? 152 GLU A C   1 
ATOM   763 O O   . GLU A 1 95 ? -39.31153 -7.46585  -2.53491  1.000 74.71181  ? 152 GLU A O   1 
ATOM   764 C CB  . GLU A 1 95 ? -37.37392 -8.37040  -4.30208  1.000 58.32014  ? 152 GLU A CB  1 
ATOM   765 C CG  . GLU A 1 95 ? -36.11534 -8.80860  -5.00772  1.000 52.27491  ? 152 GLU A CG  1 
ATOM   766 C CD  . GLU A 1 95 ? -36.10836 -10.29474 -5.28085  1.000 77.15289  ? 152 GLU A CD  1 
ATOM   767 O OE1 . GLU A 1 95 ? -35.94644 -10.69132 -6.45462  1.000 74.20942  ? 152 GLU A OE1 1 
ATOM   768 O OE2 . GLU A 1 95 ? -36.27417 -11.06703 -4.31364  1.000 82.55029  ? 152 GLU A OE2 1 
HETATM 769 O O   . HOH B 2 .  ? -22.23028 5.54058   -4.62423  1.000 53.07228  ? 201 HOH A O   1 
HETATM 770 O O   . HOH B 2 .  ? 9.91609   10.16522  -3.60652  1.000 61.74029  ? 202 HOH A O   1 
HETATM 771 O O   . HOH B 2 .  ? -27.21911 2.16455   -3.59751  1.000 36.23320  ? 203 HOH A O   1 
HETATM 772 O O   . HOH B 2 .  ? -16.14245 -2.99891  -4.55022  1.000 36.88560  ? 204 HOH A O   1 
HETATM 773 O O   . HOH B 2 .  ? -13.68855 -11.38595 2.06200   1.000 53.54389  ? 205 HOH A O   1 
HETATM 774 O O   . HOH B 2 .  ? -19.64027 -13.40904 7.89353   1.000 48.52675  ? 206 HOH A O   1 
HETATM 775 O O   . HOH B 2 .  ? -10.88487 -2.47929  -2.86161  1.000 55.10129  ? 207 HOH A O   1 
HETATM 776 O O   . HOH B 2 .  ? -19.77801 -1.89846  -6.57235  1.000 36.65796  ? 208 HOH A O   1 
HETATM 777 O O   . HOH B 2 .  ? -4.59132  -2.25659  3.53476   1.000 41.80811  ? 209 HOH A O   1 
HETATM 778 O O   . HOH B 2 .  ? 0.93212   4.54211   1.31946   1.000 49.59181  ? 210 HOH A O   1 
HETATM 779 O O   . HOH B 2 .  ? -17.35519 -6.77201  8.35627   1.000 40.92234  ? 211 HOH A O   1 
HETATM 780 O O   . HOH B 2 .  ? 15.57915  5.98024   2.74193   1.000 52.50988  ? 212 HOH A O   1 
HETATM 781 O O   . HOH B 2 .  ? -24.99929 -11.47877 -3.17883  1.000 50.34393  ? 213 HOH A O   1 
HETATM 782 O O   . HOH B 2 .  ? -17.26919 -12.55545 9.75060   1.000 62.55446  ? 214 HOH A O   1 
HETATM 783 O O   . HOH B 2 .  ? -23.95193 -7.70533  -5.48362  1.000 37.92969  ? 215 HOH A O   1 
HETATM 784 O O   . HOH B 2 .  ? 12.41097  3.83878   10.72861  1.000 38.95401  ? 216 HOH A O   1 
HETATM 785 O O   . HOH B 2 .  ? 15.15289  12.55681  9.19221   1.000 65.99475  ? 217 HOH A O   1 
HETATM 786 O O   . HOH B 2 .  ? 6.30672   4.27738   8.67707   1.000 38.89171  ? 218 HOH A O   1 
HETATM 787 O O   . HOH B 2 .  ? -6.13054  -0.45330  14.30046  1.000 49.21709  ? 219 HOH A O   1 
HETATM 788 O O   . HOH B 2 .  ? -31.93204 -3.36192  -0.22303  1.000 43.13182  ? 220 HOH A O   1 
HETATM 789 O O   . HOH B 2 .  ? -27.43544 -13.84585 -4.81219  1.000 55.43638  ? 221 HOH A O   1 
HETATM 790 O O   . HOH B 2 .  ? -2.09547  -1.68294  2.89134   1.000 39.44673  ? 222 HOH A O   1 
HETATM 791 O O   . HOH B 2 .  ? 8.16503   7.68484   0.57586   1.000 52.35181  ? 223 HOH A O   1 
HETATM 792 O O   . HOH B 2 .  ? -23.40988 -12.63036 -1.60221  1.000 48.39640  ? 224 HOH A O   1 
HETATM 793 O O   . HOH B 2 .  ? -12.24925 -5.80531  -3.93727  1.000 55.50548  ? 225 HOH A O   1 
HETATM 794 O O   . HOH B 2 .  ? 6.42953   4.89158   11.02936  1.000 47.39126  ? 226 HOH A O   1 
HETATM 795 O O   . HOH B 2 .  ? -18.40403 3.59694   -3.56137  1.000 46.98526  ? 227 HOH A O   1 
HETATM 796 O O   . HOH B 2 .  ? -16.16611 7.71586   -0.28150  1.000 45.55940  ? 228 HOH A O   1 
HETATM 797 O O   . HOH B 2 .  ? 13.49627  6.35731   9.16939   1.000 47.06684  ? 229 HOH A O   1 
HETATM 798 O O   . HOH B 2 .  ? 8.00018   -7.94082  -15.41486 1.000 55.10522  ? 230 HOH A O   1 
HETATM 799 O O   . HOH B 2 .  ? -9.85730  3.32734   11.69959  1.000 52.35827  ? 231 HOH A O   1 
HETATM 800 O O   . HOH B 2 .  ? -17.07074 11.46854  -2.13589  1.000 55.26308  ? 232 HOH A O   1 
HETATM 801 O O   . HOH B 2 .  ? -14.46081 -9.53839  -1.59023  1.000 43.74699  ? 233 HOH A O   1 
HETATM 802 O O   . HOH B 2 .  ? -5.60539  5.06577   2.78345   1.000 49.49462  ? 234 HOH A O   1 
HETATM 803 O O   . HOH B 2 .  ? -7.35592  5.56621   7.61898   1.000 45.37675  ? 235 HOH A O   1 
HETATM 804 O O   . HOH B 2 .  ? -28.82167 7.35329   -4.50891  1.000 61.93488  ? 236 HOH A O   1 
HETATM 805 O O   . HOH B 2 .  ? 2.92784   7.53547   -0.56509  1.000 48.62275  ? 237 HOH A O   1 
HETATM 806 O O   . HOH B 2 .  ? 21.44155  -2.12314  3.00310   1.000 64.93148  ? 238 HOH A O   1 
HETATM 807 O O   . HOH B 2 .  ? 7.69201   8.05676   -9.99429  1.000 64.79703  ? 239 HOH A O   1 
HETATM 808 O O   . HOH B 2 .  ? 7.23300   9.30652   -12.00708 1.000 60.93128  ? 240 HOH A O   1 
HETATM 809 O O   . HOH B 2 .  ? -12.77903 -3.27781  2.04130   1.000 48.03349  ? 241 HOH A O   1 
HETATM 810 O O   . HOH B 2 .  ? -32.38099 -12.70669 -9.88432  1.000 56.62340  ? 242 HOH A O   1 
HETATM 811 O O   . HOH B 2 .  ? -3.89853  6.86328   10.28387  1.000 51.12827  ? 243 HOH A O   1 
HETATM 812 O O   . HOH B 2 .  ? 6.77361   7.98170   -6.59051  1.000 57.95262  ? 244 HOH A O   1 
HETATM 813 O O   . HOH B 2 .  ? -25.43797 -12.73332 -5.88105  1.000 59.27181  ? 245 HOH A O   1 
HETATM 814 O O   . HOH B 2 .  ? 4.09733   7.30579   11.04999  1.000 63.40137  ? 246 HOH A O   1 
HETATM 815 O O   . HOH B 2 .  ? -13.90460 7.88956   -1.08561  1.000 64.53256  ? 247 HOH A O   1 
HETATM 816 O O   . HOH B 2 .  ? -22.06800 -2.28457  -8.11794  1.000 36.10326  ? 248 HOH A O   1 
HETATM 817 O O   . HOH B 2 .  ? -20.92667 9.87441   -5.17920  1.000 69.64181  ? 249 HOH A O   1 
HETATM 818 O O   . HOH B 2 .  ? -22.97635 8.15707   -4.46774  1.000 55.76902  ? 250 HOH A O   1 
HETATM 819 O O   . HOH B 2 .  ? -27.58715 -16.35183 -5.27849  1.000 63.50512  ? 251 HOH A O   1 
# 
loop_
_pdbx_poly_seq_scheme.asym_id 
_pdbx_poly_seq_scheme.entity_id 
_pdbx_poly_seq_scheme.seq_id 
_pdbx_poly_seq_scheme.mon_id 
_pdbx_poly_seq_scheme.ndb_seq_num 
_pdbx_poly_seq_scheme.pdb_seq_num 
_pdbx_poly_seq_scheme.auth_seq_num 
_pdbx_poly_seq_scheme.pdb_mon_id 
_pdbx_poly_seq_scheme.auth_mon_id 
_pdbx_poly_seq_scheme.pdb_strand_id 
_pdbx_poly_seq_scheme.pdb_ins_code 
_pdbx_poly_seq_scheme.hetero 
A 1 1  GLY 1  58  ?   ?   ?   A . n 
A 1 2  SER 2  59  ?   ?   ?   A . n 
A 1 3  TRP 3  60  60  TRP TRP A . n 
A 1 4  PHE 4  61  61  PHE PHE A . n 
A 1 5  PHE 5  62  62  PHE PHE A . n 
A 1 6  GLY 6  63  63  GLY GLY A . n 
A 1 7  LYS 7  64  64  LYS LYS A . n 
A 1 8  ILE 8  65  65  ILE ILE A . n 
A 1 9  PRO 9  66  66  PRO PRO A . n 
A 1 10 ARG 10 67  67  ARG ARG A . n 
A 1 11 ALA 11 68  68  ALA ALA A . n 
A 1 12 LYS 12 69  69  LYS LYS A . n 
A 1 13 ALA 13 70  70  ALA ALA A . n 
A 1 14 GLU 14 71  71  GLU GLU A . n 
A 1 15 GLU 15 72  72  GLU GLU A . n 
A 1 16 MET 16 73  73  MET MET A . n 
A 1 17 LEU 17 74  74  LEU LEU A . n 
A 1 18 SER 18 75  75  SER SER A . n 
A 1 19 LYS 19 76  76  LYS LYS A . n 
A 1 20 GLN 20 77  77  GLN GLN A . n 
A 1 21 ARG 21 78  78  ARG ARG A . n 
A 1 22 HIS 22 79  79  HIS HIS A . n 
A 1 23 ASP 23 80  80  ASP ASP A . n 
A 1 24 GLY 24 81  81  GLY GLY A . n 
A 1 25 ALA 25 82  82  ALA ALA A . n 
A 1 26 PHE 26 83  83  PHE PHE A . n 
A 1 27 LEU 27 84  84  LEU LEU A . n 
A 1 28 ILE 28 85  85  ILE ILE A . n 
A 1 29 ARG 29 86  86  ARG ARG A . n 
A 1 30 GLU 30 87  87  GLU GLU A . n 
A 1 31 SER 31 88  88  SER SER A . n 
A 1 32 GLU 32 89  89  GLU GLU A . n 
A 1 33 SER 33 90  90  SER SER A . n 
A 1 34 ALA 34 91  91  ALA ALA A . n 
A 1 35 PRO 35 92  92  PRO PRO A . n 
A 1 36 GLY 36 93  93  GLY GLY A . n 
A 1 37 ASP 37 94  94  ASP ASP A . n 
A 1 38 PHE 38 95  95  PHE PHE A . n 
A 1 39 SER 39 96  96  SER SER A . n 
A 1 40 LEU 40 97  97  LEU LEU A . n 
A 1 41 SER 41 98  98  SER SER A . n 
A 1 42 VAL 42 99  99  VAL VAL A . n 
A 1 43 LYS 43 100 100 LYS LYS A . n 
A 1 44 PHE 44 101 101 PHE PHE A . n 
A 1 45 GLY 45 102 102 GLY GLY A . n 
A 1 46 ASN 46 103 103 ASN ASN A . n 
A 1 47 ASP 47 104 104 ASP ASP A . n 
A 1 48 VAL 48 105 105 VAL VAL A . n 
A 1 49 GLN 49 106 106 GLN GLN A . n 
A 1 50 HIS 50 107 107 HIS HIS A . n 
A 1 51 PHE 51 108 108 PHE PHE A . n 
A 1 52 LYS 52 109 109 LYS LYS A . n 
A 1 53 VAL 53 110 110 VAL VAL A . n 
A 1 54 LEU 54 111 111 LEU LEU A . n 
A 1 55 ARG 55 112 112 ARG ARG A . n 
A 1 56 ASP 56 113 113 ASP ASP A . n 
A 1 57 GLY 57 114 114 GLY GLY A . n 
A 1 58 ALA 58 115 115 ALA ALA A . n 
A 1 59 GLY 59 116 116 GLY GLY A . n 
A 1 60 LYS 60 117 117 LYS LYS A . n 
A 1 61 TYR 61 118 118 TYR TYR A . n 
A 1 62 PHE 62 119 119 PHE PHE A . n 
A 1 63 LEU 63 120 120 LEU LEU A . n 
A 1 64 TRP 64 121 121 TRP TRP A . n 
A 1 65 VAL 65 122 122 VAL VAL A . n 
A 1 66 VAL 66 123 123 VAL VAL A . n 
A 1 67 LYS 67 124 124 LYS LYS A . n 
A 1 68 PHE 68 125 125 PHE PHE A . n 
A 1 69 ASN 69 126 126 ASN ASN A . n 
A 1 70 SER 70 127 127 SER SER A . n 
A 1 71 LEU 71 128 128 LEU LEU A . n 
A 1 72 ASN 72 129 129 ASN ASN A . n 
A 1 73 GLU 73 130 130 GLU GLU A . n 
A 1 74 LEU 74 131 131 LEU LEU A . n 
A 1 75 VAL 75 132 132 VAL VAL A . n 
A 1 76 ASP 76 133 133 ASP ASP A . n 
A 1 77 TYR 77 134 134 TYR TYR A . n 
A 1 78 HIS 78 135 135 HIS HIS A . n 
A 1 79 ARG 79 136 136 ARG ARG A . n 
A 1 80 SER 80 137 137 SER SER A . n 
A 1 81 THR 81 138 138 THR THR A . n 
A 1 82 SER 82 139 139 SER SER A . n 
A 1 83 VAL 83 140 140 VAL VAL A . n 
A 1 84 SER 84 141 141 SER SER A . n 
A 1 85 ARG 85 142 142 ARG ARG A . n 
A 1 86 ASN 86 143 143 ASN ASN A . n 
A 1 87 GLN 87 144 144 GLN GLN A . n 
A 1 88 GLN 88 145 145 GLN GLN A . n 
A 1 89 ILE 89 146 146 ILE ILE A . n 
A 1 90 PHE 90 147 147 PHE PHE A . n 
A 1 91 LEU 91 148 148 LEU LEU A . n 
A 1 92 ARG 92 149 149 ARG ARG A . n 
A 1 93 ASP 93 150 150 ASP ASP A . n 
A 1 94 ILE 94 151 151 ILE ILE A . n 
A 1 95 GLU 95 152 152 GLU GLU A . n 
# 
loop_
_pdbx_nonpoly_scheme.asym_id 
_pdbx_nonpoly_scheme.entity_id 
_pdbx_nonpoly_scheme.mon_id 
_pdbx_nonpoly_scheme.ndb_seq_num 
_pdbx_nonpoly_scheme.pdb_seq_num 
_pdbx_nonpoly_scheme.auth_seq_num 
_pdbx_nonpoly_scheme.pdb_mon_id 
_pdbx_nonpoly_scheme.auth_mon_id 
_pdbx_nonpoly_scheme.pdb_strand_id 
_pdbx_nonpoly_scheme.pdb_ins_code 
B 2 HOH 1  201 21 HOH HOH A . 
B 2 HOH 2  202 37 HOH HOH A . 
B 2 HOH 3  203 2  HOH HOH A . 
B 2 HOH 4  204 5  HOH HOH A . 
B 2 HOH 5  205 38 HOH HOH A . 
B 2 HOH 6  206 10 HOH HOH A . 
B 2 HOH 7  207 13 HOH HOH A . 
B 2 HOH 8  208 7  HOH HOH A . 
B 2 HOH 9  209 8  HOH HOH A . 
B 2 HOH 10 210 14 HOH HOH A . 
B 2 HOH 11 211 20 HOH HOH A . 
B 2 HOH 12 212 28 HOH HOH A . 
B 2 HOH 13 213 27 HOH HOH A . 
B 2 HOH 14 214 16 HOH HOH A . 
B 2 HOH 15 215 6  HOH HOH A . 
B 2 HOH 16 216 3  HOH HOH A . 
B 2 HOH 17 217 51 HOH HOH A . 
B 2 HOH 18 218 12 HOH HOH A . 
B 2 HOH 19 219 22 HOH HOH A . 
B 2 HOH 20 220 26 HOH HOH A . 
B 2 HOH 21 221 15 HOH HOH A . 
B 2 HOH 22 222 4  HOH HOH A . 
B 2 HOH 23 223 18 HOH HOH A . 
B 2 HOH 24 224 19 HOH HOH A . 
B 2 HOH 25 225 41 HOH HOH A . 
B 2 HOH 26 226 25 HOH HOH A . 
B 2 HOH 27 227 30 HOH HOH A . 
B 2 HOH 28 228 34 HOH HOH A . 
B 2 HOH 29 229 29 HOH HOH A . 
B 2 HOH 30 230 23 HOH HOH A . 
B 2 HOH 31 231 36 HOH HOH A . 
B 2 HOH 32 232 32 HOH HOH A . 
B 2 HOH 33 233 9  HOH HOH A . 
B 2 HOH 34 234 17 HOH HOH A . 
B 2 HOH 35 235 35 HOH HOH A . 
B 2 HOH 36 236 50 HOH HOH A . 
B 2 HOH 37 237 42 HOH HOH A . 
B 2 HOH 38 238 47 HOH HOH A . 
B 2 HOH 39 239 24 HOH HOH A . 
B 2 HOH 40 240 11 HOH HOH A . 
B 2 HOH 41 241 33 HOH HOH A . 
B 2 HOH 42 242 40 HOH HOH A . 
B 2 HOH 43 243 43 HOH HOH A . 
B 2 HOH 44 244 39 HOH HOH A . 
B 2 HOH 45 245 44 HOH HOH A . 
B 2 HOH 46 246 48 HOH HOH A . 
B 2 HOH 47 247 49 HOH HOH A . 
B 2 HOH 48 248 1  HOH HOH A . 
B 2 HOH 49 249 46 HOH HOH A . 
B 2 HOH 50 250 31 HOH HOH A . 
B 2 HOH 51 251 45 HOH HOH A . 
# 
_pdbx_struct_assembly.id                   1 
_pdbx_struct_assembly.details              author_and_software_defined_assembly 
_pdbx_struct_assembly.method_details       PISA 
_pdbx_struct_assembly.oligomeric_details   dimeric 
_pdbx_struct_assembly.oligomeric_count     2 
# 
_pdbx_struct_assembly_gen.assembly_id       1 
_pdbx_struct_assembly_gen.oper_expression   1,2 
_pdbx_struct_assembly_gen.asym_id_list      A,B 
# 
loop_
_pdbx_struct_assembly_prop.biol_id 
_pdbx_struct_assembly_prop.type 
_pdbx_struct_assembly_prop.value 
_pdbx_struct_assembly_prop.details 
1 'ABSA (A^2)' 4780  ? 
1 MORE         -29   ? 
1 'SSA (A^2)'  10530 ? 
# 
loop_
_pdbx_struct_oper_list.id 
_pdbx_struct_oper_list.type 
_pdbx_struct_oper_list.name 
_pdbx_struct_oper_list.symmetry_operation 
_pdbx_struct_oper_list.matrix[1][1] 
_pdbx_struct_oper_list.matrix[1][2] 
_pdbx_struct_oper_list.matrix[1][3] 
_pdbx_struct_oper_list.vector[1] 
_pdbx_struct_oper_list.matrix[2][1] 
_pdbx_struct_oper_list.matrix[2][2] 
_pdbx_struct_oper_list.matrix[2][3] 
_pdbx_struct_oper_list.vector[2] 
_pdbx_struct_oper_list.matrix[3][1] 
_pdbx_struct_oper_list.matrix[3][2] 
_pdbx_struct_oper_list.matrix[3][3] 
_pdbx_struct_oper_list.vector[3] 
1 'identity operation'         1_555 x,y,z     1.0000000000  0.0000000000 0.0000000000 0.0000000000   0.0000000000 1.0000000000  0.0000000000 0.0000000000  0.0000000000 0.0000000000 1.0000000000 0.0000000000 
2 'crystal symmetry operation' 5_655 -x+1,y,-z -0.9790517257 0.1281733029 0.1582065825 -17.9911899610 0.1281733029 -0.2157637726 0.9679966936 -4.4109606281 0.1582065825 0.9679966936 0.1948154983 5.9558316685 
# 
loop_
_pdbx_audit_revision_history.ordinal 
_pdbx_audit_revision_history.data_content_type 
_pdbx_audit_revision_history.major_revision 
_pdbx_audit_revision_history.minor_revision 
_pdbx_audit_revision_history.revision_date 
1 'Structure model' 1 0 2019-07-17 
2 'Structure model' 1 1 2023-11-22 
# 
_pdbx_audit_revision_details.ordinal             1 
_pdbx_audit_revision_details.revision_ordinal    1 
_pdbx_audit_revision_details.data_content_type   'Structure model' 
_pdbx_audit_revision_details.provider            repository 
_pdbx_audit_revision_details.type                'Initial release' 
_pdbx_audit_revision_details.description         ? 
_pdbx_audit_revision_details.details             ? 
# 
loop_
_pdbx_audit_revision_group.ordinal 
_pdbx_audit_revision_group.revision_ordinal 
_pdbx_audit_revision_group.data_content_type 
_pdbx_audit_revision_group.group 
1 2 'Structure model' 'Data collection'        
2 2 'Structure model' 'Database references'    
3 2 'Structure model' 'Refinement description' 
# 
loop_
_pdbx_audit_revision_category.ordinal 
_pdbx_audit_revision_category.revision_ordinal 
_pdbx_audit_revision_category.data_content_type 
_pdbx_audit_revision_category.category 
1 2 'Structure model' chem_comp_atom                
2 2 'Structure model' chem_comp_bond                
3 2 'Structure model' database_2                    
4 2 'Structure model' pdbx_initial_refinement_model 
# 
loop_
_pdbx_audit_revision_item.ordinal 
_pdbx_audit_revision_item.revision_ordinal 
_pdbx_audit_revision_item.data_content_type 
_pdbx_audit_revision_item.item 
1 2 'Structure model' '_database_2.pdbx_DOI'                
2 2 'Structure model' '_database_2.pdbx_database_accession' 
# 
loop_
_space_group_symop.id 
_space_group_symop.operation_xyz 
1  x,y,z                
2  -y,x,z               
3  y,-x,z               
4  x,-y,-z              
5  -x,y,-z              
6  -x,-y,z              
7  y,x,-z               
8  -y,-x,-z             
9  x+1/2,y+1/2,z+1/2    
10 -y+1/2,x+1/2,z+1/2   
11 y+1/2,-x+1/2,z+1/2   
12 x+1/2,-y+1/2,-z+1/2  
13 -x+1/2,y+1/2,-z+1/2  
14 -x+1/2,-y+1/2,z+1/2  
15 y+1/2,x+1/2,-z+1/2   
16 -y+1/2,-x+1/2,-z+1/2 
# 
loop_
_software.citation_id 
_software.classification 
_software.compiler_name 
_software.compiler_version 
_software.contact_author 
_software.contact_author_email 
_software.date 
_software.description 
_software.dependencies 
_software.hardware 
_software.language 
_software.location 
_software.mods 
_software.name 
_software.os 
_software.os_version 
_software.type 
_software.version 
_software.pdbx_ordinal 
? refinement       ? ? ? ? ? ? ? ? ? ? ? PHENIX ? ? ? 1.13_2998 1 
? 'data reduction' ? ? ? ? ? ? ? ? ? ? ? XDS    ? ? ? .         2 
? 'data scaling'   ? ? ? ? ? ? ? ? ? ? ? XDS    ? ? ? .         3 
? phasing          ? ? ? ? ? ? ? ? ? ? ? PHASER ? ? ? .         4 
# 
_pdbx_validate_torsion.id              1 
_pdbx_validate_torsion.PDB_model_num   1 
_pdbx_validate_torsion.auth_comp_id    SER 
_pdbx_validate_torsion.auth_asym_id    A 
_pdbx_validate_torsion.auth_seq_id     90 
_pdbx_validate_torsion.PDB_ins_code    ? 
_pdbx_validate_torsion.label_alt_id    ? 
_pdbx_validate_torsion.phi             -79.35 
_pdbx_validate_torsion.psi             -87.60 
# 
loop_
_pdbx_unobs_or_zero_occ_residues.id 
_pdbx_unobs_or_zero_occ_residues.PDB_model_num 
_pdbx_unobs_or_zero_occ_residues.polymer_flag 
_pdbx_unobs_or_zero_occ_residues.occupancy_flag 
_pdbx_unobs_or_zero_occ_residues.auth_asym_id 
_pdbx_unobs_or_zero_occ_residues.auth_comp_id 
_pdbx_unobs_or_zero_occ_residues.auth_seq_id 
_pdbx_unobs_or_zero_occ_residues.PDB_ins_code 
_pdbx_unobs_or_zero_occ_residues.label_asym_id 
_pdbx_unobs_or_zero_occ_residues.label_comp_id 
_pdbx_unobs_or_zero_occ_residues.label_seq_id 
1 1 Y 1 A GLY 58 ? A GLY 1 
2 1 Y 1 A SER 59 ? A SER 2 
# 
loop_
_chem_comp_atom.comp_id 
_chem_comp_atom.atom_id 
_chem_comp_atom.type_symbol 
_chem_comp_atom.pdbx_aromatic_flag 
_chem_comp_atom.pdbx_stereo_config 
_chem_comp_atom.pdbx_ordinal 
ALA N    N N N 1   
ALA CA   C N S 2   
ALA C    C N N 3   
ALA O    O N N 4   
ALA CB   C N N 5   
ALA OXT  O N N 6   
ALA H    H N N 7   
ALA H2   H N N 8   
ALA HA   H N N 9   
ALA HB1  H N N 10  
ALA HB2  H N N 11  
ALA HB3  H N N 12  
ALA HXT  H N N 13  
ARG N    N N N 14  
ARG CA   C N S 15  
ARG C    C N N 16  
ARG O    O N N 17  
ARG CB   C N N 18  
ARG CG   C N N 19  
ARG CD   C N N 20  
ARG NE   N N N 21  
ARG CZ   C N N 22  
ARG NH1  N N N 23  
ARG NH2  N N N 24  
ARG OXT  O N N 25  
ARG H    H N N 26  
ARG H2   H N N 27  
ARG HA   H N N 28  
ARG HB2  H N N 29  
ARG HB3  H N N 30  
ARG HG2  H N N 31  
ARG HG3  H N N 32  
ARG HD2  H N N 33  
ARG HD3  H N N 34  
ARG HE   H N N 35  
ARG HH11 H N N 36  
ARG HH12 H N N 37  
ARG HH21 H N N 38  
ARG HH22 H N N 39  
ARG HXT  H N N 40  
ASN N    N N N 41  
ASN CA   C N S 42  
ASN C    C N N 43  
ASN O    O N N 44  
ASN CB   C N N 45  
ASN CG   C N N 46  
ASN OD1  O N N 47  
ASN ND2  N N N 48  
ASN OXT  O N N 49  
ASN H    H N N 50  
ASN H2   H N N 51  
ASN HA   H N N 52  
ASN HB2  H N N 53  
ASN HB3  H N N 54  
ASN HD21 H N N 55  
ASN HD22 H N N 56  
ASN HXT  H N N 57  
ASP N    N N N 58  
ASP CA   C N S 59  
ASP C    C N N 60  
ASP O    O N N 61  
ASP CB   C N N 62  
ASP CG   C N N 63  
ASP OD1  O N N 64  
ASP OD2  O N N 65  
ASP OXT  O N N 66  
ASP H    H N N 67  
ASP H2   H N N 68  
ASP HA   H N N 69  
ASP HB2  H N N 70  
ASP HB3  H N N 71  
ASP HD2  H N N 72  
ASP HXT  H N N 73  
GLN N    N N N 74  
GLN CA   C N S 75  
GLN C    C N N 76  
GLN O    O N N 77  
GLN CB   C N N 78  
GLN CG   C N N 79  
GLN CD   C N N 80  
GLN OE1  O N N 81  
GLN NE2  N N N 82  
GLN OXT  O N N 83  
GLN H    H N N 84  
GLN H2   H N N 85  
GLN HA   H N N 86  
GLN HB2  H N N 87  
GLN HB3  H N N 88  
GLN HG2  H N N 89  
GLN HG3  H N N 90  
GLN HE21 H N N 91  
GLN HE22 H N N 92  
GLN HXT  H N N 93  
GLU N    N N N 94  
GLU CA   C N S 95  
GLU C    C N N 96  
GLU O    O N N 97  
GLU CB   C N N 98  
GLU CG   C N N 99  
GLU CD   C N N 100 
GLU OE1  O N N 101 
GLU OE2  O N N 102 
GLU OXT  O N N 103 
GLU H    H N N 104 
GLU H2   H N N 105 
GLU HA   H N N 106 
GLU HB2  H N N 107 
GLU HB3  H N N 108 
GLU HG2  H N N 109 
GLU HG3  H N N 110 
GLU HE2  H N N 111 
GLU HXT  H N N 112 
GLY N    N N N 113 
GLY CA   C N N 114 
GLY C    C N N 115 
GLY O    O N N 116 
GLY OXT  O N N 117 
GLY H    H N N 118 
GLY H2   H N N 119 
GLY HA2  H N N 120 
GLY HA3  H N N 121 
GLY HXT  H N N 122 
HIS N    N N N 123 
HIS CA   C N S 124 
HIS C    C N N 125 
HIS O    O N N 126 
HIS CB   C N N 127 
HIS CG   C Y N 128 
HIS ND1  N Y N 129 
HIS CD2  C Y N 130 
HIS CE1  C Y N 131 
HIS NE2  N Y N 132 
HIS OXT  O N N 133 
HIS H    H N N 134 
HIS H2   H N N 135 
HIS HA   H N N 136 
HIS HB2  H N N 137 
HIS HB3  H N N 138 
HIS HD1  H N N 139 
HIS HD2  H N N 140 
HIS HE1  H N N 141 
HIS HE2  H N N 142 
HIS HXT  H N N 143 
HOH O    O N N 144 
HOH H1   H N N 145 
HOH H2   H N N 146 
ILE N    N N N 147 
ILE CA   C N S 148 
ILE C    C N N 149 
ILE O    O N N 150 
ILE CB   C N S 151 
ILE CG1  C N N 152 
ILE CG2  C N N 153 
ILE CD1  C N N 154 
ILE OXT  O N N 155 
ILE H    H N N 156 
ILE H2   H N N 157 
ILE HA   H N N 158 
ILE HB   H N N 159 
ILE HG12 H N N 160 
ILE HG13 H N N 161 
ILE HG21 H N N 162 
ILE HG22 H N N 163 
ILE HG23 H N N 164 
ILE HD11 H N N 165 
ILE HD12 H N N 166 
ILE HD13 H N N 167 
ILE HXT  H N N 168 
LEU N    N N N 169 
LEU CA   C N S 170 
LEU C    C N N 171 
LEU O    O N N 172 
LEU CB   C N N 173 
LEU CG   C N N 174 
LEU CD1  C N N 175 
LEU CD2  C N N 176 
LEU OXT  O N N 177 
LEU H    H N N 178 
LEU H2   H N N 179 
LEU HA   H N N 180 
LEU HB2  H N N 181 
LEU HB3  H N N 182 
LEU HG   H N N 183 
LEU HD11 H N N 184 
LEU HD12 H N N 185 
LEU HD13 H N N 186 
LEU HD21 H N N 187 
LEU HD22 H N N 188 
LEU HD23 H N N 189 
LEU HXT  H N N 190 
LYS N    N N N 191 
LYS CA   C N S 192 
LYS C    C N N 193 
LYS O    O N N 194 
LYS CB   C N N 195 
LYS CG   C N N 196 
LYS CD   C N N 197 
LYS CE   C N N 198 
LYS NZ   N N N 199 
LYS OXT  O N N 200 
LYS H    H N N 201 
LYS H2   H N N 202 
LYS HA   H N N 203 
LYS HB2  H N N 204 
LYS HB3  H N N 205 
LYS HG2  H N N 206 
LYS HG3  H N N 207 
LYS HD2  H N N 208 
LYS HD3  H N N 209 
LYS HE2  H N N 210 
LYS HE3  H N N 211 
LYS HZ1  H N N 212 
LYS HZ2  H N N 213 
LYS HZ3  H N N 214 
LYS HXT  H N N 215 
MET N    N N N 216 
MET CA   C N S 217 
MET C    C N N 218 
MET O    O N N 219 
MET CB   C N N 220 
MET CG   C N N 221 
MET SD   S N N 222 
MET CE   C N N 223 
MET OXT  O N N 224 
MET H    H N N 225 
MET H2   H N N 226 
MET HA   H N N 227 
MET HB2  H N N 228 
MET HB3  H N N 229 
MET HG2  H N N 230 
MET HG3  H N N 231 
MET HE1  H N N 232 
MET HE2  H N N 233 
MET HE3  H N N 234 
MET HXT  H N N 235 
PHE N    N N N 236 
PHE CA   C N S 237 
PHE C    C N N 238 
PHE O    O N N 239 
PHE CB   C N N 240 
PHE CG   C Y N 241 
PHE CD1  C Y N 242 
PHE CD2  C Y N 243 
PHE CE1  C Y N 244 
PHE CE2  C Y N 245 
PHE CZ   C Y N 246 
PHE OXT  O N N 247 
PHE H    H N N 248 
PHE H2   H N N 249 
PHE HA   H N N 250 
PHE HB2  H N N 251 
PHE HB3  H N N 252 
PHE HD1  H N N 253 
PHE HD2  H N N 254 
PHE HE1  H N N 255 
PHE HE2  H N N 256 
PHE HZ   H N N 257 
PHE HXT  H N N 258 
PRO N    N N N 259 
PRO CA   C N S 260 
PRO C    C N N 261 
PRO O    O N N 262 
PRO CB   C N N 263 
PRO CG   C N N 264 
PRO CD   C N N 265 
PRO OXT  O N N 266 
PRO H    H N N 267 
PRO HA   H N N 268 
PRO HB2  H N N 269 
PRO HB3  H N N 270 
PRO HG2  H N N 271 
PRO HG3  H N N 272 
PRO HD2  H N N 273 
PRO HD3  H N N 274 
PRO HXT  H N N 275 
SER N    N N N 276 
SER CA   C N S 277 
SER C    C N N 278 
SER O    O N N 279 
SER CB   C N N 280 
SER OG   O N N 281 
SER OXT  O N N 282 
SER H    H N N 283 
SER H2   H N N 284 
SER HA   H N N 285 
SER HB2  H N N 286 
SER HB3  H N N 287 
SER HG   H N N 288 
SER HXT  H N N 289 
THR N    N N N 290 
THR CA   C N S 291 
THR C    C N N 292 
THR O    O N N 293 
THR CB   C N R 294 
THR OG1  O N N 295 
THR CG2  C N N 296 
THR OXT  O N N 297 
THR H    H N N 298 
THR H2   H N N 299 
THR HA   H N N 300 
THR HB   H N N 301 
THR HG1  H N N 302 
THR HG21 H N N 303 
THR HG22 H N N 304 
THR HG23 H N N 305 
THR HXT  H N N 306 
TRP N    N N N 307 
TRP CA   C N S 308 
TRP C    C N N 309 
TRP O    O N N 310 
TRP CB   C N N 311 
TRP CG   C Y N 312 
TRP CD1  C Y N 313 
TRP CD2  C Y N 314 
TRP NE1  N Y N 315 
TRP CE2  C Y N 316 
TRP CE3  C Y N 317 
TRP CZ2  C Y N 318 
TRP CZ3  C Y N 319 
TRP CH2  C Y N 320 
TRP OXT  O N N 321 
TRP H    H N N 322 
TRP H2   H N N 323 
TRP HA   H N N 324 
TRP HB2  H N N 325 
TRP HB3  H N N 326 
TRP HD1  H N N 327 
TRP HE1  H N N 328 
TRP HE3  H N N 329 
TRP HZ2  H N N 330 
TRP HZ3  H N N 331 
TRP HH2  H N N 332 
TRP HXT  H N N 333 
TYR N    N N N 334 
TYR CA   C N S 335 
TYR C    C N N 336 
TYR O    O N N 337 
TYR CB   C N N 338 
TYR CG   C Y N 339 
TYR CD1  C Y N 340 
TYR CD2  C Y N 341 
TYR CE1  C Y N 342 
TYR CE2  C Y N 343 
TYR CZ   C Y N 344 
TYR OH   O N N 345 
TYR OXT  O N N 346 
TYR H    H N N 347 
TYR H2   H N N 348 
TYR HA   H N N 349 
TYR HB2  H N N 350 
TYR HB3  H N N 351 
TYR HD1  H N N 352 
TYR HD2  H N N 353 
TYR HE1  H N N 354 
TYR HE2  H N N 355 
TYR HH   H N N 356 
TYR HXT  H N N 357 
VAL N    N N N 358 
VAL CA   C N S 359 
VAL C    C N N 360 
VAL O    O N N 361 
VAL CB   C N N 362 
VAL CG1  C N N 363 
VAL CG2  C N N 364 
VAL OXT  O N N 365 
VAL H    H N N 366 
VAL H2   H N N 367 
VAL HA   H N N 368 
VAL HB   H N N 369 
VAL HG11 H N N 370 
VAL HG12 H N N 371 
VAL HG13 H N N 372 
VAL HG21 H N N 373 
VAL HG22 H N N 374 
VAL HG23 H N N 375 
VAL HXT  H N N 376 
# 
loop_
_chem_comp_bond.comp_id 
_chem_comp_bond.atom_id_1 
_chem_comp_bond.atom_id_2 
_chem_comp_bond.value_order 
_chem_comp_bond.pdbx_aromatic_flag 
_chem_comp_bond.pdbx_stereo_config 
_chem_comp_bond.pdbx_ordinal 
ALA N   CA   sing N N 1   
ALA N   H    sing N N 2   
ALA N   H2   sing N N 3   
ALA CA  C    sing N N 4   
ALA CA  CB   sing N N 5   
ALA CA  HA   sing N N 6   
ALA C   O    doub N N 7   
ALA C   OXT  sing N N 8   
ALA CB  HB1  sing N N 9   
ALA CB  HB2  sing N N 10  
ALA CB  HB3  sing N N 11  
ALA OXT HXT  sing N N 12  
ARG N   CA   sing N N 13  
ARG N   H    sing N N 14  
ARG N   H2   sing N N 15  
ARG CA  C    sing N N 16  
ARG CA  CB   sing N N 17  
ARG CA  HA   sing N N 18  
ARG C   O    doub N N 19  
ARG C   OXT  sing N N 20  
ARG CB  CG   sing N N 21  
ARG CB  HB2  sing N N 22  
ARG CB  HB3  sing N N 23  
ARG CG  CD   sing N N 24  
ARG CG  HG2  sing N N 25  
ARG CG  HG3  sing N N 26  
ARG CD  NE   sing N N 27  
ARG CD  HD2  sing N N 28  
ARG CD  HD3  sing N N 29  
ARG NE  CZ   sing N N 30  
ARG NE  HE   sing N N 31  
ARG CZ  NH1  sing N N 32  
ARG CZ  NH2  doub N N 33  
ARG NH1 HH11 sing N N 34  
ARG NH1 HH12 sing N N 35  
ARG NH2 HH21 sing N N 36  
ARG NH2 HH22 sing N N 37  
ARG OXT HXT  sing N N 38  
ASN N   CA   sing N N 39  
ASN N   H    sing N N 40  
ASN N   H2   sing N N 41  
ASN CA  C    sing N N 42  
ASN CA  CB   sing N N 43  
ASN CA  HA   sing N N 44  
ASN C   O    doub N N 45  
ASN C   OXT  sing N N 46  
ASN CB  CG   sing N N 47  
ASN CB  HB2  sing N N 48  
ASN CB  HB3  sing N N 49  
ASN CG  OD1  doub N N 50  
ASN CG  ND2  sing N N 51  
ASN ND2 HD21 sing N N 52  
ASN ND2 HD22 sing N N 53  
ASN OXT HXT  sing N N 54  
ASP N   CA   sing N N 55  
ASP N   H    sing N N 56  
ASP N   H2   sing N N 57  
ASP CA  C    sing N N 58  
ASP CA  CB   sing N N 59  
ASP CA  HA   sing N N 60  
ASP C   O    doub N N 61  
ASP C   OXT  sing N N 62  
ASP CB  CG   sing N N 63  
ASP CB  HB2  sing N N 64  
ASP CB  HB3  sing N N 65  
ASP CG  OD1  doub N N 66  
ASP CG  OD2  sing N N 67  
ASP OD2 HD2  sing N N 68  
ASP OXT HXT  sing N N 69  
GLN N   CA   sing N N 70  
GLN N   H    sing N N 71  
GLN N   H2   sing N N 72  
GLN CA  C    sing N N 73  
GLN CA  CB   sing N N 74  
GLN CA  HA   sing N N 75  
GLN C   O    doub N N 76  
GLN C   OXT  sing N N 77  
GLN CB  CG   sing N N 78  
GLN CB  HB2  sing N N 79  
GLN CB  HB3  sing N N 80  
GLN CG  CD   sing N N 81  
GLN CG  HG2  sing N N 82  
GLN CG  HG3  sing N N 83  
GLN CD  OE1  doub N N 84  
GLN CD  NE2  sing N N 85  
GLN NE2 HE21 sing N N 86  
GLN NE2 HE22 sing N N 87  
GLN OXT HXT  sing N N 88  
GLU N   CA   sing N N 89  
GLU N   H    sing N N 90  
GLU N   H2   sing N N 91  
GLU CA  C    sing N N 92  
GLU CA  CB   sing N N 93  
GLU CA  HA   sing N N 94  
GLU C   O    doub N N 95  
GLU C   OXT  sing N N 96  
GLU CB  CG   sing N N 97  
GLU CB  HB2  sing N N 98  
GLU CB  HB3  sing N N 99  
GLU CG  CD   sing N N 100 
GLU CG  HG2  sing N N 101 
GLU CG  HG3  sing N N 102 
GLU CD  OE1  doub N N 103 
GLU CD  OE2  sing N N 104 
GLU OE2 HE2  sing N N 105 
GLU OXT HXT  sing N N 106 
GLY N   CA   sing N N 107 
GLY N   H    sing N N 108 
GLY N   H2   sing N N 109 
GLY CA  C    sing N N 110 
GLY CA  HA2  sing N N 111 
GLY CA  HA3  sing N N 112 
GLY C   O    doub N N 113 
GLY C   OXT  sing N N 114 
GLY OXT HXT  sing N N 115 
HIS N   CA   sing N N 116 
HIS N   H    sing N N 117 
HIS N   H2   sing N N 118 
HIS CA  C    sing N N 119 
HIS CA  CB   sing N N 120 
HIS CA  HA   sing N N 121 
HIS C   O    doub N N 122 
HIS C   OXT  sing N N 123 
HIS CB  CG   sing N N 124 
HIS CB  HB2  sing N N 125 
HIS CB  HB3  sing N N 126 
HIS CG  ND1  sing Y N 127 
HIS CG  CD2  doub Y N 128 
HIS ND1 CE1  doub Y N 129 
HIS ND1 HD1  sing N N 130 
HIS CD2 NE2  sing Y N 131 
HIS CD2 HD2  sing N N 132 
HIS CE1 NE2  sing Y N 133 
HIS CE1 HE1  sing N N 134 
HIS NE2 HE2  sing N N 135 
HIS OXT HXT  sing N N 136 
HOH O   H1   sing N N 137 
HOH O   H2   sing N N 138 
ILE N   CA   sing N N 139 
ILE N   H    sing N N 140 
ILE N   H2   sing N N 141 
ILE CA  C    sing N N 142 
ILE CA  CB   sing N N 143 
ILE CA  HA   sing N N 144 
ILE C   O    doub N N 145 
ILE C   OXT  sing N N 146 
ILE CB  CG1  sing N N 147 
ILE CB  CG2  sing N N 148 
ILE CB  HB   sing N N 149 
ILE CG1 CD1  sing N N 150 
ILE CG1 HG12 sing N N 151 
ILE CG1 HG13 sing N N 152 
ILE CG2 HG21 sing N N 153 
ILE CG2 HG22 sing N N 154 
ILE CG2 HG23 sing N N 155 
ILE CD1 HD11 sing N N 156 
ILE CD1 HD12 sing N N 157 
ILE CD1 HD13 sing N N 158 
ILE OXT HXT  sing N N 159 
LEU N   CA   sing N N 160 
LEU N   H    sing N N 161 
LEU N   H2   sing N N 162 
LEU CA  C    sing N N 163 
LEU CA  CB   sing N N 164 
LEU CA  HA   sing N N 165 
LEU C   O    doub N N 166 
LEU C   OXT  sing N N 167 
LEU CB  CG   sing N N 168 
LEU CB  HB2  sing N N 169 
LEU CB  HB3  sing N N 170 
LEU CG  CD1  sing N N 171 
LEU CG  CD2  sing N N 172 
LEU CG  HG   sing N N 173 
LEU CD1 HD11 sing N N 174 
LEU CD1 HD12 sing N N 175 
LEU CD1 HD13 sing N N 176 
LEU CD2 HD21 sing N N 177 
LEU CD2 HD22 sing N N 178 
LEU CD2 HD23 sing N N 179 
LEU OXT HXT  sing N N 180 
LYS N   CA   sing N N 181 
LYS N   H    sing N N 182 
LYS N   H2   sing N N 183 
LYS CA  C    sing N N 184 
LYS CA  CB   sing N N 185 
LYS CA  HA   sing N N 186 
LYS C   O    doub N N 187 
LYS C   OXT  sing N N 188 
LYS CB  CG   sing N N 189 
LYS CB  HB2  sing N N 190 
LYS CB  HB3  sing N N 191 
LYS CG  CD   sing N N 192 
LYS CG  HG2  sing N N 193 
LYS CG  HG3  sing N N 194 
LYS CD  CE   sing N N 195 
LYS CD  HD2  sing N N 196 
LYS CD  HD3  sing N N 197 
LYS CE  NZ   sing N N 198 
LYS CE  HE2  sing N N 199 
LYS CE  HE3  sing N N 200 
LYS NZ  HZ1  sing N N 201 
LYS NZ  HZ2  sing N N 202 
LYS NZ  HZ3  sing N N 203 
LYS OXT HXT  sing N N 204 
MET N   CA   sing N N 205 
MET N   H    sing N N 206 
MET N   H2   sing N N 207 
MET CA  C    sing N N 208 
MET CA  CB   sing N N 209 
MET CA  HA   sing N N 210 
MET C   O    doub N N 211 
MET C   OXT  sing N N 212 
MET CB  CG   sing N N 213 
MET CB  HB2  sing N N 214 
MET CB  HB3  sing N N 215 
MET CG  SD   sing N N 216 
MET CG  HG2  sing N N 217 
MET CG  HG3  sing N N 218 
MET SD  CE   sing N N 219 
MET CE  HE1  sing N N 220 
MET CE  HE2  sing N N 221 
MET CE  HE3  sing N N 222 
MET OXT HXT  sing N N 223 
PHE N   CA   sing N N 224 
PHE N   H    sing N N 225 
PHE N   H2   sing N N 226 
PHE CA  C    sing N N 227 
PHE CA  CB   sing N N 228 
PHE CA  HA   sing N N 229 
PHE C   O    doub N N 230 
PHE C   OXT  sing N N 231 
PHE CB  CG   sing N N 232 
PHE CB  HB2  sing N N 233 
PHE CB  HB3  sing N N 234 
PHE CG  CD1  doub Y N 235 
PHE CG  CD2  sing Y N 236 
PHE CD1 CE1  sing Y N 237 
PHE CD1 HD1  sing N N 238 
PHE CD2 CE2  doub Y N 239 
PHE CD2 HD2  sing N N 240 
PHE CE1 CZ   doub Y N 241 
PHE CE1 HE1  sing N N 242 
PHE CE2 CZ   sing Y N 243 
PHE CE2 HE2  sing N N 244 
PHE CZ  HZ   sing N N 245 
PHE OXT HXT  sing N N 246 
PRO N   CA   sing N N 247 
PRO N   CD   sing N N 248 
PRO N   H    sing N N 249 
PRO CA  C    sing N N 250 
PRO CA  CB   sing N N 251 
PRO CA  HA   sing N N 252 
PRO C   O    doub N N 253 
PRO C   OXT  sing N N 254 
PRO CB  CG   sing N N 255 
PRO CB  HB2  sing N N 256 
PRO CB  HB3  sing N N 257 
PRO CG  CD   sing N N 258 
PRO CG  HG2  sing N N 259 
PRO CG  HG3  sing N N 260 
PRO CD  HD2  sing N N 261 
PRO CD  HD3  sing N N 262 
PRO OXT HXT  sing N N 263 
SER N   CA   sing N N 264 
SER N   H    sing N N 265 
SER N   H2   sing N N 266 
SER CA  C    sing N N 267 
SER CA  CB   sing N N 268 
SER CA  HA   sing N N 269 
SER C   O    doub N N 270 
SER C   OXT  sing N N 271 
SER CB  OG   sing N N 272 
SER CB  HB2  sing N N 273 
SER CB  HB3  sing N N 274 
SER OG  HG   sing N N 275 
SER OXT HXT  sing N N 276 
THR N   CA   sing N N 277 
THR N   H    sing N N 278 
THR N   H2   sing N N 279 
THR CA  C    sing N N 280 
THR CA  CB   sing N N 281 
THR CA  HA   sing N N 282 
THR C   O    doub N N 283 
THR C   OXT  sing N N 284 
THR CB  OG1  sing N N 285 
THR CB  CG2  sing N N 286 
THR CB  HB   sing N N 287 
THR OG1 HG1  sing N N 288 
THR CG2 HG21 sing N N 289 
THR CG2 HG22 sing N N 290 
THR CG2 HG23 sing N N 291 
THR OXT HXT  sing N N 292 
TRP N   CA   sing N N 293 
TRP N   H    sing N N 294 
TRP N   H2   sing N N 295 
TRP CA  C    sing N N 296 
TRP CA  CB   sing N N 297 
TRP CA  HA   sing N N 298 
TRP C   O    doub N N 299 
TRP C   OXT  sing N N 300 
TRP CB  CG   sing N N 301 
TRP CB  HB2  sing N N 302 
TRP CB  HB3  sing N N 303 
TRP CG  CD1  doub Y N 304 
TRP CG  CD2  sing Y N 305 
TRP CD1 NE1  sing Y N 306 
TRP CD1 HD1  sing N N 307 
TRP CD2 CE2  doub Y N 308 
TRP CD2 CE3  sing Y N 309 
TRP NE1 CE2  sing Y N 310 
TRP NE1 HE1  sing N N 311 
TRP CE2 CZ2  sing Y N 312 
TRP CE3 CZ3  doub Y N 313 
TRP CE3 HE3  sing N N 314 
TRP CZ2 CH2  doub Y N 315 
TRP CZ2 HZ2  sing N N 316 
TRP CZ3 CH2  sing Y N 317 
TRP CZ3 HZ3  sing N N 318 
TRP CH2 HH2  sing N N 319 
TRP OXT HXT  sing N N 320 
TYR N   CA   sing N N 321 
TYR N   H    sing N N 322 
TYR N   H2   sing N N 323 
TYR CA  C    sing N N 324 
TYR CA  CB   sing N N 325 
TYR CA  HA   sing N N 326 
TYR C   O    doub N N 327 
TYR C   OXT  sing N N 328 
TYR CB  CG   sing N N 329 
TYR CB  HB2  sing N N 330 
TYR CB  HB3  sing N N 331 
TYR CG  CD1  doub Y N 332 
TYR CG  CD2  sing Y N 333 
TYR CD1 CE1  sing Y N 334 
TYR CD1 HD1  sing N N 335 
TYR CD2 CE2  doub Y N 336 
TYR CD2 HD2  sing N N 337 
TYR CE1 CZ   doub Y N 338 
TYR CE1 HE1  sing N N 339 
TYR CE2 CZ   sing Y N 340 
TYR CE2 HE2  sing N N 341 
TYR CZ  OH   sing N N 342 
TYR OH  HH   sing N N 343 
TYR OXT HXT  sing N N 344 
VAL N   CA   sing N N 345 
VAL N   H    sing N N 346 
VAL N   H2   sing N N 347 
VAL CA  C    sing N N 348 
VAL CA  CB   sing N N 349 
VAL CA  HA   sing N N 350 
VAL C   O    doub N N 351 
VAL C   OXT  sing N N 352 
VAL CB  CG1  sing N N 353 
VAL CB  CG2  sing N N 354 
VAL CB  HB   sing N N 355 
VAL CG1 HG11 sing N N 356 
VAL CG1 HG12 sing N N 357 
VAL CG1 HG13 sing N N 358 
VAL CG2 HG21 sing N N 359 
VAL CG2 HG22 sing N N 360 
VAL CG2 HG23 sing N N 361 
VAL OXT HXT  sing N N 362 
# 
_pdbx_entity_nonpoly.entity_id   2 
_pdbx_entity_nonpoly.name        water 
_pdbx_entity_nonpoly.comp_id     HOH 
# 
_pdbx_initial_refinement_model.id               1 
_pdbx_initial_refinement_model.entity_id_list   ? 
_pdbx_initial_refinement_model.type             'experimental model' 
_pdbx_initial_refinement_model.source_name      PDB 
_pdbx_initial_refinement_model.accession_code   3WA4 
_pdbx_initial_refinement_model.details          ? 
# 
_pdbx_struct_assembly_auth_evidence.id                     1 
_pdbx_struct_assembly_auth_evidence.assembly_id            1 
_pdbx_struct_assembly_auth_evidence.experimental_support   'gel filtration' 
_pdbx_struct_assembly_auth_evidence.details                ? 
# 
_space_group.name_H-M_alt     'I 4 2 2' 
_space_group.name_Hall        'I 4 2' 
_space_group.IT_number        97 
_space_group.crystal_system   tetragonal 
_space_group.id               1 
# 
